data_1WOU
# 
_entry.id   1WOU 
# 
_audit_conform.dict_name       mmcif_pdbx.dic 
_audit_conform.dict_version    5.397 
_audit_conform.dict_location   http://mmcif.pdb.org/dictionaries/ascii/mmcif_pdbx.dic 
# 
loop_
_database_2.database_id 
_database_2.database_code 
_database_2.pdbx_database_accession 
_database_2.pdbx_DOI 
PDB   1WOU         pdb_00001wou 10.2210/pdb1wou/pdb 
RCSB  RCSB023827   ?            ?                   
WWPDB D_1000023827 ?            ?                   
# 
loop_
_pdbx_audit_revision_history.ordinal 
_pdbx_audit_revision_history.data_content_type 
_pdbx_audit_revision_history.major_revision 
_pdbx_audit_revision_history.minor_revision 
_pdbx_audit_revision_history.revision_date 
1 'Structure model' 1 0 2004-09-14 
2 'Structure model' 1 1 2008-04-30 
3 'Structure model' 1 2 2011-07-13 
4 'Structure model' 1 3 2024-10-23 
# 
_pdbx_audit_revision_details.ordinal             1 
_pdbx_audit_revision_details.revision_ordinal    1 
_pdbx_audit_revision_details.data_content_type   'Structure model' 
_pdbx_audit_revision_details.provider            repository 
_pdbx_audit_revision_details.type                'Initial release' 
_pdbx_audit_revision_details.description         ? 
_pdbx_audit_revision_details.details             ? 
# 
loop_
_pdbx_audit_revision_group.ordinal 
_pdbx_audit_revision_group.revision_ordinal 
_pdbx_audit_revision_group.data_content_type 
_pdbx_audit_revision_group.group 
1 2 'Structure model' 'Version format compliance' 
2 3 'Structure model' 'Version format compliance' 
3 4 'Structure model' 'Data collection'           
4 4 'Structure model' 'Database references'       
5 4 'Structure model' 'Structure summary'         
# 
loop_
_pdbx_audit_revision_category.ordinal 
_pdbx_audit_revision_category.revision_ordinal 
_pdbx_audit_revision_category.data_content_type 
_pdbx_audit_revision_category.category 
1 4 'Structure model' chem_comp_atom            
2 4 'Structure model' chem_comp_bond            
3 4 'Structure model' database_2                
4 4 'Structure model' pdbx_entry_details        
5 4 'Structure model' pdbx_modification_feature 
# 
loop_
_pdbx_audit_revision_item.ordinal 
_pdbx_audit_revision_item.revision_ordinal 
_pdbx_audit_revision_item.data_content_type 
_pdbx_audit_revision_item.item 
1 4 'Structure model' '_database_2.pdbx_DOI'                
2 4 'Structure model' '_database_2.pdbx_database_accession' 
# 
_pdbx_database_status.status_code                     REL 
_pdbx_database_status.entry_id                        1WOU 
_pdbx_database_status.recvd_initial_deposition_date   2004-08-25 
_pdbx_database_status.deposit_site                    PDBJ 
_pdbx_database_status.process_site                    PDBJ 
_pdbx_database_status.status_code_sf                  REL 
_pdbx_database_status.status_code_mr                  ? 
_pdbx_database_status.SG_entry                        ? 
_pdbx_database_status.pdb_format_compatible           Y 
_pdbx_database_status.status_code_cs                  ? 
_pdbx_database_status.status_code_nmr_data            ? 
_pdbx_database_status.methods_development_category    ? 
# 
loop_
_audit_author.name 
_audit_author.pdbx_ordinal 
'Woo, J.R.'   1 
'Kim, S.J.'   2 
'Jeong, W.'   3 
'Cho, Y.H.'   4 
'Lee, S.C.'   5 
'Chung, Y.J.' 6 
'Rhee, S.G.'  7 
'Ryu, S.E.'   8 
# 
_citation.id                        primary 
_citation.title                     'Structural basis of cellular redox regulation by human TRP14' 
_citation.journal_abbrev            J.Biol.Chem. 
_citation.journal_volume            279 
_citation.page_first                48120 
_citation.page_last                 48125 
_citation.year                      2004 
_citation.journal_id_ASTM           JBCHA3 
_citation.country                   US 
_citation.journal_id_ISSN           0021-9258 
_citation.journal_id_CSD            0071 
_citation.book_publisher            ? 
_citation.pdbx_database_id_PubMed   15355959 
_citation.pdbx_database_id_DOI      10.1074/jbc.M407079200 
# 
loop_
_citation_author.citation_id 
_citation_author.name 
_citation_author.ordinal 
_citation_author.identifier_ORCID 
primary 'Woo, J.R.'   1 ? 
primary 'Kim, S.J.'   2 ? 
primary 'Jeong, W.'   3 ? 
primary 'Cho, Y.H.'   4 ? 
primary 'Lee, S.C.'   5 ? 
primary 'Chung, Y.J.' 6 ? 
primary 'Rhee, S.G.'  7 ? 
primary 'Ryu, S.E.'   8 ? 
# 
_entity.id                         1 
_entity.type                       polymer 
_entity.src_method                 man 
_entity.pdbx_description           'thioredoxin -related protein, 14 kDa' 
_entity.formula_weight             13957.786 
_entity.pdbx_number_of_molecules   1 
_entity.pdbx_ec                    ? 
_entity.pdbx_mutation              ? 
_entity.pdbx_fragment              ? 
_entity.details                    ? 
# 
_entity_name_com.entity_id   1 
_entity_name_com.name        'Trp14, Trx-related protein, 14 kDa' 
# 
_entity_poly.entity_id                      1 
_entity_poly.type                           'polypeptide(L)' 
_entity_poly.nstd_linkage                   no 
_entity_poly.nstd_monomer                   no 
_entity_poly.pdbx_seq_one_letter_code       
;MARYEEVSVSGFEEFHRAVEQHNGKTIFAYFTGSKDAGGKSWCPDCVQAEPVVREGLKHISEGCVFIYCQVGEKPYWKDP
NNDFRKNLKVTAVPTLLKYGTPQKLVESECLQANLVEMLFSED
;
_entity_poly.pdbx_seq_one_letter_code_can   
;MARYEEVSVSGFEEFHRAVEQHNGKTIFAYFTGSKDAGGKSWCPDCVQAEPVVREGLKHISEGCVFIYCQVGEKPYWKDP
NNDFRKNLKVTAVPTLLKYGTPQKLVESECLQANLVEMLFSED
;
_entity_poly.pdbx_strand_id                 A 
_entity_poly.pdbx_target_identifier         ? 
# 
loop_
_entity_poly_seq.entity_id 
_entity_poly_seq.num 
_entity_poly_seq.mon_id 
_entity_poly_seq.hetero 
1 1   MET n 
1 2   ALA n 
1 3   ARG n 
1 4   TYR n 
1 5   GLU n 
1 6   GLU n 
1 7   VAL n 
1 8   SER n 
1 9   VAL n 
1 10  SER n 
1 11  GLY n 
1 12  PHE n 
1 13  GLU n 
1 14  GLU n 
1 15  PHE n 
1 16  HIS n 
1 17  ARG n 
1 18  ALA n 
1 19  VAL n 
1 20  GLU n 
1 21  GLN n 
1 22  HIS n 
1 23  ASN n 
1 24  GLY n 
1 25  LYS n 
1 26  THR n 
1 27  ILE n 
1 28  PHE n 
1 29  ALA n 
1 30  TYR n 
1 31  PHE n 
1 32  THR n 
1 33  GLY n 
1 34  SER n 
1 35  LYS n 
1 36  ASP n 
1 37  ALA n 
1 38  GLY n 
1 39  GLY n 
1 40  LYS n 
1 41  SER n 
1 42  TRP n 
1 43  CYS n 
1 44  PRO n 
1 45  ASP n 
1 46  CYS n 
1 47  VAL n 
1 48  GLN n 
1 49  ALA n 
1 50  GLU n 
1 51  PRO n 
1 52  VAL n 
1 53  VAL n 
1 54  ARG n 
1 55  GLU n 
1 56  GLY n 
1 57  LEU n 
1 58  LYS n 
1 59  HIS n 
1 60  ILE n 
1 61  SER n 
1 62  GLU n 
1 63  GLY n 
1 64  CYS n 
1 65  VAL n 
1 66  PHE n 
1 67  ILE n 
1 68  TYR n 
1 69  CYS n 
1 70  GLN n 
1 71  VAL n 
1 72  GLY n 
1 73  GLU n 
1 74  LYS n 
1 75  PRO n 
1 76  TYR n 
1 77  TRP n 
1 78  LYS n 
1 79  ASP n 
1 80  PRO n 
1 81  ASN n 
1 82  ASN n 
1 83  ASP n 
1 84  PHE n 
1 85  ARG n 
1 86  LYS n 
1 87  ASN n 
1 88  LEU n 
1 89  LYS n 
1 90  VAL n 
1 91  THR n 
1 92  ALA n 
1 93  VAL n 
1 94  PRO n 
1 95  THR n 
1 96  LEU n 
1 97  LEU n 
1 98  LYS n 
1 99  TYR n 
1 100 GLY n 
1 101 THR n 
1 102 PRO n 
1 103 GLN n 
1 104 LYS n 
1 105 LEU n 
1 106 VAL n 
1 107 GLU n 
1 108 SER n 
1 109 GLU n 
1 110 CYS n 
1 111 LEU n 
1 112 GLN n 
1 113 ALA n 
1 114 ASN n 
1 115 LEU n 
1 116 VAL n 
1 117 GLU n 
1 118 MET n 
1 119 LEU n 
1 120 PHE n 
1 121 SER n 
1 122 GLU n 
1 123 ASP n 
# 
_entity_src_gen.entity_id                          1 
_entity_src_gen.pdbx_src_id                        1 
_entity_src_gen.pdbx_alt_source_flag               sample 
_entity_src_gen.pdbx_seq_type                      ? 
_entity_src_gen.pdbx_beg_seq_num                   ? 
_entity_src_gen.pdbx_end_seq_num                   ? 
_entity_src_gen.gene_src_common_name               human 
_entity_src_gen.gene_src_genus                     Homo 
_entity_src_gen.pdbx_gene_src_gene                 ? 
_entity_src_gen.gene_src_species                   ? 
_entity_src_gen.gene_src_strain                    ? 
_entity_src_gen.gene_src_tissue                    ? 
_entity_src_gen.gene_src_tissue_fraction           ? 
_entity_src_gen.gene_src_details                   ? 
_entity_src_gen.pdbx_gene_src_fragment             ? 
_entity_src_gen.pdbx_gene_src_scientific_name      'Homo sapiens' 
_entity_src_gen.pdbx_gene_src_ncbi_taxonomy_id     9606 
_entity_src_gen.pdbx_gene_src_variant              ? 
_entity_src_gen.pdbx_gene_src_cell_line            ? 
_entity_src_gen.pdbx_gene_src_atcc                 ? 
_entity_src_gen.pdbx_gene_src_organ                ? 
_entity_src_gen.pdbx_gene_src_organelle            ? 
_entity_src_gen.pdbx_gene_src_cell                 ? 
_entity_src_gen.pdbx_gene_src_cellular_location    ? 
_entity_src_gen.host_org_common_name               ? 
_entity_src_gen.pdbx_host_org_scientific_name      'Escherichia coli' 
_entity_src_gen.pdbx_host_org_ncbi_taxonomy_id     562 
_entity_src_gen.host_org_genus                     Escherichia 
_entity_src_gen.pdbx_host_org_gene                 ? 
_entity_src_gen.pdbx_host_org_organ                ? 
_entity_src_gen.host_org_species                   ? 
_entity_src_gen.pdbx_host_org_tissue               ? 
_entity_src_gen.pdbx_host_org_tissue_fraction      ? 
_entity_src_gen.pdbx_host_org_strain               ? 
_entity_src_gen.pdbx_host_org_variant              ? 
_entity_src_gen.pdbx_host_org_cell_line            ? 
_entity_src_gen.pdbx_host_org_atcc                 ? 
_entity_src_gen.pdbx_host_org_culture_collection   ? 
_entity_src_gen.pdbx_host_org_cell                 ? 
_entity_src_gen.pdbx_host_org_organelle            ? 
_entity_src_gen.pdbx_host_org_cellular_location    ? 
_entity_src_gen.pdbx_host_org_vector_type          plasmid 
_entity_src_gen.pdbx_host_org_vector               ? 
_entity_src_gen.host_org_details                   ? 
_entity_src_gen.expression_system_id               ? 
_entity_src_gen.plasmid_name                       pET11a 
_entity_src_gen.plasmid_details                    ? 
_entity_src_gen.pdbx_description                   ? 
# 
loop_
_chem_comp.id 
_chem_comp.type 
_chem_comp.mon_nstd_flag 
_chem_comp.name 
_chem_comp.pdbx_synonyms 
_chem_comp.formula 
_chem_comp.formula_weight 
ALA 'L-peptide linking' y ALANINE         ? 'C3 H7 N O2'     89.093  
ARG 'L-peptide linking' y ARGININE        ? 'C6 H15 N4 O2 1' 175.209 
ASN 'L-peptide linking' y ASPARAGINE      ? 'C4 H8 N2 O3'    132.118 
ASP 'L-peptide linking' y 'ASPARTIC ACID' ? 'C4 H7 N O4'     133.103 
CYS 'L-peptide linking' y CYSTEINE        ? 'C3 H7 N O2 S'   121.158 
GLN 'L-peptide linking' y GLUTAMINE       ? 'C5 H10 N2 O3'   146.144 
GLU 'L-peptide linking' y 'GLUTAMIC ACID' ? 'C5 H9 N O4'     147.129 
GLY 'peptide linking'   y GLYCINE         ? 'C2 H5 N O2'     75.067  
HIS 'L-peptide linking' y HISTIDINE       ? 'C6 H10 N3 O2 1' 156.162 
ILE 'L-peptide linking' y ISOLEUCINE      ? 'C6 H13 N O2'    131.173 
LEU 'L-peptide linking' y LEUCINE         ? 'C6 H13 N O2'    131.173 
LYS 'L-peptide linking' y LYSINE          ? 'C6 H15 N2 O2 1' 147.195 
MET 'L-peptide linking' y METHIONINE      ? 'C5 H11 N O2 S'  149.211 
PHE 'L-peptide linking' y PHENYLALANINE   ? 'C9 H11 N O2'    165.189 
PRO 'L-peptide linking' y PROLINE         ? 'C5 H9 N O2'     115.130 
SER 'L-peptide linking' y SERINE          ? 'C3 H7 N O3'     105.093 
THR 'L-peptide linking' y THREONINE       ? 'C4 H9 N O3'     119.119 
TRP 'L-peptide linking' y TRYPTOPHAN      ? 'C11 H12 N2 O2'  204.225 
TYR 'L-peptide linking' y TYROSINE        ? 'C9 H11 N O3'    181.189 
VAL 'L-peptide linking' y VALINE          ? 'C5 H11 N O2'    117.146 
# 
loop_
_pdbx_poly_seq_scheme.asym_id 
_pdbx_poly_seq_scheme.entity_id 
_pdbx_poly_seq_scheme.seq_id 
_pdbx_poly_seq_scheme.mon_id 
_pdbx_poly_seq_scheme.ndb_seq_num 
_pdbx_poly_seq_scheme.pdb_seq_num 
_pdbx_poly_seq_scheme.auth_seq_num 
_pdbx_poly_seq_scheme.pdb_mon_id 
_pdbx_poly_seq_scheme.auth_mon_id 
_pdbx_poly_seq_scheme.pdb_strand_id 
_pdbx_poly_seq_scheme.pdb_ins_code 
_pdbx_poly_seq_scheme.hetero 
A 1 1   MET 1   1   ?   ?   ?   A . n 
A 1 2   ALA 2   2   ?   ?   ?   A . n 
A 1 3   ARG 3   3   ?   ?   ?   A . n 
A 1 4   TYR 4   4   4   TYR TYR A . n 
A 1 5   GLU 5   5   5   GLU GLU A . n 
A 1 6   GLU 6   6   6   GLU GLU A . n 
A 1 7   VAL 7   7   7   VAL VAL A . n 
A 1 8   SER 8   8   8   SER SER A . n 
A 1 9   VAL 9   9   9   VAL VAL A . n 
A 1 10  SER 10  10  10  SER SER A . n 
A 1 11  GLY 11  11  11  GLY GLY A . n 
A 1 12  PHE 12  12  12  PHE PHE A . n 
A 1 13  GLU 13  13  13  GLU GLU A . n 
A 1 14  GLU 14  14  14  GLU GLU A . n 
A 1 15  PHE 15  15  15  PHE PHE A . n 
A 1 16  HIS 16  16  16  HIS HIS A . n 
A 1 17  ARG 17  17  17  ARG ARG A . n 
A 1 18  ALA 18  18  18  ALA ALA A . n 
A 1 19  VAL 19  19  19  VAL VAL A . n 
A 1 20  GLU 20  20  20  GLU GLU A . n 
A 1 21  GLN 21  21  21  GLN GLN A . n 
A 1 22  HIS 22  22  22  HIS HIS A . n 
A 1 23  ASN 23  23  23  ASN ASN A . n 
A 1 24  GLY 24  24  24  GLY GLY A . n 
A 1 25  LYS 25  25  25  LYS LYS A . n 
A 1 26  THR 26  26  26  THR THR A . n 
A 1 27  ILE 27  27  27  ILE ILE A . n 
A 1 28  PHE 28  28  28  PHE PHE A . n 
A 1 29  ALA 29  29  29  ALA ALA A . n 
A 1 30  TYR 30  30  30  TYR TYR A . n 
A 1 31  PHE 31  31  31  PHE PHE A . n 
A 1 32  THR 32  32  32  THR THR A . n 
A 1 33  GLY 33  33  33  GLY GLY A . n 
A 1 34  SER 34  34  34  SER SER A . n 
A 1 35  LYS 35  35  35  LYS LYS A . n 
A 1 36  ASP 36  36  36  ASP ASP A . n 
A 1 37  ALA 37  37  37  ALA ALA A . n 
A 1 38  GLY 38  38  38  GLY GLY A . n 
A 1 39  GLY 39  39  39  GLY GLY A . n 
A 1 40  LYS 40  40  40  LYS LYS A . n 
A 1 41  SER 41  41  41  SER SER A . n 
A 1 42  TRP 42  42  42  TRP TRP A . n 
A 1 43  CYS 43  43  43  CYS CYS A . n 
A 1 44  PRO 44  44  44  PRO PRO A . n 
A 1 45  ASP 45  45  45  ASP ASP A . n 
A 1 46  CYS 46  46  46  CYS CYS A . n 
A 1 47  VAL 47  47  47  VAL VAL A . n 
A 1 48  GLN 48  48  48  GLN GLN A . n 
A 1 49  ALA 49  49  49  ALA ALA A . n 
A 1 50  GLU 50  50  50  GLU GLU A . n 
A 1 51  PRO 51  51  51  PRO PRO A . n 
A 1 52  VAL 52  52  52  VAL VAL A . n 
A 1 53  VAL 53  53  53  VAL VAL A . n 
A 1 54  ARG 54  54  54  ARG ARG A . n 
A 1 55  GLU 55  55  55  GLU GLU A . n 
A 1 56  GLY 56  56  56  GLY GLY A . n 
A 1 57  LEU 57  57  57  LEU LEU A . n 
A 1 58  LYS 58  58  58  LYS LYS A . n 
A 1 59  HIS 59  59  59  HIS HIS A . n 
A 1 60  ILE 60  60  60  ILE ILE A . n 
A 1 61  SER 61  61  61  SER SER A . n 
A 1 62  GLU 62  62  62  GLU GLU A . n 
A 1 63  GLY 63  63  63  GLY GLY A . n 
A 1 64  CYS 64  64  64  CYS CYS A . n 
A 1 65  VAL 65  65  65  VAL VAL A . n 
A 1 66  PHE 66  66  66  PHE PHE A . n 
A 1 67  ILE 67  67  67  ILE ILE A . n 
A 1 68  TYR 68  68  68  TYR TYR A . n 
A 1 69  CYS 69  69  69  CYS CYS A . n 
A 1 70  GLN 70  70  70  GLN GLN A . n 
A 1 71  VAL 71  71  71  VAL VAL A . n 
A 1 72  GLY 72  72  72  GLY GLY A . n 
A 1 73  GLU 73  73  73  GLU GLU A . n 
A 1 74  LYS 74  74  74  LYS LYS A . n 
A 1 75  PRO 75  75  75  PRO PRO A . n 
A 1 76  TYR 76  76  76  TYR TYR A . n 
A 1 77  TRP 77  77  77  TRP TRP A . n 
A 1 78  LYS 78  78  78  LYS LYS A . n 
A 1 79  ASP 79  79  79  ASP ASP A . n 
A 1 80  PRO 80  80  80  PRO PRO A . n 
A 1 81  ASN 81  81  81  ASN ASN A . n 
A 1 82  ASN 82  82  82  ASN ASN A . n 
A 1 83  ASP 83  83  83  ASP ASP A . n 
A 1 84  PHE 84  84  84  PHE PHE A . n 
A 1 85  ARG 85  85  85  ARG ARG A . n 
A 1 86  LYS 86  86  86  LYS LYS A . n 
A 1 87  ASN 87  87  87  ASN ASN A . n 
A 1 88  LEU 88  88  88  LEU LEU A . n 
A 1 89  LYS 89  89  89  LYS LYS A . n 
A 1 90  VAL 90  90  90  VAL VAL A . n 
A 1 91  THR 91  91  91  THR THR A . n 
A 1 92  ALA 92  92  92  ALA ALA A . n 
A 1 93  VAL 93  93  93  VAL VAL A . n 
A 1 94  PRO 94  94  94  PRO PRO A . n 
A 1 95  THR 95  95  95  THR THR A . n 
A 1 96  LEU 96  96  96  LEU LEU A . n 
A 1 97  LEU 97  97  97  LEU LEU A . n 
A 1 98  LYS 98  98  98  LYS LYS A . n 
A 1 99  TYR 99  99  99  TYR TYR A . n 
A 1 100 GLY 100 100 100 GLY GLY A . n 
A 1 101 THR 101 101 101 THR THR A . n 
A 1 102 PRO 102 102 102 PRO PRO A . n 
A 1 103 GLN 103 103 103 GLN GLN A . n 
A 1 104 LYS 104 104 104 LYS LYS A . n 
A 1 105 LEU 105 105 105 LEU LEU A . n 
A 1 106 VAL 106 106 106 VAL VAL A . n 
A 1 107 GLU 107 107 107 GLU GLU A . n 
A 1 108 SER 108 108 108 SER SER A . n 
A 1 109 GLU 109 109 109 GLU GLU A . n 
A 1 110 CYS 110 110 110 CYS CYS A . n 
A 1 111 LEU 111 111 111 LEU LEU A . n 
A 1 112 GLN 112 112 112 GLN GLN A . n 
A 1 113 ALA 113 113 113 ALA ALA A . n 
A 1 114 ASN 114 114 114 ASN ASN A . n 
A 1 115 LEU 115 115 115 LEU LEU A . n 
A 1 116 VAL 116 116 116 VAL VAL A . n 
A 1 117 GLU 117 117 117 GLU GLU A . n 
A 1 118 MET 118 118 118 MET MET A . n 
A 1 119 LEU 119 119 119 LEU LEU A . n 
A 1 120 PHE 120 120 120 PHE PHE A . n 
A 1 121 SER 121 121 121 SER SER A . n 
A 1 122 GLU 122 122 122 GLU GLU A . n 
A 1 123 ASP 123 123 ?   ?   ?   A . n 
# 
loop_
_software.name 
_software.classification 
_software.version 
_software.citation_id 
_software.pdbx_ordinal 
MOSFLM 'data reduction' .         ? 1 
SCALA  'data scaling'   .         ? 2 
SHARP  phasing          .         ? 3 
CNS    refinement       0.9       ? 4 
CCP4   'data scaling'   '(SCALA)' ? 5 
# 
_cell.entry_id           1WOU 
_cell.length_a           26.860 
_cell.length_b           48.390 
_cell.length_c           81.840 
_cell.angle_alpha        90.00 
_cell.angle_beta         90.00 
_cell.angle_gamma        90.00 
_cell.Z_PDB              4 
_cell.pdbx_unique_axis   ? 
# 
_symmetry.entry_id                         1WOU 
_symmetry.space_group_name_H-M             'P 21 21 21' 
_symmetry.pdbx_full_space_group_name_H-M   ? 
_symmetry.Int_Tables_number                19 
_symmetry.cell_setting                     ? 
_symmetry.space_group_name_Hall            ? 
# 
_exptl.entry_id          1WOU 
_exptl.method            'X-RAY DIFFRACTION' 
_exptl.crystals_number   2 
# 
_exptl_crystal.id                    1 
_exptl_crystal.density_meas          ? 
_exptl_crystal.density_Matthews      1.97 
_exptl_crystal.density_percent_sol   37 
_exptl_crystal.description           ? 
_exptl_crystal.F_000                 ? 
_exptl_crystal.preparation           ? 
# 
_exptl_crystal_grow.crystal_id      1 
_exptl_crystal_grow.method          'VAPOR DIFFUSION, HANGING DROP' 
_exptl_crystal_grow.temp            291 
_exptl_crystal_grow.temp_details    ? 
_exptl_crystal_grow.pH              6.5 
_exptl_crystal_grow.pdbx_details    
'polyethylene glycol 8000, polyethylene glycol monomethylether 2000, pH 6.5, VAPOR DIFFUSION, HANGING DROP, temperature 291K' 
_exptl_crystal_grow.pdbx_pH_range   . 
# 
loop_
_diffrn.id 
_diffrn.ambient_temp 
_diffrn.ambient_temp_details 
_diffrn.crystal_id 
1 291 ? 1 
2 ?   ? 1 
# 
loop_
_diffrn_detector.diffrn_id 
_diffrn_detector.detector 
_diffrn_detector.type 
_diffrn_detector.pdbx_collection_date 
_diffrn_detector.details 
1 'IMAGE PLATE' 'RIGAKU RAXIS IV' 2001-02-21 mirrors 
2 CCD           'ADSC QUANTUM 4'  2001-06-28 mirrors 
# 
loop_
_diffrn_radiation.diffrn_id 
_diffrn_radiation.wavelength_id 
_diffrn_radiation.pdbx_monochromatic_or_laue_m_l 
_diffrn_radiation.monochromator 
_diffrn_radiation.pdbx_diffrn_protocol 
_diffrn_radiation.pdbx_scattering_type 
1 1 M mirrors 'SINGLE WAVELENGTH' x-ray 
2 1 M mirrors MAD                 x-ray 
# 
_diffrn_radiation_wavelength.id           1 
_diffrn_radiation_wavelength.wavelength   1.5418 
_diffrn_radiation_wavelength.wt           1.0 
# 
_diffrn_source.diffrn_id                   1 
_diffrn_source.source                      'ROTATING ANODE' 
_diffrn_source.type                        'RIGAKU RU300' 
_diffrn_source.pdbx_synchrotron_site       ? 
_diffrn_source.pdbx_synchrotron_beamline   ? 
_diffrn_source.pdbx_wavelength             ? 
_diffrn_source.pdbx_wavelength_list        1.5418 
# 
_reflns.entry_id                     1WOU 
_reflns.observed_criterion_sigma_F   0 
_reflns.observed_criterion_sigma_I   0 
_reflns.d_resolution_high            1.8 
_reflns.d_resolution_low             40 
_reflns.number_all                   10425 
_reflns.number_obs                   10385 
_reflns.percent_possible_obs         99.6 
_reflns.pdbx_Rmerge_I_obs            0.041 
_reflns.pdbx_Rsym_value              ? 
_reflns.pdbx_netI_over_sigmaI        ? 
_reflns.B_iso_Wilson_estimate        ? 
_reflns.pdbx_redundancy              ? 
_reflns.R_free_details               ? 
_reflns.limit_h_max                  ? 
_reflns.limit_h_min                  ? 
_reflns.limit_k_max                  ? 
_reflns.limit_k_min                  ? 
_reflns.limit_l_max                  ? 
_reflns.limit_l_min                  ? 
_reflns.observed_criterion_F_max     ? 
_reflns.observed_criterion_F_min     ? 
_reflns.pdbx_chi_squared             ? 
_reflns.pdbx_scaling_rejects         ? 
_reflns.pdbx_diffrn_id               1,2 
_reflns.pdbx_ordinal                 1 
# 
_refine.entry_id                                 1WOU 
_refine.ls_d_res_high                            1.8 
_refine.ls_d_res_low                             22.57 
_refine.pdbx_ls_sigma_F                          0 
_refine.pdbx_ls_sigma_I                          0 
_refine.ls_number_reflns_all                     10425 
_refine.ls_number_reflns_obs                     10385 
_refine.ls_number_reflns_R_free                  539 
_refine.ls_percent_reflns_obs                    99.6 
_refine.ls_R_factor_all                          0.229 
_refine.ls_R_factor_obs                          0.219 
_refine.ls_R_factor_R_work                       0.219 
_refine.ls_R_factor_R_free                       0.229 
_refine.ls_redundancy_reflns_obs                 ? 
_refine.pdbx_data_cutoff_high_absF               ? 
_refine.pdbx_data_cutoff_low_absF                ? 
_refine.ls_number_parameters                     ? 
_refine.ls_number_restraints                     ? 
_refine.ls_percent_reflns_R_free                 ? 
_refine.ls_R_factor_R_free_error                 ? 
_refine.ls_R_factor_R_free_error_details         ? 
_refine.pdbx_method_to_determine_struct          MAD 
_refine.pdbx_starting_model                      ? 
_refine.pdbx_ls_cross_valid_method               THROUGHOUT 
_refine.pdbx_R_Free_selection_details            random 
_refine.pdbx_stereochem_target_val_spec_case     ? 
_refine.pdbx_stereochemistry_target_values       'Engh & Huber' 
_refine.solvent_model_details                    ? 
_refine.solvent_model_param_bsol                 ? 
_refine.solvent_model_param_ksol                 ? 
_refine.occupancy_max                            ? 
_refine.occupancy_min                            ? 
_refine.pdbx_isotropic_thermal_model             isothermal 
_refine.B_iso_mean                               ? 
_refine.aniso_B[1][1]                            ? 
_refine.aniso_B[1][2]                            ? 
_refine.aniso_B[1][3]                            ? 
_refine.aniso_B[2][2]                            ? 
_refine.aniso_B[2][3]                            ? 
_refine.aniso_B[3][3]                            ? 
_refine.details                                  ? 
_refine.B_iso_min                                ? 
_refine.B_iso_max                                ? 
_refine.correlation_coeff_Fo_to_Fc               ? 
_refine.correlation_coeff_Fo_to_Fc_free          ? 
_refine.pdbx_solvent_vdw_probe_radii             ? 
_refine.pdbx_solvent_ion_probe_radii             ? 
_refine.pdbx_solvent_shrinkage_radii             ? 
_refine.overall_SU_R_Cruickshank_DPI             ? 
_refine.overall_SU_R_free                        ? 
_refine.overall_SU_B                             ? 
_refine.overall_SU_ML                            ? 
_refine.pdbx_overall_ESU_R                       ? 
_refine.pdbx_overall_ESU_R_Free                  ? 
_refine.pdbx_data_cutoff_high_rms_absF           ? 
_refine.ls_wR_factor_R_free                      ? 
_refine.ls_wR_factor_R_work                      ? 
_refine.overall_FOM_free_R_set                   ? 
_refine.overall_FOM_work_R_set                   ? 
_refine.pdbx_refine_id                           'X-RAY DIFFRACTION' 
_refine.pdbx_diffrn_id                           1 
_refine.pdbx_TLS_residual_ADP_flag               ? 
_refine.pdbx_overall_phase_error                 ? 
_refine.pdbx_overall_SU_R_free_Cruickshank_DPI   ? 
_refine.pdbx_overall_SU_R_Blow_DPI               ? 
_refine.pdbx_overall_SU_R_free_Blow_DPI          ? 
# 
_refine_hist.pdbx_refine_id                   'X-RAY DIFFRACTION' 
_refine_hist.cycle_id                         LAST 
_refine_hist.pdbx_number_atoms_protein        947 
_refine_hist.pdbx_number_atoms_nucleic_acid   0 
_refine_hist.pdbx_number_atoms_ligand         0 
_refine_hist.number_atoms_solvent             0 
_refine_hist.number_atoms_total               947 
_refine_hist.d_res_high                       1.8 
_refine_hist.d_res_low                        22.57 
# 
_struct.entry_id                  1WOU 
_struct.title                     'Crystal Structure of human Trp14' 
_struct.pdbx_model_details        ? 
_struct.pdbx_CASP_flag            ? 
_struct.pdbx_model_type_details   ? 
# 
_struct_keywords.entry_id        1WOU 
_struct_keywords.pdbx_keywords   'ELECTRON TRANSPORT' 
_struct_keywords.text            'ELECTRON TRANSPORT' 
# 
_struct_asym.id                            A 
_struct_asym.pdbx_blank_PDB_chainid_flag   N 
_struct_asym.pdbx_modified                 N 
_struct_asym.entity_id                     1 
_struct_asym.details                       ? 
# 
_struct_ref.id                         1 
_struct_ref.db_name                    UNP 
_struct_ref.db_code                    Q9BRA2_HUMAN 
_struct_ref.entity_id                  1 
_struct_ref.pdbx_seq_one_letter_code   
;MARYEEVSVSGFEEFHRAVEQHNGKTIFAYFTGSKDAGGKSWCPDCVQAEPVVREGLKHISEGCVFIYCQVGEKPYWKDP
NNDFRKNLKVTAVPTLLKYGTPQKLVESECLQANLVEMLFSED
;
_struct_ref.pdbx_align_begin           1 
_struct_ref.pdbx_db_accession          Q9BRA2 
_struct_ref.pdbx_db_isoform            ? 
# 
_struct_ref_seq.align_id                      1 
_struct_ref_seq.ref_id                        1 
_struct_ref_seq.pdbx_PDB_id_code              1WOU 
_struct_ref_seq.pdbx_strand_id                A 
_struct_ref_seq.seq_align_beg                 1 
_struct_ref_seq.pdbx_seq_align_beg_ins_code   ? 
_struct_ref_seq.seq_align_end                 123 
_struct_ref_seq.pdbx_seq_align_end_ins_code   ? 
_struct_ref_seq.pdbx_db_accession             Q9BRA2 
_struct_ref_seq.db_align_beg                  1 
_struct_ref_seq.pdbx_db_align_beg_ins_code    ? 
_struct_ref_seq.db_align_end                  123 
_struct_ref_seq.pdbx_db_align_end_ins_code    ? 
_struct_ref_seq.pdbx_auth_seq_align_beg       1 
_struct_ref_seq.pdbx_auth_seq_align_end       123 
# 
_pdbx_struct_assembly.id                   1 
_pdbx_struct_assembly.details              author_defined_assembly 
_pdbx_struct_assembly.method_details       ? 
_pdbx_struct_assembly.oligomeric_details   monomeric 
_pdbx_struct_assembly.oligomeric_count     1 
# 
_pdbx_struct_assembly_gen.assembly_id       1 
_pdbx_struct_assembly_gen.oper_expression   1 
_pdbx_struct_assembly_gen.asym_id_list      A 
# 
_pdbx_struct_oper_list.id                   1 
_pdbx_struct_oper_list.type                 'identity operation' 
_pdbx_struct_oper_list.name                 1_555 
_pdbx_struct_oper_list.symmetry_operation   x,y,z 
_pdbx_struct_oper_list.matrix[1][1]         1.0000000000 
_pdbx_struct_oper_list.matrix[1][2]         0.0000000000 
_pdbx_struct_oper_list.matrix[1][3]         0.0000000000 
_pdbx_struct_oper_list.vector[1]            0.0000000000 
_pdbx_struct_oper_list.matrix[2][1]         0.0000000000 
_pdbx_struct_oper_list.matrix[2][2]         1.0000000000 
_pdbx_struct_oper_list.matrix[2][3]         0.0000000000 
_pdbx_struct_oper_list.vector[2]            0.0000000000 
_pdbx_struct_oper_list.matrix[3][1]         0.0000000000 
_pdbx_struct_oper_list.matrix[3][2]         0.0000000000 
_pdbx_struct_oper_list.matrix[3][3]         1.0000000000 
_pdbx_struct_oper_list.vector[3]            0.0000000000 
# 
_struct_biol.id                    1 
_struct_biol.pdbx_parent_biol_id   ? 
_struct_biol.details               ? 
# 
loop_
_struct_conf.conf_type_id 
_struct_conf.id 
_struct_conf.pdbx_PDB_helix_id 
_struct_conf.beg_label_comp_id 
_struct_conf.beg_label_asym_id 
_struct_conf.beg_label_seq_id 
_struct_conf.pdbx_beg_PDB_ins_code 
_struct_conf.end_label_comp_id 
_struct_conf.end_label_asym_id 
_struct_conf.end_label_seq_id 
_struct_conf.pdbx_end_PDB_ins_code 
_struct_conf.beg_auth_comp_id 
_struct_conf.beg_auth_asym_id 
_struct_conf.beg_auth_seq_id 
_struct_conf.end_auth_comp_id 
_struct_conf.end_auth_asym_id 
_struct_conf.end_auth_seq_id 
_struct_conf.pdbx_PDB_helix_class 
_struct_conf.details 
_struct_conf.pdbx_PDB_helix_length 
HELX_P HELX_P1 1 GLY A 11  ? GLN A 21  ? GLY A 11  GLN A 21  1 ? 11 
HELX_P HELX_P2 2 CYS A 43  ? LEU A 57  ? CYS A 43  LEU A 57  1 ? 15 
HELX_P HELX_P3 3 LYS A 58  ? ILE A 60  ? LYS A 58  ILE A 60  5 ? 3  
HELX_P HELX_P4 4 GLU A 73  ? ASP A 79  ? GLU A 73  ASP A 79  1 ? 7  
HELX_P HELX_P5 5 ASN A 82  ? LYS A 89  ? ASN A 82  LYS A 89  1 ? 8  
HELX_P HELX_P6 6 SER A 108 ? LEU A 111 ? SER A 108 LEU A 111 5 ? 4  
HELX_P HELX_P7 7 GLN A 112 ? GLU A 122 ? GLN A 112 GLU A 122 1 ? 11 
# 
_struct_conf_type.id          HELX_P 
_struct_conf_type.criteria    ? 
_struct_conf_type.reference   ? 
# 
_struct_conn.id                            disulf1 
_struct_conn.conn_type_id                  disulf 
_struct_conn.pdbx_leaving_atom_flag        ? 
_struct_conn.pdbx_PDB_id                   ? 
_struct_conn.ptnr1_label_asym_id           A 
_struct_conn.ptnr1_label_comp_id           CYS 
_struct_conn.ptnr1_label_seq_id            43 
_struct_conn.ptnr1_label_atom_id           SG 
_struct_conn.pdbx_ptnr1_label_alt_id       ? 
_struct_conn.pdbx_ptnr1_PDB_ins_code       ? 
_struct_conn.pdbx_ptnr1_standard_comp_id   ? 
_struct_conn.ptnr1_symmetry                1_555 
_struct_conn.ptnr2_label_asym_id           A 
_struct_conn.ptnr2_label_comp_id           CYS 
_struct_conn.ptnr2_label_seq_id            46 
_struct_conn.ptnr2_label_atom_id           SG 
_struct_conn.pdbx_ptnr2_label_alt_id       ? 
_struct_conn.pdbx_ptnr2_PDB_ins_code       ? 
_struct_conn.ptnr1_auth_asym_id            A 
_struct_conn.ptnr1_auth_comp_id            CYS 
_struct_conn.ptnr1_auth_seq_id             43 
_struct_conn.ptnr2_auth_asym_id            A 
_struct_conn.ptnr2_auth_comp_id            CYS 
_struct_conn.ptnr2_auth_seq_id             46 
_struct_conn.ptnr2_symmetry                1_555 
_struct_conn.pdbx_ptnr3_label_atom_id      ? 
_struct_conn.pdbx_ptnr3_label_seq_id       ? 
_struct_conn.pdbx_ptnr3_label_comp_id      ? 
_struct_conn.pdbx_ptnr3_label_asym_id      ? 
_struct_conn.pdbx_ptnr3_label_alt_id       ? 
_struct_conn.pdbx_ptnr3_PDB_ins_code       ? 
_struct_conn.details                       ? 
_struct_conn.pdbx_dist_value               2.028 
_struct_conn.pdbx_value_order              ? 
_struct_conn.pdbx_role                     ? 
# 
_struct_conn_type.id          disulf 
_struct_conn_type.criteria    ? 
_struct_conn_type.reference   ? 
# 
_pdbx_modification_feature.ordinal                            1 
_pdbx_modification_feature.label_comp_id                      CYS 
_pdbx_modification_feature.label_asym_id                      A 
_pdbx_modification_feature.label_seq_id                       43 
_pdbx_modification_feature.label_alt_id                       ? 
_pdbx_modification_feature.modified_residue_label_comp_id     CYS 
_pdbx_modification_feature.modified_residue_label_asym_id     A 
_pdbx_modification_feature.modified_residue_label_seq_id      46 
_pdbx_modification_feature.modified_residue_label_alt_id      ? 
_pdbx_modification_feature.auth_comp_id                       CYS 
_pdbx_modification_feature.auth_asym_id                       A 
_pdbx_modification_feature.auth_seq_id                        43 
_pdbx_modification_feature.PDB_ins_code                       ? 
_pdbx_modification_feature.symmetry                           1_555 
_pdbx_modification_feature.modified_residue_auth_comp_id      CYS 
_pdbx_modification_feature.modified_residue_auth_asym_id      A 
_pdbx_modification_feature.modified_residue_auth_seq_id       46 
_pdbx_modification_feature.modified_residue_PDB_ins_code      ? 
_pdbx_modification_feature.modified_residue_symmetry          1_555 
_pdbx_modification_feature.comp_id_linking_atom               SG 
_pdbx_modification_feature.modified_residue_id_linking_atom   SG 
_pdbx_modification_feature.modified_residue_id                . 
_pdbx_modification_feature.ref_pcm_id                         . 
_pdbx_modification_feature.ref_comp_id                        . 
_pdbx_modification_feature.type                               None 
_pdbx_modification_feature.category                           'Disulfide bridge' 
# 
_struct_mon_prot_cis.pdbx_id                1 
_struct_mon_prot_cis.label_comp_id          VAL 
_struct_mon_prot_cis.label_seq_id           93 
_struct_mon_prot_cis.label_asym_id          A 
_struct_mon_prot_cis.label_alt_id           . 
_struct_mon_prot_cis.pdbx_PDB_ins_code      ? 
_struct_mon_prot_cis.auth_comp_id           VAL 
_struct_mon_prot_cis.auth_seq_id            93 
_struct_mon_prot_cis.auth_asym_id           A 
_struct_mon_prot_cis.pdbx_label_comp_id_2   PRO 
_struct_mon_prot_cis.pdbx_label_seq_id_2    94 
_struct_mon_prot_cis.pdbx_label_asym_id_2   A 
_struct_mon_prot_cis.pdbx_PDB_ins_code_2    ? 
_struct_mon_prot_cis.pdbx_auth_comp_id_2    PRO 
_struct_mon_prot_cis.pdbx_auth_seq_id_2     94 
_struct_mon_prot_cis.pdbx_auth_asym_id_2    A 
_struct_mon_prot_cis.pdbx_PDB_model_num     1 
_struct_mon_prot_cis.pdbx_omega_angle       -0.04 
# 
_struct_sheet.id               A 
_struct_sheet.type             ? 
_struct_sheet.number_strands   5 
_struct_sheet.details          ? 
# 
loop_
_struct_sheet_order.sheet_id 
_struct_sheet_order.range_id_1 
_struct_sheet_order.range_id_2 
_struct_sheet_order.offset 
_struct_sheet_order.sense 
A 1 2 ? parallel      
A 2 3 ? parallel      
A 3 4 ? anti-parallel 
A 4 5 ? anti-parallel 
# 
loop_
_struct_sheet_range.sheet_id 
_struct_sheet_range.id 
_struct_sheet_range.beg_label_comp_id 
_struct_sheet_range.beg_label_asym_id 
_struct_sheet_range.beg_label_seq_id 
_struct_sheet_range.pdbx_beg_PDB_ins_code 
_struct_sheet_range.end_label_comp_id 
_struct_sheet_range.end_label_asym_id 
_struct_sheet_range.end_label_seq_id 
_struct_sheet_range.pdbx_end_PDB_ins_code 
_struct_sheet_range.beg_auth_comp_id 
_struct_sheet_range.beg_auth_asym_id 
_struct_sheet_range.beg_auth_seq_id 
_struct_sheet_range.end_auth_comp_id 
_struct_sheet_range.end_auth_asym_id 
_struct_sheet_range.end_auth_seq_id 
A 1 GLU A 5   ? SER A 10  ? GLU A 5   SER A 10  
A 2 CYS A 64  ? GLN A 70  ? CYS A 64  GLN A 70  
A 3 THR A 26  ? THR A 32  ? THR A 26  THR A 32  
A 4 THR A 95  ? LYS A 98  ? THR A 95  LYS A 98  
A 5 LYS A 104 ? VAL A 106 ? LYS A 104 VAL A 106 
# 
loop_
_pdbx_struct_sheet_hbond.sheet_id 
_pdbx_struct_sheet_hbond.range_id_1 
_pdbx_struct_sheet_hbond.range_id_2 
_pdbx_struct_sheet_hbond.range_1_label_atom_id 
_pdbx_struct_sheet_hbond.range_1_label_comp_id 
_pdbx_struct_sheet_hbond.range_1_label_asym_id 
_pdbx_struct_sheet_hbond.range_1_label_seq_id 
_pdbx_struct_sheet_hbond.range_1_PDB_ins_code 
_pdbx_struct_sheet_hbond.range_1_auth_atom_id 
_pdbx_struct_sheet_hbond.range_1_auth_comp_id 
_pdbx_struct_sheet_hbond.range_1_auth_asym_id 
_pdbx_struct_sheet_hbond.range_1_auth_seq_id 
_pdbx_struct_sheet_hbond.range_2_label_atom_id 
_pdbx_struct_sheet_hbond.range_2_label_comp_id 
_pdbx_struct_sheet_hbond.range_2_label_asym_id 
_pdbx_struct_sheet_hbond.range_2_label_seq_id 
_pdbx_struct_sheet_hbond.range_2_PDB_ins_code 
_pdbx_struct_sheet_hbond.range_2_auth_atom_id 
_pdbx_struct_sheet_hbond.range_2_auth_comp_id 
_pdbx_struct_sheet_hbond.range_2_auth_asym_id 
_pdbx_struct_sheet_hbond.range_2_auth_seq_id 
A 1 2 N VAL A 7  ? N VAL A 7  O TYR A 68  ? O TYR A 68  
A 2 3 O ILE A 67 ? O ILE A 67 N PHE A 28  ? N PHE A 28  
A 3 4 N ALA A 29 ? N ALA A 29 O LEU A 97  ? O LEU A 97  
A 4 5 N LEU A 96 ? N LEU A 96 O LEU A 105 ? O LEU A 105 
# 
_pdbx_entry_details.entry_id                   1WOU 
_pdbx_entry_details.compound_details           ? 
_pdbx_entry_details.source_details             ? 
_pdbx_entry_details.nonpolymer_details         ? 
_pdbx_entry_details.sequence_details           ? 
_pdbx_entry_details.has_ligand_of_interest     ? 
_pdbx_entry_details.has_protein_modification   Y 
# 
loop_
_pdbx_validate_torsion.id 
_pdbx_validate_torsion.PDB_model_num 
_pdbx_validate_torsion.auth_comp_id 
_pdbx_validate_torsion.auth_asym_id 
_pdbx_validate_torsion.auth_seq_id 
_pdbx_validate_torsion.PDB_ins_code 
_pdbx_validate_torsion.label_alt_id 
_pdbx_validate_torsion.phi 
_pdbx_validate_torsion.psi 
1 1 GLU A 107 ? ? 47.62  -118.40 
2 1 SER A 121 ? ? -52.83 -90.12  
# 
loop_
_pdbx_unobs_or_zero_occ_residues.id 
_pdbx_unobs_or_zero_occ_residues.PDB_model_num 
_pdbx_unobs_or_zero_occ_residues.polymer_flag 
_pdbx_unobs_or_zero_occ_residues.occupancy_flag 
_pdbx_unobs_or_zero_occ_residues.auth_asym_id 
_pdbx_unobs_or_zero_occ_residues.auth_comp_id 
_pdbx_unobs_or_zero_occ_residues.auth_seq_id 
_pdbx_unobs_or_zero_occ_residues.PDB_ins_code 
_pdbx_unobs_or_zero_occ_residues.label_asym_id 
_pdbx_unobs_or_zero_occ_residues.label_comp_id 
_pdbx_unobs_or_zero_occ_residues.label_seq_id 
1 1 Y 1 A MET 1   ? A MET 1   
2 1 Y 1 A ALA 2   ? A ALA 2   
3 1 Y 1 A ARG 3   ? A ARG 3   
4 1 Y 1 A ASP 123 ? A ASP 123 
# 
loop_
_chem_comp_atom.comp_id 
_chem_comp_atom.atom_id 
_chem_comp_atom.type_symbol 
_chem_comp_atom.pdbx_aromatic_flag 
_chem_comp_atom.pdbx_stereo_config 
_chem_comp_atom.pdbx_ordinal 
ALA N    N N N 1   
ALA CA   C N S 2   
ALA C    C N N 3   
ALA O    O N N 4   
ALA CB   C N N 5   
ALA OXT  O N N 6   
ALA H    H N N 7   
ALA H2   H N N 8   
ALA HA   H N N 9   
ALA HB1  H N N 10  
ALA HB2  H N N 11  
ALA HB3  H N N 12  
ALA HXT  H N N 13  
ARG N    N N N 14  
ARG CA   C N S 15  
ARG C    C N N 16  
ARG O    O N N 17  
ARG CB   C N N 18  
ARG CG   C N N 19  
ARG CD   C N N 20  
ARG NE   N N N 21  
ARG CZ   C N N 22  
ARG NH1  N N N 23  
ARG NH2  N N N 24  
ARG OXT  O N N 25  
ARG H    H N N 26  
ARG H2   H N N 27  
ARG HA   H N N 28  
ARG HB2  H N N 29  
ARG HB3  H N N 30  
ARG HG2  H N N 31  
ARG HG3  H N N 32  
ARG HD2  H N N 33  
ARG HD3  H N N 34  
ARG HE   H N N 35  
ARG HH11 H N N 36  
ARG HH12 H N N 37  
ARG HH21 H N N 38  
ARG HH22 H N N 39  
ARG HXT  H N N 40  
ASN N    N N N 41  
ASN CA   C N S 42  
ASN C    C N N 43  
ASN O    O N N 44  
ASN CB   C N N 45  
ASN CG   C N N 46  
ASN OD1  O N N 47  
ASN ND2  N N N 48  
ASN OXT  O N N 49  
ASN H    H N N 50  
ASN H2   H N N 51  
ASN HA   H N N 52  
ASN HB2  H N N 53  
ASN HB3  H N N 54  
ASN HD21 H N N 55  
ASN HD22 H N N 56  
ASN HXT  H N N 57  
ASP N    N N N 58  
ASP CA   C N S 59  
ASP C    C N N 60  
ASP O    O N N 61  
ASP CB   C N N 62  
ASP CG   C N N 63  
ASP OD1  O N N 64  
ASP OD2  O N N 65  
ASP OXT  O N N 66  
ASP H    H N N 67  
ASP H2   H N N 68  
ASP HA   H N N 69  
ASP HB2  H N N 70  
ASP HB3  H N N 71  
ASP HD2  H N N 72  
ASP HXT  H N N 73  
CYS N    N N N 74  
CYS CA   C N R 75  
CYS C    C N N 76  
CYS O    O N N 77  
CYS CB   C N N 78  
CYS SG   S N N 79  
CYS OXT  O N N 80  
CYS H    H N N 81  
CYS H2   H N N 82  
CYS HA   H N N 83  
CYS HB2  H N N 84  
CYS HB3  H N N 85  
CYS HG   H N N 86  
CYS HXT  H N N 87  
GLN N    N N N 88  
GLN CA   C N S 89  
GLN C    C N N 90  
GLN O    O N N 91  
GLN CB   C N N 92  
GLN CG   C N N 93  
GLN CD   C N N 94  
GLN OE1  O N N 95  
GLN NE2  N N N 96  
GLN OXT  O N N 97  
GLN H    H N N 98  
GLN H2   H N N 99  
GLN HA   H N N 100 
GLN HB2  H N N 101 
GLN HB3  H N N 102 
GLN HG2  H N N 103 
GLN HG3  H N N 104 
GLN HE21 H N N 105 
GLN HE22 H N N 106 
GLN HXT  H N N 107 
GLU N    N N N 108 
GLU CA   C N S 109 
GLU C    C N N 110 
GLU O    O N N 111 
GLU CB   C N N 112 
GLU CG   C N N 113 
GLU CD   C N N 114 
GLU OE1  O N N 115 
GLU OE2  O N N 116 
GLU OXT  O N N 117 
GLU H    H N N 118 
GLU H2   H N N 119 
GLU HA   H N N 120 
GLU HB2  H N N 121 
GLU HB3  H N N 122 
GLU HG2  H N N 123 
GLU HG3  H N N 124 
GLU HE2  H N N 125 
GLU HXT  H N N 126 
GLY N    N N N 127 
GLY CA   C N N 128 
GLY C    C N N 129 
GLY O    O N N 130 
GLY OXT  O N N 131 
GLY H    H N N 132 
GLY H2   H N N 133 
GLY HA2  H N N 134 
GLY HA3  H N N 135 
GLY HXT  H N N 136 
HIS N    N N N 137 
HIS CA   C N S 138 
HIS C    C N N 139 
HIS O    O N N 140 
HIS CB   C N N 141 
HIS CG   C Y N 142 
HIS ND1  N Y N 143 
HIS CD2  C Y N 144 
HIS CE1  C Y N 145 
HIS NE2  N Y N 146 
HIS OXT  O N N 147 
HIS H    H N N 148 
HIS H2   H N N 149 
HIS HA   H N N 150 
HIS HB2  H N N 151 
HIS HB3  H N N 152 
HIS HD1  H N N 153 
HIS HD2  H N N 154 
HIS HE1  H N N 155 
HIS HE2  H N N 156 
HIS HXT  H N N 157 
ILE N    N N N 158 
ILE CA   C N S 159 
ILE C    C N N 160 
ILE O    O N N 161 
ILE CB   C N S 162 
ILE CG1  C N N 163 
ILE CG2  C N N 164 
ILE CD1  C N N 165 
ILE OXT  O N N 166 
ILE H    H N N 167 
ILE H2   H N N 168 
ILE HA   H N N 169 
ILE HB   H N N 170 
ILE HG12 H N N 171 
ILE HG13 H N N 172 
ILE HG21 H N N 173 
ILE HG22 H N N 174 
ILE HG23 H N N 175 
ILE HD11 H N N 176 
ILE HD12 H N N 177 
ILE HD13 H N N 178 
ILE HXT  H N N 179 
LEU N    N N N 180 
LEU CA   C N S 181 
LEU C    C N N 182 
LEU O    O N N 183 
LEU CB   C N N 184 
LEU CG   C N N 185 
LEU CD1  C N N 186 
LEU CD2  C N N 187 
LEU OXT  O N N 188 
LEU H    H N N 189 
LEU H2   H N N 190 
LEU HA   H N N 191 
LEU HB2  H N N 192 
LEU HB3  H N N 193 
LEU HG   H N N 194 
LEU HD11 H N N 195 
LEU HD12 H N N 196 
LEU HD13 H N N 197 
LEU HD21 H N N 198 
LEU HD22 H N N 199 
LEU HD23 H N N 200 
LEU HXT  H N N 201 
LYS N    N N N 202 
LYS CA   C N S 203 
LYS C    C N N 204 
LYS O    O N N 205 
LYS CB   C N N 206 
LYS CG   C N N 207 
LYS CD   C N N 208 
LYS CE   C N N 209 
LYS NZ   N N N 210 
LYS OXT  O N N 211 
LYS H    H N N 212 
LYS H2   H N N 213 
LYS HA   H N N 214 
LYS HB2  H N N 215 
LYS HB3  H N N 216 
LYS HG2  H N N 217 
LYS HG3  H N N 218 
LYS HD2  H N N 219 
LYS HD3  H N N 220 
LYS HE2  H N N 221 
LYS HE3  H N N 222 
LYS HZ1  H N N 223 
LYS HZ2  H N N 224 
LYS HZ3  H N N 225 
LYS HXT  H N N 226 
MET N    N N N 227 
MET CA   C N S 228 
MET C    C N N 229 
MET O    O N N 230 
MET CB   C N N 231 
MET CG   C N N 232 
MET SD   S N N 233 
MET CE   C N N 234 
MET OXT  O N N 235 
MET H    H N N 236 
MET H2   H N N 237 
MET HA   H N N 238 
MET HB2  H N N 239 
MET HB3  H N N 240 
MET HG2  H N N 241 
MET HG3  H N N 242 
MET HE1  H N N 243 
MET HE2  H N N 244 
MET HE3  H N N 245 
MET HXT  H N N 246 
PHE N    N N N 247 
PHE CA   C N S 248 
PHE C    C N N 249 
PHE O    O N N 250 
PHE CB   C N N 251 
PHE CG   C Y N 252 
PHE CD1  C Y N 253 
PHE CD2  C Y N 254 
PHE CE1  C Y N 255 
PHE CE2  C Y N 256 
PHE CZ   C Y N 257 
PHE OXT  O N N 258 
PHE H    H N N 259 
PHE H2   H N N 260 
PHE HA   H N N 261 
PHE HB2  H N N 262 
PHE HB3  H N N 263 
PHE HD1  H N N 264 
PHE HD2  H N N 265 
PHE HE1  H N N 266 
PHE HE2  H N N 267 
PHE HZ   H N N 268 
PHE HXT  H N N 269 
PRO N    N N N 270 
PRO CA   C N S 271 
PRO C    C N N 272 
PRO O    O N N 273 
PRO CB   C N N 274 
PRO CG   C N N 275 
PRO CD   C N N 276 
PRO OXT  O N N 277 
PRO H    H N N 278 
PRO HA   H N N 279 
PRO HB2  H N N 280 
PRO HB3  H N N 281 
PRO HG2  H N N 282 
PRO HG3  H N N 283 
PRO HD2  H N N 284 
PRO HD3  H N N 285 
PRO HXT  H N N 286 
SER N    N N N 287 
SER CA   C N S 288 
SER C    C N N 289 
SER O    O N N 290 
SER CB   C N N 291 
SER OG   O N N 292 
SER OXT  O N N 293 
SER H    H N N 294 
SER H2   H N N 295 
SER HA   H N N 296 
SER HB2  H N N 297 
SER HB3  H N N 298 
SER HG   H N N 299 
SER HXT  H N N 300 
THR N    N N N 301 
THR CA   C N S 302 
THR C    C N N 303 
THR O    O N N 304 
THR CB   C N R 305 
THR OG1  O N N 306 
THR CG2  C N N 307 
THR OXT  O N N 308 
THR H    H N N 309 
THR H2   H N N 310 
THR HA   H N N 311 
THR HB   H N N 312 
THR HG1  H N N 313 
THR HG21 H N N 314 
THR HG22 H N N 315 
THR HG23 H N N 316 
THR HXT  H N N 317 
TRP N    N N N 318 
TRP CA   C N S 319 
TRP C    C N N 320 
TRP O    O N N 321 
TRP CB   C N N 322 
TRP CG   C Y N 323 
TRP CD1  C Y N 324 
TRP CD2  C Y N 325 
TRP NE1  N Y N 326 
TRP CE2  C Y N 327 
TRP CE3  C Y N 328 
TRP CZ2  C Y N 329 
TRP CZ3  C Y N 330 
TRP CH2  C Y N 331 
TRP OXT  O N N 332 
TRP H    H N N 333 
TRP H2   H N N 334 
TRP HA   H N N 335 
TRP HB2  H N N 336 
TRP HB3  H N N 337 
TRP HD1  H N N 338 
TRP HE1  H N N 339 
TRP HE3  H N N 340 
TRP HZ2  H N N 341 
TRP HZ3  H N N 342 
TRP HH2  H N N 343 
TRP HXT  H N N 344 
TYR N    N N N 345 
TYR CA   C N S 346 
TYR C    C N N 347 
TYR O    O N N 348 
TYR CB   C N N 349 
TYR CG   C Y N 350 
TYR CD1  C Y N 351 
TYR CD2  C Y N 352 
TYR CE1  C Y N 353 
TYR CE2  C Y N 354 
TYR CZ   C Y N 355 
TYR OH   O N N 356 
TYR OXT  O N N 357 
TYR H    H N N 358 
TYR H2   H N N 359 
TYR HA   H N N 360 
TYR HB2  H N N 361 
TYR HB3  H N N 362 
TYR HD1  H N N 363 
TYR HD2  H N N 364 
TYR HE1  H N N 365 
TYR HE2  H N N 366 
TYR HH   H N N 367 
TYR HXT  H N N 368 
VAL N    N N N 369 
VAL CA   C N S 370 
VAL C    C N N 371 
VAL O    O N N 372 
VAL CB   C N N 373 
VAL CG1  C N N 374 
VAL CG2  C N N 375 
VAL OXT  O N N 376 
VAL H    H N N 377 
VAL H2   H N N 378 
VAL HA   H N N 379 
VAL HB   H N N 380 
VAL HG11 H N N 381 
VAL HG12 H N N 382 
VAL HG13 H N N 383 
VAL HG21 H N N 384 
VAL HG22 H N N 385 
VAL HG23 H N N 386 
VAL HXT  H N N 387 
# 
loop_
_chem_comp_bond.comp_id 
_chem_comp_bond.atom_id_1 
_chem_comp_bond.atom_id_2 
_chem_comp_bond.value_order 
_chem_comp_bond.pdbx_aromatic_flag 
_chem_comp_bond.pdbx_stereo_config 
_chem_comp_bond.pdbx_ordinal 
ALA N   CA   sing N N 1   
ALA N   H    sing N N 2   
ALA N   H2   sing N N 3   
ALA CA  C    sing N N 4   
ALA CA  CB   sing N N 5   
ALA CA  HA   sing N N 6   
ALA C   O    doub N N 7   
ALA C   OXT  sing N N 8   
ALA CB  HB1  sing N N 9   
ALA CB  HB2  sing N N 10  
ALA CB  HB3  sing N N 11  
ALA OXT HXT  sing N N 12  
ARG N   CA   sing N N 13  
ARG N   H    sing N N 14  
ARG N   H2   sing N N 15  
ARG CA  C    sing N N 16  
ARG CA  CB   sing N N 17  
ARG CA  HA   sing N N 18  
ARG C   O    doub N N 19  
ARG C   OXT  sing N N 20  
ARG CB  CG   sing N N 21  
ARG CB  HB2  sing N N 22  
ARG CB  HB3  sing N N 23  
ARG CG  CD   sing N N 24  
ARG CG  HG2  sing N N 25  
ARG CG  HG3  sing N N 26  
ARG CD  NE   sing N N 27  
ARG CD  HD2  sing N N 28  
ARG CD  HD3  sing N N 29  
ARG NE  CZ   sing N N 30  
ARG NE  HE   sing N N 31  
ARG CZ  NH1  sing N N 32  
ARG CZ  NH2  doub N N 33  
ARG NH1 HH11 sing N N 34  
ARG NH1 HH12 sing N N 35  
ARG NH2 HH21 sing N N 36  
ARG NH2 HH22 sing N N 37  
ARG OXT HXT  sing N N 38  
ASN N   CA   sing N N 39  
ASN N   H    sing N N 40  
ASN N   H2   sing N N 41  
ASN CA  C    sing N N 42  
ASN CA  CB   sing N N 43  
ASN CA  HA   sing N N 44  
ASN C   O    doub N N 45  
ASN C   OXT  sing N N 46  
ASN CB  CG   sing N N 47  
ASN CB  HB2  sing N N 48  
ASN CB  HB3  sing N N 49  
ASN CG  OD1  doub N N 50  
ASN CG  ND2  sing N N 51  
ASN ND2 HD21 sing N N 52  
ASN ND2 HD22 sing N N 53  
ASN OXT HXT  sing N N 54  
ASP N   CA   sing N N 55  
ASP N   H    sing N N 56  
ASP N   H2   sing N N 57  
ASP CA  C    sing N N 58  
ASP CA  CB   sing N N 59  
ASP CA  HA   sing N N 60  
ASP C   O    doub N N 61  
ASP C   OXT  sing N N 62  
ASP CB  CG   sing N N 63  
ASP CB  HB2  sing N N 64  
ASP CB  HB3  sing N N 65  
ASP CG  OD1  doub N N 66  
ASP CG  OD2  sing N N 67  
ASP OD2 HD2  sing N N 68  
ASP OXT HXT  sing N N 69  
CYS N   CA   sing N N 70  
CYS N   H    sing N N 71  
CYS N   H2   sing N N 72  
CYS CA  C    sing N N 73  
CYS CA  CB   sing N N 74  
CYS CA  HA   sing N N 75  
CYS C   O    doub N N 76  
CYS C   OXT  sing N N 77  
CYS CB  SG   sing N N 78  
CYS CB  HB2  sing N N 79  
CYS CB  HB3  sing N N 80  
CYS SG  HG   sing N N 81  
CYS OXT HXT  sing N N 82  
GLN N   CA   sing N N 83  
GLN N   H    sing N N 84  
GLN N   H2   sing N N 85  
GLN CA  C    sing N N 86  
GLN CA  CB   sing N N 87  
GLN CA  HA   sing N N 88  
GLN C   O    doub N N 89  
GLN C   OXT  sing N N 90  
GLN CB  CG   sing N N 91  
GLN CB  HB2  sing N N 92  
GLN CB  HB3  sing N N 93  
GLN CG  CD   sing N N 94  
GLN CG  HG2  sing N N 95  
GLN CG  HG3  sing N N 96  
GLN CD  OE1  doub N N 97  
GLN CD  NE2  sing N N 98  
GLN NE2 HE21 sing N N 99  
GLN NE2 HE22 sing N N 100 
GLN OXT HXT  sing N N 101 
GLU N   CA   sing N N 102 
GLU N   H    sing N N 103 
GLU N   H2   sing N N 104 
GLU CA  C    sing N N 105 
GLU CA  CB   sing N N 106 
GLU CA  HA   sing N N 107 
GLU C   O    doub N N 108 
GLU C   OXT  sing N N 109 
GLU CB  CG   sing N N 110 
GLU CB  HB2  sing N N 111 
GLU CB  HB3  sing N N 112 
GLU CG  CD   sing N N 113 
GLU CG  HG2  sing N N 114 
GLU CG  HG3  sing N N 115 
GLU CD  OE1  doub N N 116 
GLU CD  OE2  sing N N 117 
GLU OE2 HE2  sing N N 118 
GLU OXT HXT  sing N N 119 
GLY N   CA   sing N N 120 
GLY N   H    sing N N 121 
GLY N   H2   sing N N 122 
GLY CA  C    sing N N 123 
GLY CA  HA2  sing N N 124 
GLY CA  HA3  sing N N 125 
GLY C   O    doub N N 126 
GLY C   OXT  sing N N 127 
GLY OXT HXT  sing N N 128 
HIS N   CA   sing N N 129 
HIS N   H    sing N N 130 
HIS N   H2   sing N N 131 
HIS CA  C    sing N N 132 
HIS CA  CB   sing N N 133 
HIS CA  HA   sing N N 134 
HIS C   O    doub N N 135 
HIS C   OXT  sing N N 136 
HIS CB  CG   sing N N 137 
HIS CB  HB2  sing N N 138 
HIS CB  HB3  sing N N 139 
HIS CG  ND1  sing Y N 140 
HIS CG  CD2  doub Y N 141 
HIS ND1 CE1  doub Y N 142 
HIS ND1 HD1  sing N N 143 
HIS CD2 NE2  sing Y N 144 
HIS CD2 HD2  sing N N 145 
HIS CE1 NE2  sing Y N 146 
HIS CE1 HE1  sing N N 147 
HIS NE2 HE2  sing N N 148 
HIS OXT HXT  sing N N 149 
ILE N   CA   sing N N 150 
ILE N   H    sing N N 151 
ILE N   H2   sing N N 152 
ILE CA  C    sing N N 153 
ILE CA  CB   sing N N 154 
ILE CA  HA   sing N N 155 
ILE C   O    doub N N 156 
ILE C   OXT  sing N N 157 
ILE CB  CG1  sing N N 158 
ILE CB  CG2  sing N N 159 
ILE CB  HB   sing N N 160 
ILE CG1 CD1  sing N N 161 
ILE CG1 HG12 sing N N 162 
ILE CG1 HG13 sing N N 163 
ILE CG2 HG21 sing N N 164 
ILE CG2 HG22 sing N N 165 
ILE CG2 HG23 sing N N 166 
ILE CD1 HD11 sing N N 167 
ILE CD1 HD12 sing N N 168 
ILE CD1 HD13 sing N N 169 
ILE OXT HXT  sing N N 170 
LEU N   CA   sing N N 171 
LEU N   H    sing N N 172 
LEU N   H2   sing N N 173 
LEU CA  C    sing N N 174 
LEU CA  CB   sing N N 175 
LEU CA  HA   sing N N 176 
LEU C   O    doub N N 177 
LEU C   OXT  sing N N 178 
LEU CB  CG   sing N N 179 
LEU CB  HB2  sing N N 180 
LEU CB  HB3  sing N N 181 
LEU CG  CD1  sing N N 182 
LEU CG  CD2  sing N N 183 
LEU CG  HG   sing N N 184 
LEU CD1 HD11 sing N N 185 
LEU CD1 HD12 sing N N 186 
LEU CD1 HD13 sing N N 187 
LEU CD2 HD21 sing N N 188 
LEU CD2 HD22 sing N N 189 
LEU CD2 HD23 sing N N 190 
LEU OXT HXT  sing N N 191 
LYS N   CA   sing N N 192 
LYS N   H    sing N N 193 
LYS N   H2   sing N N 194 
LYS CA  C    sing N N 195 
LYS CA  CB   sing N N 196 
LYS CA  HA   sing N N 197 
LYS C   O    doub N N 198 
LYS C   OXT  sing N N 199 
LYS CB  CG   sing N N 200 
LYS CB  HB2  sing N N 201 
LYS CB  HB3  sing N N 202 
LYS CG  CD   sing N N 203 
LYS CG  HG2  sing N N 204 
LYS CG  HG3  sing N N 205 
LYS CD  CE   sing N N 206 
LYS CD  HD2  sing N N 207 
LYS CD  HD3  sing N N 208 
LYS CE  NZ   sing N N 209 
LYS CE  HE2  sing N N 210 
LYS CE  HE3  sing N N 211 
LYS NZ  HZ1  sing N N 212 
LYS NZ  HZ2  sing N N 213 
LYS NZ  HZ3  sing N N 214 
LYS OXT HXT  sing N N 215 
MET N   CA   sing N N 216 
MET N   H    sing N N 217 
MET N   H2   sing N N 218 
MET CA  C    sing N N 219 
MET CA  CB   sing N N 220 
MET CA  HA   sing N N 221 
MET C   O    doub N N 222 
MET C   OXT  sing N N 223 
MET CB  CG   sing N N 224 
MET CB  HB2  sing N N 225 
MET CB  HB3  sing N N 226 
MET CG  SD   sing N N 227 
MET CG  HG2  sing N N 228 
MET CG  HG3  sing N N 229 
MET SD  CE   sing N N 230 
MET CE  HE1  sing N N 231 
MET CE  HE2  sing N N 232 
MET CE  HE3  sing N N 233 
MET OXT HXT  sing N N 234 
PHE N   CA   sing N N 235 
PHE N   H    sing N N 236 
PHE N   H2   sing N N 237 
PHE CA  C    sing N N 238 
PHE CA  CB   sing N N 239 
PHE CA  HA   sing N N 240 
PHE C   O    doub N N 241 
PHE C   OXT  sing N N 242 
PHE CB  CG   sing N N 243 
PHE CB  HB2  sing N N 244 
PHE CB  HB3  sing N N 245 
PHE CG  CD1  doub Y N 246 
PHE CG  CD2  sing Y N 247 
PHE CD1 CE1  sing Y N 248 
PHE CD1 HD1  sing N N 249 
PHE CD2 CE2  doub Y N 250 
PHE CD2 HD2  sing N N 251 
PHE CE1 CZ   doub Y N 252 
PHE CE1 HE1  sing N N 253 
PHE CE2 CZ   sing Y N 254 
PHE CE2 HE2  sing N N 255 
PHE CZ  HZ   sing N N 256 
PHE OXT HXT  sing N N 257 
PRO N   CA   sing N N 258 
PRO N   CD   sing N N 259 
PRO N   H    sing N N 260 
PRO CA  C    sing N N 261 
PRO CA  CB   sing N N 262 
PRO CA  HA   sing N N 263 
PRO C   O    doub N N 264 
PRO C   OXT  sing N N 265 
PRO CB  CG   sing N N 266 
PRO CB  HB2  sing N N 267 
PRO CB  HB3  sing N N 268 
PRO CG  CD   sing N N 269 
PRO CG  HG2  sing N N 270 
PRO CG  HG3  sing N N 271 
PRO CD  HD2  sing N N 272 
PRO CD  HD3  sing N N 273 
PRO OXT HXT  sing N N 274 
SER N   CA   sing N N 275 
SER N   H    sing N N 276 
SER N   H2   sing N N 277 
SER CA  C    sing N N 278 
SER CA  CB   sing N N 279 
SER CA  HA   sing N N 280 
SER C   O    doub N N 281 
SER C   OXT  sing N N 282 
SER CB  OG   sing N N 283 
SER CB  HB2  sing N N 284 
SER CB  HB3  sing N N 285 
SER OG  HG   sing N N 286 
SER OXT HXT  sing N N 287 
THR N   CA   sing N N 288 
THR N   H    sing N N 289 
THR N   H2   sing N N 290 
THR CA  C    sing N N 291 
THR CA  CB   sing N N 292 
THR CA  HA   sing N N 293 
THR C   O    doub N N 294 
THR C   OXT  sing N N 295 
THR CB  OG1  sing N N 296 
THR CB  CG2  sing N N 297 
THR CB  HB   sing N N 298 
THR OG1 HG1  sing N N 299 
THR CG2 HG21 sing N N 300 
THR CG2 HG22 sing N N 301 
THR CG2 HG23 sing N N 302 
THR OXT HXT  sing N N 303 
TRP N   CA   sing N N 304 
TRP N   H    sing N N 305 
TRP N   H2   sing N N 306 
TRP CA  C    sing N N 307 
TRP CA  CB   sing N N 308 
TRP CA  HA   sing N N 309 
TRP C   O    doub N N 310 
TRP C   OXT  sing N N 311 
TRP CB  CG   sing N N 312 
TRP CB  HB2  sing N N 313 
TRP CB  HB3  sing N N 314 
TRP CG  CD1  doub Y N 315 
TRP CG  CD2  sing Y N 316 
TRP CD1 NE1  sing Y N 317 
TRP CD1 HD1  sing N N 318 
TRP CD2 CE2  doub Y N 319 
TRP CD2 CE3  sing Y N 320 
TRP NE1 CE2  sing Y N 321 
TRP NE1 HE1  sing N N 322 
TRP CE2 CZ2  sing Y N 323 
TRP CE3 CZ3  doub Y N 324 
TRP CE3 HE3  sing N N 325 
TRP CZ2 CH2  doub Y N 326 
TRP CZ2 HZ2  sing N N 327 
TRP CZ3 CH2  sing Y N 328 
TRP CZ3 HZ3  sing N N 329 
TRP CH2 HH2  sing N N 330 
TRP OXT HXT  sing N N 331 
TYR N   CA   sing N N 332 
TYR N   H    sing N N 333 
TYR N   H2   sing N N 334 
TYR CA  C    sing N N 335 
TYR CA  CB   sing N N 336 
TYR CA  HA   sing N N 337 
TYR C   O    doub N N 338 
TYR C   OXT  sing N N 339 
TYR CB  CG   sing N N 340 
TYR CB  HB2  sing N N 341 
TYR CB  HB3  sing N N 342 
TYR CG  CD1  doub Y N 343 
TYR CG  CD2  sing Y N 344 
TYR CD1 CE1  sing Y N 345 
TYR CD1 HD1  sing N N 346 
TYR CD2 CE2  doub Y N 347 
TYR CD2 HD2  sing N N 348 
TYR CE1 CZ   doub Y N 349 
TYR CE1 HE1  sing N N 350 
TYR CE2 CZ   sing Y N 351 
TYR CE2 HE2  sing N N 352 
TYR CZ  OH   sing N N 353 
TYR OH  HH   sing N N 354 
TYR OXT HXT  sing N N 355 
VAL N   CA   sing N N 356 
VAL N   H    sing N N 357 
VAL N   H2   sing N N 358 
VAL CA  C    sing N N 359 
VAL CA  CB   sing N N 360 
VAL CA  HA   sing N N 361 
VAL C   O    doub N N 362 
VAL C   OXT  sing N N 363 
VAL CB  CG1  sing N N 364 
VAL CB  CG2  sing N N 365 
VAL CB  HB   sing N N 366 
VAL CG1 HG11 sing N N 367 
VAL CG1 HG12 sing N N 368 
VAL CG1 HG13 sing N N 369 
VAL CG2 HG21 sing N N 370 
VAL CG2 HG22 sing N N 371 
VAL CG2 HG23 sing N N 372 
VAL OXT HXT  sing N N 373 
# 
_atom_sites.entry_id                    1WOU 
_atom_sites.fract_transf_matrix[1][1]   0.03320139 
_atom_sites.fract_transf_matrix[1][2]   -0.00949406 
_atom_sites.fract_transf_matrix[1][3]   0.01391414 
_atom_sites.fract_transf_matrix[2][1]   0.00390958 
_atom_sites.fract_transf_matrix[2][2]   -0.01116158 
_atom_sites.fract_transf_matrix[2][3]   -0.01694628 
_atom_sites.fract_transf_matrix[3][1]   0.00502139 
_atom_sites.fract_transf_matrix[3][2]   0.00980026 
_atom_sites.fract_transf_matrix[3][3]   -0.00529571 
_atom_sites.fract_transf_vector[1]      0.370448 
_atom_sites.fract_transf_vector[2]      0.546537 
_atom_sites.fract_transf_vector[3]      0.135079 
# 
loop_
_atom_type.symbol 
C 
N 
O 
S 
# 
loop_
_atom_site.group_PDB 
_atom_site.id 
_atom_site.type_symbol 
_atom_site.label_atom_id 
_atom_site.label_alt_id 
_atom_site.label_comp_id 
_atom_site.label_asym_id 
_atom_site.label_entity_id 
_atom_site.label_seq_id 
_atom_site.pdbx_PDB_ins_code 
_atom_site.Cartn_x 
_atom_site.Cartn_y 
_atom_site.Cartn_z 
_atom_site.occupancy 
_atom_site.B_iso_or_equiv 
_atom_site.pdbx_formal_charge 
_atom_site.auth_seq_id 
_atom_site.auth_comp_id 
_atom_site.auth_asym_id 
_atom_site.auth_atom_id 
_atom_site.pdbx_PDB_model_num 
ATOM 1   N N   . TYR A 1 4   ? 0.301   -10.858 12.488  1.00 41.12 ? 4   TYR A N   1 
ATOM 2   C CA  . TYR A 1 4   ? 0.206   -10.590 11.023  1.00 40.57 ? 4   TYR A CA  1 
ATOM 3   C C   . TYR A 1 4   ? 1.564   -10.803 10.365  1.00 39.81 ? 4   TYR A C   1 
ATOM 4   O O   . TYR A 1 4   ? 2.600   -10.672 11.013  1.00 40.07 ? 4   TYR A O   1 
ATOM 5   C CB  . TYR A 1 4   ? -0.259  -9.147  10.777  1.00 41.12 ? 4   TYR A CB  1 
ATOM 6   C CG  . TYR A 1 4   ? 0.795   -8.088  11.052  1.00 41.55 ? 4   TYR A CG  1 
ATOM 7   C CD1 . TYR A 1 4   ? 1.790   -7.800  10.113  1.00 42.02 ? 4   TYR A CD1 1 
ATOM 8   C CD2 . TYR A 1 4   ? 0.811   -7.390  12.258  1.00 41.95 ? 4   TYR A CD2 1 
ATOM 9   C CE1 . TYR A 1 4   ? 2.777   -6.843  10.373  1.00 42.50 ? 4   TYR A CE1 1 
ATOM 10  C CE2 . TYR A 1 4   ? 1.794   -6.433  12.527  1.00 42.27 ? 4   TYR A CE2 1 
ATOM 11  C CZ  . TYR A 1 4   ? 2.771   -6.166  11.583  1.00 42.43 ? 4   TYR A CZ  1 
ATOM 12  O OH  . TYR A 1 4   ? 3.742   -5.226  11.851  1.00 43.60 ? 4   TYR A OH  1 
ATOM 13  N N   . GLU A 1 5   ? 1.554   -11.139 9.080   1.00 39.19 ? 5   GLU A N   1 
ATOM 14  C CA  . GLU A 1 5   ? 2.796   -11.338 8.346   1.00 38.36 ? 5   GLU A CA  1 
ATOM 15  C C   . GLU A 1 5   ? 2.926   -10.251 7.288   1.00 37.02 ? 5   GLU A C   1 
ATOM 16  O O   . GLU A 1 5   ? 1.976   -9.959  6.560   1.00 36.19 ? 5   GLU A O   1 
ATOM 17  C CB  . GLU A 1 5   ? 2.836   -12.725 7.696   1.00 40.11 ? 5   GLU A CB  1 
ATOM 18  C CG  . GLU A 1 5   ? 1.696   -13.029 6.744   1.00 42.61 ? 5   GLU A CG  1 
ATOM 19  C CD  . GLU A 1 5   ? 1.826   -14.406 6.115   1.00 44.55 ? 5   GLU A CD  1 
ATOM 20  O OE1 . GLU A 1 5   ? 2.815   -14.634 5.381   1.00 45.66 ? 5   GLU A OE1 1 
ATOM 21  O OE2 . GLU A 1 5   ? 0.945   -15.259 6.356   1.00 45.64 ? 5   GLU A OE2 1 
ATOM 22  N N   . GLU A 1 6   ? 4.104   -9.645  7.222   1.00 35.51 ? 6   GLU A N   1 
ATOM 23  C CA  . GLU A 1 6   ? 4.356   -8.579  6.267   1.00 34.45 ? 6   GLU A CA  1 
ATOM 24  C C   . GLU A 1 6   ? 5.144   -9.082  5.075   1.00 33.40 ? 6   GLU A C   1 
ATOM 25  O O   . GLU A 1 6   ? 5.980   -9.977  5.195   1.00 32.85 ? 6   GLU A O   1 
ATOM 26  C CB  . GLU A 1 6   ? 5.131   -7.437  6.932   1.00 34.84 ? 6   GLU A CB  1 
ATOM 27  C CG  . GLU A 1 6   ? 5.294   -6.216  6.035   1.00 35.47 ? 6   GLU A CG  1 
ATOM 28  C CD  . GLU A 1 6   ? 6.098   -5.106  6.683   1.00 35.93 ? 6   GLU A CD  1 
ATOM 29  O OE1 . GLU A 1 6   ? 5.965   -4.913  7.907   1.00 36.15 ? 6   GLU A OE1 1 
ATOM 30  O OE2 . GLU A 1 6   ? 6.849   -4.415  5.963   1.00 36.48 ? 6   GLU A OE2 1 
ATOM 31  N N   . VAL A 1 7   ? 4.862   -8.497  3.917   1.00 31.63 ? 7   VAL A N   1 
ATOM 32  C CA  . VAL A 1 7   ? 5.543   -8.849  2.683   1.00 30.18 ? 7   VAL A CA  1 
ATOM 33  C C   . VAL A 1 7   ? 5.884   -7.535  1.996   1.00 29.45 ? 7   VAL A C   1 
ATOM 34  O O   . VAL A 1 7   ? 5.022   -6.667  1.860   1.00 28.25 ? 7   VAL A O   1 
ATOM 35  C CB  . VAL A 1 7   ? 4.639   -9.684  1.752   1.00 30.96 ? 7   VAL A CB  1 
ATOM 36  C CG1 . VAL A 1 7   ? 5.399   -10.062 0.494   1.00 31.97 ? 7   VAL A CG1 1 
ATOM 37  C CG2 . VAL A 1 7   ? 4.153   -10.927 2.477   1.00 31.29 ? 7   VAL A CG2 1 
ATOM 38  N N   . SER A 1 8   ? 7.138   -7.392  1.581   1.00 27.84 ? 8   SER A N   1 
ATOM 39  C CA  . SER A 1 8   ? 7.599   -6.182  0.915   1.00 27.21 ? 8   SER A CA  1 
ATOM 40  C C   . SER A 1 8   ? 7.897   -6.466  -0.552  1.00 26.26 ? 8   SER A C   1 
ATOM 41  O O   . SER A 1 8   ? 8.692   -7.348  -0.876  1.00 25.31 ? 8   SER A O   1 
ATOM 42  C CB  . SER A 1 8   ? 8.853   -5.648  1.610   1.00 28.12 ? 8   SER A CB  1 
ATOM 43  O OG  . SER A 1 8   ? 9.307   -4.458  0.995   1.00 29.61 ? 8   SER A OG  1 
ATOM 44  N N   . VAL A 1 9   ? 7.258   -5.715  -1.442  1.00 24.47 ? 9   VAL A N   1 
ATOM 45  C CA  . VAL A 1 9   ? 7.461   -5.918  -2.871  1.00 23.41 ? 9   VAL A CA  1 
ATOM 46  C C   . VAL A 1 9   ? 7.706   -4.618  -3.624  1.00 23.60 ? 9   VAL A C   1 
ATOM 47  O O   . VAL A 1 9   ? 7.422   -3.528  -3.126  1.00 21.58 ? 9   VAL A O   1 
ATOM 48  C CB  . VAL A 1 9   ? 6.245   -6.624  -3.506  1.00 24.11 ? 9   VAL A CB  1 
ATOM 49  C CG1 . VAL A 1 9   ? 6.038   -7.986  -2.863  1.00 23.34 ? 9   VAL A CG1 1 
ATOM 50  C CG2 . VAL A 1 9   ? 5.002   -5.770  -3.329  1.00 22.54 ? 9   VAL A CG2 1 
ATOM 51  N N   . SER A 1 10  ? 8.246   -4.748  -4.831  1.00 23.67 ? 10  SER A N   1 
ATOM 52  C CA  . SER A 1 10  ? 8.532   -3.600  -5.678  1.00 24.80 ? 10  SER A CA  1 
ATOM 53  C C   . SER A 1 10  ? 8.067   -3.908  -7.093  1.00 25.29 ? 10  SER A C   1 
ATOM 54  O O   . SER A 1 10  ? 8.540   -4.863  -7.716  1.00 24.61 ? 10  SER A O   1 
ATOM 55  C CB  . SER A 1 10  ? 10.032  -3.303  -5.671  1.00 26.64 ? 10  SER A CB  1 
ATOM 56  O OG  . SER A 1 10  ? 10.332  -2.210  -6.517  1.00 30.15 ? 10  SER A OG  1 
ATOM 57  N N   . GLY A 1 11  ? 7.136   -3.107  -7.601  1.00 23.91 ? 11  GLY A N   1 
ATOM 58  C CA  . GLY A 1 11  ? 6.636   -3.335  -8.946  1.00 23.39 ? 11  GLY A CA  1 
ATOM 59  C C   . GLY A 1 11  ? 5.367   -4.166  -8.968  1.00 22.80 ? 11  GLY A C   1 
ATOM 60  O O   . GLY A 1 11  ? 5.055   -4.868  -8.006  1.00 23.08 ? 11  GLY A O   1 
ATOM 61  N N   . PHE A 1 12  ? 4.635   -4.101  -10.075 1.00 22.92 ? 12  PHE A N   1 
ATOM 62  C CA  . PHE A 1 12  ? 3.385   -4.833  -10.191 1.00 23.77 ? 12  PHE A CA  1 
ATOM 63  C C   . PHE A 1 12  ? 3.554   -6.346  -10.234 1.00 23.96 ? 12  PHE A C   1 
ATOM 64  O O   . PHE A 1 12  ? 2.744   -7.082  -9.672  1.00 22.35 ? 12  PHE A O   1 
ATOM 65  C CB  . PHE A 1 12  ? 2.612   -4.398  -11.436 1.00 24.93 ? 12  PHE A CB  1 
ATOM 66  C CG  . PHE A 1 12  ? 1.272   -5.059  -11.562 1.00 25.17 ? 12  PHE A CG  1 
ATOM 67  C CD1 . PHE A 1 12  ? 0.212   -4.667  -10.750 1.00 26.41 ? 12  PHE A CD1 1 
ATOM 68  C CD2 . PHE A 1 12  ? 1.085   -6.116  -12.449 1.00 26.35 ? 12  PHE A CD2 1 
ATOM 69  C CE1 . PHE A 1 12  ? -1.021  -5.325  -10.815 1.00 26.69 ? 12  PHE A CE1 1 
ATOM 70  C CE2 . PHE A 1 12  ? -0.139  -6.780  -12.523 1.00 26.45 ? 12  PHE A CE2 1 
ATOM 71  C CZ  . PHE A 1 12  ? -1.193  -6.385  -11.704 1.00 26.71 ? 12  PHE A CZ  1 
ATOM 72  N N   . GLU A 1 13  ? 4.601   -6.804  -10.911 1.00 25.76 ? 13  GLU A N   1 
ATOM 73  C CA  . GLU A 1 13  ? 4.852   -8.237  -11.040 1.00 27.74 ? 13  GLU A CA  1 
ATOM 74  C C   . GLU A 1 13  ? 5.023   -8.899  -9.679  1.00 26.99 ? 13  GLU A C   1 
ATOM 75  O O   . GLU A 1 13  ? 4.399   -9.923  -9.396  1.00 27.18 ? 13  GLU A O   1 
ATOM 76  C CB  . GLU A 1 13  ? 6.098   -8.478  -11.893 1.00 29.94 ? 13  GLU A CB  1 
ATOM 77  C CG  . GLU A 1 13  ? 6.235   -9.904  -12.390 1.00 35.01 ? 13  GLU A CG  1 
ATOM 78  C CD  . GLU A 1 13  ? 5.122   -10.293 -13.350 1.00 37.35 ? 13  GLU A CD  1 
ATOM 79  O OE1 . GLU A 1 13  ? 5.084   -11.472 -13.765 1.00 40.78 ? 13  GLU A OE1 1 
ATOM 80  O OE2 . GLU A 1 13  ? 4.290   -9.422  -13.695 1.00 38.57 ? 13  GLU A OE2 1 
ATOM 81  N N   . GLU A 1 14  ? 5.873   -8.319  -8.839  1.00 26.55 ? 14  GLU A N   1 
ATOM 82  C CA  . GLU A 1 14  ? 6.104   -8.863  -7.507  1.00 25.96 ? 14  GLU A CA  1 
ATOM 83  C C   . GLU A 1 14  ? 4.837   -8.809  -6.661  1.00 25.62 ? 14  GLU A C   1 
ATOM 84  O O   . GLU A 1 14  ? 4.556   -9.733  -5.895  1.00 24.19 ? 14  GLU A O   1 
ATOM 85  C CB  . GLU A 1 14  ? 7.225   -8.095  -6.806  1.00 27.19 ? 14  GLU A CB  1 
ATOM 86  C CG  . GLU A 1 14  ? 8.624   -8.495  -7.239  1.00 28.96 ? 14  GLU A CG  1 
ATOM 87  C CD  . GLU A 1 14  ? 9.698   -7.662  -6.569  1.00 30.72 ? 14  GLU A CD  1 
ATOM 88  O OE1 . GLU A 1 14  ? 9.551   -7.354  -5.364  1.00 29.80 ? 14  GLU A OE1 1 
ATOM 89  O OE2 . GLU A 1 14  ? 10.697  -7.326  -7.244  1.00 31.71 ? 14  GLU A OE2 1 
ATOM 90  N N   . PHE A 1 15  ? 4.076   -7.723  -6.793  1.00 24.55 ? 15  PHE A N   1 
ATOM 91  C CA  . PHE A 1 15  ? 2.836   -7.562  -6.036  1.00 24.59 ? 15  PHE A CA  1 
ATOM 92  C C   . PHE A 1 15  ? 1.850   -8.678  -6.368  1.00 26.06 ? 15  PHE A C   1 
ATOM 93  O O   . PHE A 1 15  ? 1.336   -9.358  -5.480  1.00 26.59 ? 15  PHE A O   1 
ATOM 94  C CB  . PHE A 1 15  ? 2.175   -6.216  -6.362  1.00 24.84 ? 15  PHE A CB  1 
ATOM 95  C CG  . PHE A 1 15  ? 0.853   -6.016  -5.676  1.00 24.36 ? 15  PHE A CG  1 
ATOM 96  C CD1 . PHE A 1 15  ? 0.797   -5.709  -4.319  1.00 25.17 ? 15  PHE A CD1 1 
ATOM 97  C CD2 . PHE A 1 15  ? -0.339  -6.181  -6.375  1.00 24.73 ? 15  PHE A CD2 1 
ATOM 98  C CE1 . PHE A 1 15  ? -0.430  -5.574  -3.665  1.00 24.84 ? 15  PHE A CE1 1 
ATOM 99  C CE2 . PHE A 1 15  ? -1.570  -6.050  -5.735  1.00 25.16 ? 15  PHE A CE2 1 
ATOM 100 C CZ  . PHE A 1 15  ? -1.617  -5.746  -4.375  1.00 25.28 ? 15  PHE A CZ  1 
ATOM 101 N N   . HIS A 1 16  ? 1.588   -8.849  -7.660  1.00 27.33 ? 16  HIS A N   1 
ATOM 102 C CA  . HIS A 1 16  ? 0.664   -9.865  -8.142  1.00 30.11 ? 16  HIS A CA  1 
ATOM 103 C C   . HIS A 1 16  ? 1.077   -11.240 -7.629  1.00 30.52 ? 16  HIS A C   1 
ATOM 104 O O   . HIS A 1 16  ? 0.234   -12.055 -7.260  1.00 31.45 ? 16  HIS A O   1 
ATOM 105 C CB  . HIS A 1 16  ? 0.652   -9.858  -9.673  1.00 31.71 ? 16  HIS A CB  1 
ATOM 106 C CG  . HIS A 1 16  ? -0.428  -10.700 -10.276 1.00 35.47 ? 16  HIS A CG  1 
ATOM 107 N ND1 . HIS A 1 16  ? -1.769  -10.446 -10.076 1.00 37.25 ? 16  HIS A ND1 1 
ATOM 108 C CD2 . HIS A 1 16  ? -0.367  -11.791 -11.075 1.00 36.54 ? 16  HIS A CD2 1 
ATOM 109 C CE1 . HIS A 1 16  ? -2.487  -11.344 -10.726 1.00 37.90 ? 16  HIS A CE1 1 
ATOM 110 N NE2 . HIS A 1 16  ? -1.661  -12.172 -11.341 1.00 38.47 ? 16  HIS A NE2 1 
ATOM 111 N N   . ARG A 1 17  ? 2.382   -11.486 -7.603  1.00 31.52 ? 17  ARG A N   1 
ATOM 112 C CA  . ARG A 1 17  ? 2.919   -12.757 -7.139  1.00 33.56 ? 17  ARG A CA  1 
ATOM 113 C C   . ARG A 1 17  ? 2.622   -12.947 -5.655  1.00 33.51 ? 17  ARG A C   1 
ATOM 114 O O   . ARG A 1 17  ? 2.216   -14.026 -5.222  1.00 33.56 ? 17  ARG A O   1 
ATOM 115 C CB  . ARG A 1 17  ? 4.428   -12.795 -7.362  1.00 35.49 ? 17  ARG A CB  1 
ATOM 116 C CG  . ARG A 1 17  ? 5.039   -14.158 -7.150  1.00 39.06 ? 17  ARG A CG  1 
ATOM 117 C CD  . ARG A 1 17  ? 6.551   -14.097 -7.198  1.00 41.76 ? 17  ARG A CD  1 
ATOM 118 N NE  . ARG A 1 17  ? 7.129   -15.434 -7.145  1.00 44.30 ? 17  ARG A NE  1 
ATOM 119 C CZ  . ARG A 1 17  ? 8.427   -15.686 -7.015  1.00 45.77 ? 17  ARG A CZ  1 
ATOM 120 N NH1 . ARG A 1 17  ? 9.297   -14.687 -6.921  1.00 45.91 ? 17  ARG A NH1 1 
ATOM 121 N NH2 . ARG A 1 17  ? 8.854   -16.941 -6.987  1.00 46.89 ? 17  ARG A NH2 1 
ATOM 122 N N   . ALA A 1 18  ? 2.825   -11.884 -4.882  1.00 33.28 ? 18  ALA A N   1 
ATOM 123 C CA  . ALA A 1 18  ? 2.584   -11.918 -3.445  1.00 33.53 ? 18  ALA A CA  1 
ATOM 124 C C   . ALA A 1 18  ? 1.124   -12.199 -3.098  1.00 34.03 ? 18  ALA A C   1 
ATOM 125 O O   . ALA A 1 18  ? 0.840   -12.953 -2.171  1.00 34.43 ? 18  ALA A O   1 
ATOM 126 C CB  . ALA A 1 18  ? 3.027   -10.600 -2.814  1.00 32.36 ? 18  ALA A CB  1 
ATOM 127 N N   . VAL A 1 19  ? 0.194   -11.600 -3.832  1.00 34.57 ? 19  VAL A N   1 
ATOM 128 C CA  . VAL A 1 19  ? -1.221  -11.820 -3.547  1.00 36.00 ? 19  VAL A CA  1 
ATOM 129 C C   . VAL A 1 19  ? -1.662  -13.233 -3.912  1.00 36.89 ? 19  VAL A C   1 
ATOM 130 O O   . VAL A 1 19  ? -2.526  -13.807 -3.252  1.00 36.68 ? 19  VAL A O   1 
ATOM 131 C CB  . VAL A 1 19  ? -2.121  -10.811 -4.291  1.00 36.25 ? 19  VAL A CB  1 
ATOM 132 C CG1 . VAL A 1 19  ? -1.736  -9.389  -3.905  1.00 36.14 ? 19  VAL A CG1 1 
ATOM 133 C CG2 . VAL A 1 19  ? -2.006  -11.012 -5.785  1.00 37.22 ? 19  VAL A CG2 1 
ATOM 134 N N   . GLU A 1 20  ? -1.066  -13.792 -4.959  1.00 38.49 ? 20  GLU A N   1 
ATOM 135 C CA  . GLU A 1 20  ? -1.415  -15.143 -5.390  1.00 39.86 ? 20  GLU A CA  1 
ATOM 136 C C   . GLU A 1 20  ? -1.016  -16.168 -4.339  1.00 39.94 ? 20  GLU A C   1 
ATOM 137 O O   . GLU A 1 20  ? -1.706  -17.169 -4.143  1.00 39.72 ? 20  GLU A O   1 
ATOM 138 C CB  . GLU A 1 20  ? -0.730  -15.474 -6.719  1.00 41.41 ? 20  GLU A CB  1 
ATOM 139 C CG  . GLU A 1 20  ? -1.271  -14.687 -7.897  1.00 44.56 ? 20  GLU A CG  1 
ATOM 140 C CD  . GLU A 1 20  ? -2.768  -14.856 -8.062  1.00 46.16 ? 20  GLU A CD  1 
ATOM 141 O OE1 . GLU A 1 20  ? -3.227  -16.014 -8.169  1.00 48.06 ? 20  GLU A OE1 1 
ATOM 142 O OE2 . GLU A 1 20  ? -3.487  -13.835 -8.082  1.00 47.56 ? 20  GLU A OE2 1 
ATOM 143 N N   . GLN A 1 21  ? 0.098   -15.911 -3.661  1.00 40.20 ? 21  GLN A N   1 
ATOM 144 C CA  . GLN A 1 21  ? 0.590   -16.812 -2.627  1.00 40.72 ? 21  GLN A CA  1 
ATOM 145 C C   . GLN A 1 21  ? -0.192  -16.704 -1.319  1.00 40.92 ? 21  GLN A C   1 
ATOM 146 O O   . GLN A 1 21  ? -0.005  -17.517 -0.414  1.00 41.12 ? 21  GLN A O   1 
ATOM 147 C CB  . GLN A 1 21  ? 2.071   -16.542 -2.362  1.00 40.97 ? 21  GLN A CB  1 
ATOM 148 C CG  . GLN A 1 21  ? 2.957   -16.752 -3.578  1.00 42.21 ? 21  GLN A CG  1 
ATOM 149 C CD  . GLN A 1 21  ? 4.429   -16.603 -3.261  1.00 42.59 ? 21  GLN A CD  1 
ATOM 150 O OE1 . GLN A 1 21  ? 5.282   -16.776 -4.129  1.00 44.19 ? 21  GLN A OE1 1 
ATOM 151 N NE2 . GLN A 1 21  ? 4.735   -16.282 -2.012  1.00 43.83 ? 21  GLN A NE2 1 
ATOM 152 N N   . HIS A 1 22  ? -1.062  -15.701 -1.220  1.00 40.76 ? 22  HIS A N   1 
ATOM 153 C CA  . HIS A 1 22  ? -1.870  -15.500 -0.017  1.00 40.63 ? 22  HIS A CA  1 
ATOM 154 C C   . HIS A 1 22  ? -3.350  -15.392 -0.384  1.00 41.75 ? 22  HIS A C   1 
ATOM 155 O O   . HIS A 1 22  ? -4.154  -14.868 0.385   1.00 41.80 ? 22  HIS A O   1 
ATOM 156 C CB  . HIS A 1 22  ? -1.438  -14.225 0.721   1.00 39.41 ? 22  HIS A CB  1 
ATOM 157 C CG  . HIS A 1 22  ? 0.003   -14.212 1.134   1.00 37.83 ? 22  HIS A CG  1 
ATOM 158 N ND1 . HIS A 1 22  ? 1.030   -13.957 0.251   1.00 37.73 ? 22  HIS A ND1 1 
ATOM 159 C CD2 . HIS A 1 22  ? 0.588   -14.430 2.336   1.00 37.70 ? 22  HIS A CD2 1 
ATOM 160 C CE1 . HIS A 1 22  ? 2.185   -14.019 0.889   1.00 37.12 ? 22  HIS A CE1 1 
ATOM 161 N NE2 . HIS A 1 22  ? 1.945   -14.305 2.155   1.00 37.11 ? 22  HIS A NE2 1 
ATOM 162 N N   . ASN A 1 23  ? -3.697  -15.901 -1.560  1.00 42.97 ? 23  ASN A N   1 
ATOM 163 C CA  . ASN A 1 23  ? -5.065  -15.864 -2.076  1.00 44.22 ? 23  ASN A CA  1 
ATOM 164 C C   . ASN A 1 23  ? -6.168  -16.132 -1.042  1.00 44.56 ? 23  ASN A C   1 
ATOM 165 O O   . ASN A 1 23  ? -7.282  -15.622 -1.176  1.00 45.06 ? 23  ASN A O   1 
ATOM 166 C CB  . ASN A 1 23  ? -5.204  -16.867 -3.229  1.00 45.35 ? 23  ASN A CB  1 
ATOM 167 C CG  . ASN A 1 23  ? -6.138  -16.378 -4.324  1.00 46.11 ? 23  ASN A CG  1 
ATOM 168 O OD1 . ASN A 1 23  ? -7.253  -15.927 -4.055  1.00 46.87 ? 23  ASN A OD1 1 
ATOM 169 N ND2 . ASN A 1 23  ? -5.686  -16.474 -5.571  1.00 46.14 ? 23  ASN A ND2 1 
ATOM 170 N N   . GLY A 1 24  ? -5.867  -16.921 -0.014  1.00 44.20 ? 24  GLY A N   1 
ATOM 171 C CA  . GLY A 1 24  ? -6.876  -17.231 0.988   1.00 43.57 ? 24  GLY A CA  1 
ATOM 172 C C   . GLY A 1 24  ? -6.751  -16.535 2.333   1.00 43.21 ? 24  GLY A C   1 
ATOM 173 O O   . GLY A 1 24  ? -7.192  -17.067 3.353   1.00 43.24 ? 24  GLY A O   1 
ATOM 174 N N   . LYS A 1 25  ? -6.164  -15.342 2.342   1.00 42.33 ? 25  LYS A N   1 
ATOM 175 C CA  . LYS A 1 25  ? -5.988  -14.587 3.580   1.00 40.90 ? 25  LYS A CA  1 
ATOM 176 C C   . LYS A 1 25  ? -6.442  -13.146 3.380   1.00 39.10 ? 25  LYS A C   1 
ATOM 177 O O   . LYS A 1 25  ? -6.426  -12.643 2.259   1.00 39.63 ? 25  LYS A O   1 
ATOM 178 C CB  . LYS A 1 25  ? -4.514  -14.599 3.989   1.00 41.79 ? 25  LYS A CB  1 
ATOM 179 C CG  . LYS A 1 25  ? -3.872  -15.980 3.986   1.00 42.82 ? 25  LYS A CG  1 
ATOM 180 C CD  . LYS A 1 25  ? -2.375  -15.883 4.248   1.00 43.72 ? 25  LYS A CD  1 
ATOM 181 C CE  . LYS A 1 25  ? -1.683  -17.228 4.065   1.00 44.73 ? 25  LYS A CE  1 
ATOM 182 N NZ  . LYS A 1 25  ? -0.207  -17.128 4.255   1.00 44.87 ? 25  LYS A NZ  1 
ATOM 183 N N   . THR A 1 26  ? -6.861  -12.487 4.459   1.00 36.66 ? 26  THR A N   1 
ATOM 184 C CA  . THR A 1 26  ? -7.283  -11.091 4.365   1.00 34.21 ? 26  THR A CA  1 
ATOM 185 C C   . THR A 1 26  ? -6.019  -10.294 4.066   1.00 32.17 ? 26  THR A C   1 
ATOM 186 O O   . THR A 1 26  ? -5.041  -10.376 4.809   1.00 31.97 ? 26  THR A O   1 
ATOM 187 C CB  . THR A 1 26  ? -7.892  -10.577 5.688   1.00 34.40 ? 26  THR A CB  1 
ATOM 188 O OG1 . THR A 1 26  ? -9.100  -11.293 5.974   1.00 34.91 ? 26  THR A OG1 1 
ATOM 189 C CG2 . THR A 1 26  ? -8.205  -9.091  5.582   1.00 34.38 ? 26  THR A CG2 1 
ATOM 190 N N   . ILE A 1 27  ? -6.041  -9.525  2.983   1.00 30.19 ? 27  ILE A N   1 
ATOM 191 C CA  . ILE A 1 27  ? -4.872  -8.751  2.576   1.00 27.66 ? 27  ILE A CA  1 
ATOM 192 C C   . ILE A 1 27  ? -5.053  -7.232  2.609   1.00 25.57 ? 27  ILE A C   1 
ATOM 193 O O   . ILE A 1 27  ? -6.048  -6.707  2.119   1.00 24.92 ? 27  ILE A O   1 
ATOM 194 C CB  . ILE A 1 27  ? -4.440  -9.138  1.132   1.00 28.03 ? 27  ILE A CB  1 
ATOM 195 C CG1 . ILE A 1 27  ? -4.126  -10.632 1.058   1.00 27.83 ? 27  ILE A CG1 1 
ATOM 196 C CG2 . ILE A 1 27  ? -3.223  -8.325  0.705   1.00 28.42 ? 27  ILE A CG2 1 
ATOM 197 C CD1 . ILE A 1 27  ? -3.776  -11.105 -0.339  1.00 28.05 ? 27  ILE A CD1 1 
ATOM 198 N N   . PHE A 1 28  ? -4.084  -6.546  3.204   1.00 24.95 ? 28  PHE A N   1 
ATOM 199 C CA  . PHE A 1 28  ? -4.069  -5.085  3.261   1.00 24.09 ? 28  PHE A CA  1 
ATOM 200 C C   . PHE A 1 28  ? -2.819  -4.688  2.485   1.00 22.49 ? 28  PHE A C   1 
ATOM 201 O O   . PHE A 1 28  ? -1.739  -5.215  2.735   1.00 22.59 ? 28  PHE A O   1 
ATOM 202 C CB  . PHE A 1 28  ? -3.929  -4.566  4.695   1.00 25.29 ? 28  PHE A CB  1 
ATOM 203 C CG  . PHE A 1 28  ? -5.117  -4.838  5.564   1.00 26.61 ? 28  PHE A CG  1 
ATOM 204 C CD1 . PHE A 1 28  ? -5.149  -5.958  6.390   1.00 27.26 ? 28  PHE A CD1 1 
ATOM 205 C CD2 . PHE A 1 28  ? -6.202  -3.971  5.563   1.00 27.20 ? 28  PHE A CD2 1 
ATOM 206 C CE1 . PHE A 1 28  ? -6.246  -6.209  7.208   1.00 28.47 ? 28  PHE A CE1 1 
ATOM 207 C CE2 . PHE A 1 28  ? -7.309  -4.211  6.378   1.00 28.78 ? 28  PHE A CE2 1 
ATOM 208 C CZ  . PHE A 1 28  ? -7.331  -5.332  7.202   1.00 29.26 ? 28  PHE A CZ  1 
ATOM 209 N N   . ALA A 1 29  ? -2.953  -3.761  1.547   1.00 21.21 ? 29  ALA A N   1 
ATOM 210 C CA  . ALA A 1 29  ? -1.802  -3.346  0.764   1.00 20.03 ? 29  ALA A CA  1 
ATOM 211 C C   . ALA A 1 29  ? -1.593  -1.846  0.860   1.00 19.19 ? 29  ALA A C   1 
ATOM 212 O O   . ALA A 1 29  ? -2.548  -1.076  0.811   1.00 19.62 ? 29  ALA A O   1 
ATOM 213 C CB  . ALA A 1 29  ? -1.987  -3.752  -0.692  1.00 20.88 ? 29  ALA A CB  1 
ATOM 214 N N   . TYR A 1 30  ? -0.335  -1.449  1.012   1.00 18.08 ? 30  TYR A N   1 
ATOM 215 C CA  . TYR A 1 30  ? 0.030   -0.039  1.099   1.00 17.02 ? 30  TYR A CA  1 
ATOM 216 C C   . TYR A 1 30  ? 0.842   0.261   -0.149  1.00 16.64 ? 30  TYR A C   1 
ATOM 217 O O   . TYR A 1 30  ? 1.878   -0.362  -0.385  1.00 16.92 ? 30  TYR A O   1 
ATOM 218 C CB  . TYR A 1 30  ? 0.880   0.216   2.344   1.00 17.79 ? 30  TYR A CB  1 
ATOM 219 C CG  . TYR A 1 30  ? 1.332   1.650   2.498   1.00 16.88 ? 30  TYR A CG  1 
ATOM 220 C CD1 . TYR A 1 30  ? 0.407   2.685   2.659   1.00 18.13 ? 30  TYR A CD1 1 
ATOM 221 C CD2 . TYR A 1 30  ? 2.689   1.974   2.487   1.00 17.24 ? 30  TYR A CD2 1 
ATOM 222 C CE1 . TYR A 1 30  ? 0.831   4.012   2.803   1.00 18.14 ? 30  TYR A CE1 1 
ATOM 223 C CE2 . TYR A 1 30  ? 3.123   3.290   2.635   1.00 17.90 ? 30  TYR A CE2 1 
ATOM 224 C CZ  . TYR A 1 30  ? 2.192   4.302   2.790   1.00 19.08 ? 30  TYR A CZ  1 
ATOM 225 O OH  . TYR A 1 30  ? 2.627   5.604   2.927   1.00 20.80 ? 30  TYR A OH  1 
ATOM 226 N N   . PHE A 1 31  ? 0.357   1.196   -0.959  1.00 15.59 ? 31  PHE A N   1 
ATOM 227 C CA  . PHE A 1 31  ? 1.033   1.567   -2.195  1.00 14.55 ? 31  PHE A CA  1 
ATOM 228 C C   . PHE A 1 31  ? 1.764   2.870   -1.953  1.00 15.13 ? 31  PHE A C   1 
ATOM 229 O O   . PHE A 1 31  ? 1.158   3.860   -1.542  1.00 13.99 ? 31  PHE A O   1 
ATOM 230 C CB  . PHE A 1 31  ? 0.000   1.703   -3.319  1.00 15.19 ? 31  PHE A CB  1 
ATOM 231 C CG  . PHE A 1 31  ? -0.679  0.407   -3.654  1.00 15.65 ? 31  PHE A CG  1 
ATOM 232 C CD1 . PHE A 1 31  ? -0.067  -0.513  -4.504  1.00 16.69 ? 31  PHE A CD1 1 
ATOM 233 C CD2 . PHE A 1 31  ? -1.894  0.072   -3.066  1.00 17.20 ? 31  PHE A CD2 1 
ATOM 234 C CE1 . PHE A 1 31  ? -0.657  -1.755  -4.761  1.00 16.51 ? 31  PHE A CE1 1 
ATOM 235 C CE2 . PHE A 1 31  ? -2.490  -1.166  -3.314  1.00 17.39 ? 31  PHE A CE2 1 
ATOM 236 C CZ  . PHE A 1 31  ? -1.871  -2.077  -4.160  1.00 15.91 ? 31  PHE A CZ  1 
ATOM 237 N N   . THR A 1 32  ? 3.071   2.861   -2.203  1.00 15.07 ? 32  THR A N   1 
ATOM 238 C CA  . THR A 1 32  ? 3.901   4.033   -1.958  1.00 16.34 ? 32  THR A CA  1 
ATOM 239 C C   . THR A 1 32  ? 4.966   4.206   -3.036  1.00 16.83 ? 32  THR A C   1 
ATOM 240 O O   . THR A 1 32  ? 5.232   3.296   -3.815  1.00 15.30 ? 32  THR A O   1 
ATOM 241 C CB  . THR A 1 32  ? 4.587   3.912   -0.571  1.00 17.40 ? 32  THR A CB  1 
ATOM 242 O OG1 . THR A 1 32  ? 5.290   5.122   -0.261  1.00 19.34 ? 32  THR A OG1 1 
ATOM 243 C CG2 . THR A 1 32  ? 5.569   2.755   -0.565  1.00 16.48 ? 32  THR A CG2 1 
ATOM 244 N N   . GLY A 1 33  ? 5.567   5.388   -3.082  1.00 18.68 ? 33  GLY A N   1 
ATOM 245 C CA  . GLY A 1 33  ? 6.600   5.650   -4.066  1.00 21.07 ? 33  GLY A CA  1 
ATOM 246 C C   . GLY A 1 33  ? 7.899   4.977   -3.679  1.00 23.20 ? 33  GLY A C   1 
ATOM 247 O O   . GLY A 1 33  ? 8.186   4.803   -2.495  1.00 23.28 ? 33  GLY A O   1 
ATOM 248 N N   . SER A 1 34  ? 8.687   4.585   -4.674  1.00 24.23 ? 34  SER A N   1 
ATOM 249 C CA  . SER A 1 34  ? 9.959   3.930   -4.418  1.00 27.12 ? 34  SER A CA  1 
ATOM 250 C C   . SER A 1 34  ? 11.029  4.921   -3.976  1.00 28.59 ? 34  SER A C   1 
ATOM 251 O O   . SER A 1 34  ? 10.954  6.111   -4.276  1.00 28.70 ? 34  SER A O   1 
ATOM 252 C CB  . SER A 1 34  ? 10.445  3.208   -5.679  1.00 27.52 ? 34  SER A CB  1 
ATOM 253 O OG  . SER A 1 34  ? 9.509   2.235   -6.113  1.00 30.12 ? 34  SER A OG  1 
ATOM 254 N N   . LYS A 1 35  ? 12.023  4.420   -3.251  1.00 30.53 ? 35  LYS A N   1 
ATOM 255 C CA  . LYS A 1 35  ? 13.137  5.247   -2.807  1.00 32.81 ? 35  LYS A CA  1 
ATOM 256 C C   . LYS A 1 35  ? 14.287  4.836   -3.725  1.00 33.92 ? 35  LYS A C   1 
ATOM 257 O O   . LYS A 1 35  ? 14.430  3.654   -4.040  1.00 34.35 ? 35  LYS A O   1 
ATOM 258 C CB  . LYS A 1 35  ? 13.485  4.941   -1.349  1.00 34.28 ? 35  LYS A CB  1 
ATOM 259 C CG  . LYS A 1 35  ? 12.285  4.953   -0.414  1.00 36.00 ? 35  LYS A CG  1 
ATOM 260 C CD  . LYS A 1 35  ? 12.703  4.906   1.048   1.00 38.16 ? 35  LYS A CD  1 
ATOM 261 C CE  . LYS A 1 35  ? 13.397  6.199   1.465   1.00 38.87 ? 35  LYS A CE  1 
ATOM 262 N NZ  . LYS A 1 35  ? 13.831  6.189   2.893   1.00 39.96 ? 35  LYS A NZ  1 
ATOM 263 N N   . ASP A 1 36  ? 15.088  5.793   -4.179  1.00 35.25 ? 36  ASP A N   1 
ATOM 264 C CA  . ASP A 1 36  ? 16.195  5.450   -5.070  1.00 37.03 ? 36  ASP A CA  1 
ATOM 265 C C   . ASP A 1 36  ? 17.338  4.778   -4.317  1.00 37.49 ? 36  ASP A C   1 
ATOM 266 O O   . ASP A 1 36  ? 17.225  4.497   -3.121  1.00 37.15 ? 36  ASP A O   1 
ATOM 267 C CB  . ASP A 1 36  ? 16.718  6.691   -5.810  1.00 37.69 ? 36  ASP A CB  1 
ATOM 268 C CG  . ASP A 1 36  ? 17.187  7.787   -4.871  1.00 38.58 ? 36  ASP A CG  1 
ATOM 269 O OD1 . ASP A 1 36  ? 17.687  7.464   -3.776  1.00 38.52 ? 36  ASP A OD1 1 
ATOM 270 O OD2 . ASP A 1 36  ? 17.070  8.976   -5.242  1.00 39.89 ? 36  ASP A OD2 1 
ATOM 271 N N   . ALA A 1 37  ? 18.433  4.507   -5.024  1.00 38.16 ? 37  ALA A N   1 
ATOM 272 C CA  . ALA A 1 37  ? 19.590  3.866   -4.410  1.00 39.01 ? 37  ALA A CA  1 
ATOM 273 C C   . ALA A 1 37  ? 20.098  4.716   -3.247  1.00 39.49 ? 37  ALA A C   1 
ATOM 274 O O   . ALA A 1 37  ? 20.560  4.187   -2.237  1.00 40.33 ? 37  ALA A O   1 
ATOM 275 C CB  . ALA A 1 37  ? 20.696  3.668   -5.446  1.00 38.84 ? 37  ALA A CB  1 
ATOM 276 N N   . GLY A 1 38  ? 19.995  6.034   -3.392  1.00 39.28 ? 38  GLY A N   1 
ATOM 277 C CA  . GLY A 1 38  ? 20.449  6.929   -2.341  1.00 39.14 ? 38  GLY A CA  1 
ATOM 278 C C   . GLY A 1 38  ? 19.509  7.003   -1.152  1.00 39.34 ? 38  GLY A C   1 
ATOM 279 O O   . GLY A 1 38  ? 19.863  7.554   -0.107  1.00 38.95 ? 38  GLY A O   1 
ATOM 280 N N   . GLY A 1 39  ? 18.308  6.452   -1.308  1.00 39.09 ? 39  GLY A N   1 
ATOM 281 C CA  . GLY A 1 39  ? 17.334  6.469   -0.230  1.00 39.23 ? 39  GLY A CA  1 
ATOM 282 C C   . GLY A 1 39  ? 16.380  7.652   -0.283  1.00 39.44 ? 39  GLY A C   1 
ATOM 283 O O   . GLY A 1 39  ? 15.667  7.924   0.685   1.00 39.84 ? 39  GLY A O   1 
ATOM 284 N N   . LYS A 1 40  ? 16.357  8.351   -1.413  1.00 39.23 ? 40  LYS A N   1 
ATOM 285 C CA  . LYS A 1 40  ? 15.492  9.516   -1.584  1.00 38.80 ? 40  LYS A CA  1 
ATOM 286 C C   . LYS A 1 40  ? 14.104  9.128   -2.096  1.00 37.60 ? 40  LYS A C   1 
ATOM 287 O O   . LYS A 1 40  ? 13.978  8.331   -3.030  1.00 37.30 ? 40  LYS A O   1 
ATOM 288 C CB  . LYS A 1 40  ? 16.137  10.500  -2.563  1.00 40.99 ? 40  LYS A CB  1 
ATOM 289 C CG  . LYS A 1 40  ? 17.584  10.851  -2.240  1.00 42.63 ? 40  LYS A CG  1 
ATOM 290 C CD  . LYS A 1 40  ? 18.171  11.785  -3.290  1.00 44.62 ? 40  LYS A CD  1 
ATOM 291 C CE  . LYS A 1 40  ? 19.645  12.064  -3.022  1.00 45.96 ? 40  LYS A CE  1 
ATOM 292 N NZ  . LYS A 1 40  ? 20.221  13.039  -3.996  1.00 46.62 ? 40  LYS A NZ  1 
ATOM 293 N N   . SER A 1 41  ? 13.068  9.702   -1.485  1.00 35.65 ? 41  SER A N   1 
ATOM 294 C CA  . SER A 1 41  ? 11.678  9.428   -1.867  1.00 33.08 ? 41  SER A CA  1 
ATOM 295 C C   . SER A 1 41  ? 11.087  10.584  -2.674  1.00 30.89 ? 41  SER A C   1 
ATOM 296 O O   . SER A 1 41  ? 11.260  11.750  -2.318  1.00 30.81 ? 41  SER A O   1 
ATOM 297 C CB  . SER A 1 41  ? 10.824  9.198   -0.617  1.00 34.11 ? 41  SER A CB  1 
ATOM 298 O OG  . SER A 1 41  ? 11.294  8.084   0.122   1.00 34.51 ? 41  SER A OG  1 
ATOM 299 N N   . TRP A 1 42  ? 10.383  10.265  -3.755  1.00 27.73 ? 42  TRP A N   1 
ATOM 300 C CA  . TRP A 1 42  ? 9.791   11.304  -4.589  1.00 24.81 ? 42  TRP A CA  1 
ATOM 301 C C   . TRP A 1 42  ? 8.380   11.676  -4.161  1.00 23.75 ? 42  TRP A C   1 
ATOM 302 O O   . TRP A 1 42  ? 7.810   12.643  -4.664  1.00 23.94 ? 42  TRP A O   1 
ATOM 303 C CB  . TRP A 1 42  ? 9.766   10.869  -6.056  1.00 23.86 ? 42  TRP A CB  1 
ATOM 304 C CG  . TRP A 1 42  ? 9.029   9.588   -6.303  1.00 22.88 ? 42  TRP A CG  1 
ATOM 305 C CD1 . TRP A 1 42  ? 9.565   8.334   -6.375  1.00 21.63 ? 42  TRP A CD1 1 
ATOM 306 C CD2 . TRP A 1 42  ? 7.624   9.439   -6.541  1.00 21.65 ? 42  TRP A CD2 1 
ATOM 307 N NE1 . TRP A 1 42  ? 8.581   7.413   -6.648  1.00 22.20 ? 42  TRP A NE1 1 
ATOM 308 C CE2 . TRP A 1 42  ? 7.381   8.064   -6.754  1.00 22.08 ? 42  TRP A CE2 1 
ATOM 309 C CE3 . TRP A 1 42  ? 6.547   10.333  -6.596  1.00 21.41 ? 42  TRP A CE3 1 
ATOM 310 C CZ2 . TRP A 1 42  ? 6.102   7.562   -7.019  1.00 21.50 ? 42  TRP A CZ2 1 
ATOM 311 C CZ3 . TRP A 1 42  ? 5.280   9.834   -6.859  1.00 20.14 ? 42  TRP A CZ3 1 
ATOM 312 C CH2 . TRP A 1 42  ? 5.069   8.459   -7.067  1.00 21.21 ? 42  TRP A CH2 1 
ATOM 313 N N   . CYS A 1 43  ? 7.821   10.901  -3.238  1.00 22.31 ? 43  CYS A N   1 
ATOM 314 C CA  . CYS A 1 43  ? 6.468   11.133  -2.750  1.00 21.47 ? 43  CYS A CA  1 
ATOM 315 C C   . CYS A 1 43  ? 6.475   11.595  -1.284  1.00 21.91 ? 43  CYS A C   1 
ATOM 316 O O   . CYS A 1 43  ? 6.528   10.783  -0.364  1.00 21.66 ? 43  CYS A O   1 
ATOM 317 C CB  . CYS A 1 43  ? 5.640   9.843   -2.917  1.00 20.60 ? 43  CYS A CB  1 
ATOM 318 S SG  . CYS A 1 43  ? 4.001   9.893   -2.123  1.00 18.90 ? 43  CYS A SG  1 
ATOM 319 N N   . PRO A 1 44  ? 6.424   12.917  -1.056  1.00 23.08 ? 44  PRO A N   1 
ATOM 320 C CA  . PRO A 1 44  ? 6.425   13.508  0.288   1.00 24.39 ? 44  PRO A CA  1 
ATOM 321 C C   . PRO A 1 44  ? 5.323   12.994  1.209   1.00 24.66 ? 44  PRO A C   1 
ATOM 322 O O   . PRO A 1 44  ? 5.577   12.671  2.371   1.00 24.96 ? 44  PRO A O   1 
ATOM 323 C CB  . PRO A 1 44  ? 6.276   15.004  0.007   1.00 25.05 ? 44  PRO A CB  1 
ATOM 324 C CG  . PRO A 1 44  ? 6.968   15.165  -1.305  1.00 25.75 ? 44  PRO A CG  1 
ATOM 325 C CD  . PRO A 1 44  ? 6.459   13.972  -2.085  1.00 24.24 ? 44  PRO A CD  1 
ATOM 326 N N   . ASP A 1 45  ? 4.099   12.924  0.696   1.00 24.03 ? 45  ASP A N   1 
ATOM 327 C CA  . ASP A 1 45  ? 2.980   12.450  1.501   1.00 24.61 ? 45  ASP A CA  1 
ATOM 328 C C   . ASP A 1 45  ? 3.163   11.001  1.923   1.00 21.88 ? 45  ASP A C   1 
ATOM 329 O O   . ASP A 1 45  ? 2.673   10.587  2.967   1.00 21.76 ? 45  ASP A O   1 
ATOM 330 C CB  . ASP A 1 45  ? 1.673   12.608  0.728   1.00 28.63 ? 45  ASP A CB  1 
ATOM 331 C CG  . ASP A 1 45  ? 1.301   14.059  0.523   1.00 32.64 ? 45  ASP A CG  1 
ATOM 332 O OD1 . ASP A 1 45  ? 2.174   14.833  0.074   1.00 35.77 ? 45  ASP A OD1 1 
ATOM 333 O OD2 . ASP A 1 45  ? 0.140   14.420  0.809   1.00 34.87 ? 45  ASP A OD2 1 
ATOM 334 N N   . CYS A 1 46  ? 3.876   10.235  1.108   1.00 20.70 ? 46  CYS A N   1 
ATOM 335 C CA  . CYS A 1 46  ? 4.123   8.834   1.416   1.00 19.75 ? 46  CYS A CA  1 
ATOM 336 C C   . CYS A 1 46  ? 5.057   8.722   2.609   1.00 19.75 ? 46  CYS A C   1 
ATOM 337 O O   . CYS A 1 46  ? 4.892   7.849   3.456   1.00 19.59 ? 46  CYS A O   1 
ATOM 338 C CB  . CYS A 1 46  ? 4.769   8.135   0.229   1.00 19.45 ? 46  CYS A CB  1 
ATOM 339 S SG  . CYS A 1 46  ? 3.784   8.055   -1.295  1.00 17.05 ? 46  CYS A SG  1 
ATOM 340 N N   . VAL A 1 47  ? 6.051   9.603   2.654   1.00 19.63 ? 47  VAL A N   1 
ATOM 341 C CA  . VAL A 1 47  ? 7.027   9.611   3.740   1.00 20.50 ? 47  VAL A CA  1 
ATOM 342 C C   . VAL A 1 47  ? 6.361   9.948   5.073   1.00 19.66 ? 47  VAL A C   1 
ATOM 343 O O   . VAL A 1 47  ? 6.647   9.335   6.104   1.00 18.39 ? 47  VAL A O   1 
ATOM 344 C CB  . VAL A 1 47  ? 8.137   10.647  3.473   1.00 22.13 ? 47  VAL A CB  1 
ATOM 345 C CG1 . VAL A 1 47  ? 9.107   10.684  4.642   1.00 23.60 ? 47  VAL A CG1 1 
ATOM 346 C CG2 . VAL A 1 47  ? 8.872   10.301  2.184   1.00 23.48 ? 47  VAL A CG2 1 
ATOM 347 N N   . GLN A 1 48  ? 5.472   10.932  5.034   1.00 19.65 ? 48  GLN A N   1 
ATOM 348 C CA  . GLN A 1 48  ? 4.747   11.386  6.220   1.00 20.69 ? 48  GLN A CA  1 
ATOM 349 C C   . GLN A 1 48  ? 3.696   10.393  6.695   1.00 19.57 ? 48  GLN A C   1 
ATOM 350 O O   . GLN A 1 48  ? 3.398   10.305  7.885   1.00 19.75 ? 48  GLN A O   1 
ATOM 351 C CB  . GLN A 1 48  ? 4.061   12.721  5.918   1.00 23.38 ? 48  GLN A CB  1 
ATOM 352 C CG  . GLN A 1 48  ? 5.000   13.916  5.906   1.00 27.23 ? 48  GLN A CG  1 
ATOM 353 C CD  . GLN A 1 48  ? 5.040   14.621  7.247   1.00 28.56 ? 48  GLN A CD  1 
ATOM 354 O OE1 . GLN A 1 48  ? 5.983   15.351  7.552   1.00 31.19 ? 48  GLN A OE1 1 
ATOM 355 N NE2 . GLN A 1 48  ? 4.006   14.415  8.052   1.00 29.05 ? 48  GLN A NE2 1 
ATOM 356 N N   . ALA A 1 49  ? 3.133   9.634   5.765   1.00 17.10 ? 49  ALA A N   1 
ATOM 357 C CA  . ALA A 1 49  ? 2.086   8.694   6.118   1.00 16.34 ? 49  ALA A CA  1 
ATOM 358 C C   . ALA A 1 49  ? 2.551   7.317   6.569   1.00 16.34 ? 49  ALA A C   1 
ATOM 359 O O   . ALA A 1 49  ? 1.848   6.652   7.332   1.00 16.71 ? 49  ALA A O   1 
ATOM 360 C CB  . ALA A 1 49  ? 1.119   8.540   4.945   1.00 16.19 ? 49  ALA A CB  1 
ATOM 361 N N   . GLU A 1 50  ? 3.726   6.883   6.122   1.00 16.41 ? 50  GLU A N   1 
ATOM 362 C CA  . GLU A 1 50  ? 4.176   5.540   6.480   1.00 17.39 ? 50  GLU A CA  1 
ATOM 363 C C   . GLU A 1 50  ? 4.198   5.239   7.970   1.00 17.94 ? 50  GLU A C   1 
ATOM 364 O O   . GLU A 1 50  ? 3.713   4.190   8.396   1.00 18.07 ? 50  GLU A O   1 
ATOM 365 C CB  . GLU A 1 50  ? 5.547   5.230   5.879   1.00 19.44 ? 50  GLU A CB  1 
ATOM 366 C CG  . GLU A 1 50  ? 5.888   3.744   5.987   1.00 21.94 ? 50  GLU A CG  1 
ATOM 367 C CD  . GLU A 1 50  ? 7.098   3.349   5.170   1.00 23.99 ? 50  GLU A CD  1 
ATOM 368 O OE1 . GLU A 1 50  ? 7.233   3.839   4.031   1.00 24.03 ? 50  GLU A OE1 1 
ATOM 369 O OE2 . GLU A 1 50  ? 7.901   2.528   5.660   1.00 24.95 ? 50  GLU A OE2 1 
ATOM 370 N N   . PRO A 1 51  ? 4.754   6.149   8.787   1.00 17.10 ? 51  PRO A N   1 
ATOM 371 C CA  . PRO A 1 51  ? 4.794   5.897   10.230  1.00 17.56 ? 51  PRO A CA  1 
ATOM 372 C C   . PRO A 1 51  ? 3.401   5.759   10.842  1.00 17.72 ? 51  PRO A C   1 
ATOM 373 O O   . PRO A 1 51  ? 3.210   5.006   11.805  1.00 17.93 ? 51  PRO A O   1 
ATOM 374 C CB  . PRO A 1 51  ? 5.541   7.119   10.777  1.00 17.46 ? 51  PRO A CB  1 
ATOM 375 C CG  . PRO A 1 51  ? 6.401   7.537   9.640   1.00 18.21 ? 51  PRO A CG  1 
ATOM 376 C CD  . PRO A 1 51  ? 5.485   7.383   8.452   1.00 18.03 ? 51  PRO A CD  1 
ATOM 377 N N   . VAL A 1 52  ? 2.433   6.495   10.293  1.00 16.79 ? 52  VAL A N   1 
ATOM 378 C CA  . VAL A 1 52  ? 1.057   6.447   10.785  1.00 17.90 ? 52  VAL A CA  1 
ATOM 379 C C   . VAL A 1 52  ? 0.434   5.098   10.444  1.00 17.65 ? 52  VAL A C   1 
ATOM 380 O O   . VAL A 1 52  ? -0.209  4.471   11.279  1.00 18.56 ? 52  VAL A O   1 
ATOM 381 C CB  . VAL A 1 52  ? 0.197   7.565   10.160  1.00 18.05 ? 52  VAL A CB  1 
ATOM 382 C CG1 . VAL A 1 52  ? -1.226  7.488   10.688  1.00 19.59 ? 52  VAL A CG1 1 
ATOM 383 C CG2 . VAL A 1 52  ? 0.808   8.917   10.474  1.00 17.35 ? 52  VAL A CG2 1 
ATOM 384 N N   . VAL A 1 53  ? 0.635   4.651   9.211   1.00 18.61 ? 53  VAL A N   1 
ATOM 385 C CA  . VAL A 1 53  ? 0.107   3.363   8.777   1.00 19.37 ? 53  VAL A CA  1 
ATOM 386 C C   . VAL A 1 53  ? 0.715   2.220   9.588   1.00 20.84 ? 53  VAL A C   1 
ATOM 387 O O   . VAL A 1 53  ? 0.004   1.313   10.027  1.00 20.37 ? 53  VAL A O   1 
ATOM 388 C CB  . VAL A 1 53  ? 0.400   3.129   7.281   1.00 19.42 ? 53  VAL A CB  1 
ATOM 389 C CG1 . VAL A 1 53  ? 0.074   1.684   6.894   1.00 20.01 ? 53  VAL A CG1 1 
ATOM 390 C CG2 . VAL A 1 53  ? -0.424  4.093   6.458   1.00 19.12 ? 53  VAL A CG2 1 
ATOM 391 N N   . ARG A 1 54  ? 2.028   2.266   9.792   1.00 21.38 ? 54  ARG A N   1 
ATOM 392 C CA  . ARG A 1 54  ? 2.698   1.215   10.545  1.00 24.04 ? 54  ARG A CA  1 
ATOM 393 C C   . ARG A 1 54  ? 2.269   1.189   12.010  1.00 25.53 ? 54  ARG A C   1 
ATOM 394 O O   . ARG A 1 54  ? 2.224   0.126   12.630  1.00 25.15 ? 54  ARG A O   1 
ATOM 395 C CB  . ARG A 1 54  ? 4.218   1.357   10.419  1.00 24.49 ? 54  ARG A CB  1 
ATOM 396 C CG  . ARG A 1 54  ? 4.725   0.906   9.049   1.00 26.06 ? 54  ARG A CG  1 
ATOM 397 C CD  . ARG A 1 54  ? 6.236   0.952   8.930   1.00 28.37 ? 54  ARG A CD  1 
ATOM 398 N NE  . ARG A 1 54  ? 6.687   0.419   7.647   1.00 29.55 ? 54  ARG A NE  1 
ATOM 399 C CZ  . ARG A 1 54  ? 6.602   -0.861  7.294   1.00 30.27 ? 54  ARG A CZ  1 
ATOM 400 N NH1 . ARG A 1 54  ? 6.087   -1.755  8.133   1.00 30.62 ? 54  ARG A NH1 1 
ATOM 401 N NH2 . ARG A 1 54  ? 7.020   -1.246  6.096   1.00 30.55 ? 54  ARG A NH2 1 
ATOM 402 N N   . GLU A 1 55  ? 1.948   2.355   12.560  1.00 26.66 ? 55  GLU A N   1 
ATOM 403 C CA  . GLU A 1 55  ? 1.490   2.435   13.939  1.00 28.92 ? 55  GLU A CA  1 
ATOM 404 C C   . GLU A 1 55  ? 0.122   1.758   13.998  1.00 28.99 ? 55  GLU A C   1 
ATOM 405 O O   . GLU A 1 55  ? -0.231  1.123   14.992  1.00 28.84 ? 55  GLU A O   1 
ATOM 406 C CB  . GLU A 1 55  ? 1.370   3.900   14.373  1.00 30.97 ? 55  GLU A CB  1 
ATOM 407 C CG  . GLU A 1 55  ? 0.973   4.094   15.827  1.00 35.03 ? 55  GLU A CG  1 
ATOM 408 C CD  . GLU A 1 55  ? 2.071   3.690   16.794  1.00 37.00 ? 55  GLU A CD  1 
ATOM 409 O OE1 . GLU A 1 55  ? 1.814   3.694   18.016  1.00 39.50 ? 55  GLU A OE1 1 
ATOM 410 O OE2 . GLU A 1 55  ? 3.192   3.376   16.337  1.00 39.54 ? 55  GLU A OE2 1 
ATOM 411 N N   . GLY A 1 56  ? -0.643  1.895   12.921  1.00 28.40 ? 56  GLY A N   1 
ATOM 412 C CA  . GLY A 1 56  ? -1.958  1.286   12.858  1.00 29.18 ? 56  GLY A CA  1 
ATOM 413 C C   . GLY A 1 56  ? -1.906  -0.232  12.814  1.00 29.71 ? 56  GLY A C   1 
ATOM 414 O O   . GLY A 1 56  ? -2.887  -0.896  13.147  1.00 30.19 ? 56  GLY A O   1 
ATOM 415 N N   . LEU A 1 57  ? -0.767  -0.785  12.409  1.00 30.01 ? 57  LEU A N   1 
ATOM 416 C CA  . LEU A 1 57  ? -0.605  -2.235  12.325  1.00 31.49 ? 57  LEU A CA  1 
ATOM 417 C C   . LEU A 1 57  ? -0.745  -2.912  13.681  1.00 33.15 ? 57  LEU A C   1 
ATOM 418 O O   . LEU A 1 57  ? -0.956  -4.120  13.760  1.00 33.70 ? 57  LEU A O   1 
ATOM 419 C CB  . LEU A 1 57  ? 0.758   -2.584  11.725  1.00 31.13 ? 57  LEU A CB  1 
ATOM 420 C CG  . LEU A 1 57  ? 0.906   -2.334  10.224  1.00 30.42 ? 57  LEU A CG  1 
ATOM 421 C CD1 . LEU A 1 57  ? 2.337   -2.573  9.793   1.00 30.04 ? 57  LEU A CD1 1 
ATOM 422 C CD2 . LEU A 1 57  ? -0.036  -3.249  9.470   1.00 29.90 ? 57  LEU A CD2 1 
ATOM 423 N N   . LYS A 1 58  ? -0.618  -2.130  14.747  1.00 35.25 ? 58  LYS A N   1 
ATOM 424 C CA  . LYS A 1 58  ? -0.745  -2.660  16.098  1.00 37.63 ? 58  LYS A CA  1 
ATOM 425 C C   . LYS A 1 58  ? -2.198  -3.036  16.383  1.00 39.05 ? 58  LYS A C   1 
ATOM 426 O O   . LYS A 1 58  ? -2.492  -3.714  17.369  1.00 39.57 ? 58  LYS A O   1 
ATOM 427 C CB  . LYS A 1 58  ? -0.286  -1.616  17.117  1.00 37.95 ? 58  LYS A CB  1 
ATOM 428 C CG  . LYS A 1 58  ? 1.161   -1.189  16.968  1.00 38.81 ? 58  LYS A CG  1 
ATOM 429 C CD  . LYS A 1 58  ? 1.517   -0.122  17.993  1.00 39.12 ? 58  LYS A CD  1 
ATOM 430 C CE  . LYS A 1 58  ? 2.991   0.227   17.934  1.00 39.86 ? 58  LYS A CE  1 
ATOM 431 N NZ  . LYS A 1 58  ? 3.345   1.268   18.940  1.00 40.00 ? 58  LYS A NZ  1 
ATOM 432 N N   . HIS A 1 59  ? -3.097  -2.597  15.509  1.00 40.22 ? 59  HIS A N   1 
ATOM 433 C CA  . HIS A 1 59  ? -4.525  -2.854  15.661  1.00 41.63 ? 59  HIS A CA  1 
ATOM 434 C C   . HIS A 1 59  ? -5.068  -3.927  14.725  1.00 42.74 ? 59  HIS A C   1 
ATOM 435 O O   . HIS A 1 59  ? -6.247  -4.272  14.800  1.00 43.50 ? 59  HIS A O   1 
ATOM 436 C CB  . HIS A 1 59  ? -5.309  -1.557  15.438  1.00 42.09 ? 59  HIS A CB  1 
ATOM 437 C CG  . HIS A 1 59  ? -5.073  -0.518  16.488  1.00 42.61 ? 59  HIS A CG  1 
ATOM 438 N ND1 . HIS A 1 59  ? -5.944  -0.307  17.536  1.00 42.75 ? 59  HIS A ND1 1 
ATOM 439 C CD2 . HIS A 1 59  ? -4.055  0.358   16.664  1.00 42.84 ? 59  HIS A CD2 1 
ATOM 440 C CE1 . HIS A 1 59  ? -5.473  0.655   18.310  1.00 43.54 ? 59  HIS A CE1 1 
ATOM 441 N NE2 . HIS A 1 59  ? -4.328  1.075   17.803  1.00 43.34 ? 59  HIS A NE2 1 
ATOM 442 N N   . ILE A 1 60  ? -4.221  -4.452  13.843  1.00 43.49 ? 60  ILE A N   1 
ATOM 443 C CA  . ILE A 1 60  ? -4.661  -5.480  12.903  1.00 44.89 ? 60  ILE A CA  1 
ATOM 444 C C   . ILE A 1 60  ? -5.120  -6.748  13.601  1.00 45.27 ? 60  ILE A C   1 
ATOM 445 O O   . ILE A 1 60  ? -4.557  -7.152  14.620  1.00 46.07 ? 60  ILE A O   1 
ATOM 446 C CB  . ILE A 1 60  ? -3.545  -5.858  11.898  1.00 44.75 ? 60  ILE A CB  1 
ATOM 447 C CG1 . ILE A 1 60  ? -3.468  -4.809  10.792  1.00 45.19 ? 60  ILE A CG1 1 
ATOM 448 C CG2 . ILE A 1 60  ? -3.822  -7.229  11.283  1.00 45.77 ? 60  ILE A CG2 1 
ATOM 449 C CD1 . ILE A 1 60  ? -2.580  -5.216  9.629   1.00 45.13 ? 60  ILE A CD1 1 
ATOM 450 N N   . SER A 1 61  ? -6.150  -7.372  13.041  1.00 46.15 ? 61  SER A N   1 
ATOM 451 C CA  . SER A 1 61  ? -6.686  -8.609  13.586  1.00 46.52 ? 61  SER A CA  1 
ATOM 452 C C   . SER A 1 61  ? -5.813  -9.763  13.110  1.00 46.40 ? 61  SER A C   1 
ATOM 453 O O   . SER A 1 61  ? -5.369  -9.784  11.960  1.00 46.45 ? 61  SER A O   1 
ATOM 454 C CB  . SER A 1 61  ? -8.128  -8.808  13.119  1.00 47.05 ? 61  SER A CB  1 
ATOM 455 O OG  . SER A 1 61  ? -8.222  -8.721  11.709  1.00 48.20 ? 61  SER A OG  1 
ATOM 456 N N   . GLU A 1 62  ? -5.564  -10.716 14.002  1.00 46.15 ? 62  GLU A N   1 
ATOM 457 C CA  . GLU A 1 62  ? -4.731  -11.873 13.697  1.00 45.75 ? 62  GLU A CA  1 
ATOM 458 C C   . GLU A 1 62  ? -5.143  -12.591 12.413  1.00 44.57 ? 62  GLU A C   1 
ATOM 459 O O   . GLU A 1 62  ? -6.315  -12.587 12.036  1.00 44.84 ? 62  GLU A O   1 
ATOM 460 C CB  . GLU A 1 62  ? -4.766  -12.860 14.868  1.00 46.75 ? 62  GLU A CB  1 
ATOM 461 C CG  . GLU A 1 62  ? -4.328  -12.260 16.198  1.00 48.52 ? 62  GLU A CG  1 
ATOM 462 C CD  . GLU A 1 62  ? -4.341  -13.274 17.330  1.00 49.54 ? 62  GLU A CD  1 
ATOM 463 O OE1 . GLU A 1 62  ? -3.560  -14.247 17.268  1.00 50.00 ? 62  GLU A OE1 1 
ATOM 464 O OE2 . GLU A 1 62  ? -5.136  -13.100 18.280  1.00 50.00 ? 62  GLU A OE2 1 
ATOM 465 N N   . GLY A 1 63  ? -4.165  -13.198 11.746  1.00 42.84 ? 63  GLY A N   1 
ATOM 466 C CA  . GLY A 1 63  ? -4.437  -13.928 10.520  1.00 41.38 ? 63  GLY A CA  1 
ATOM 467 C C   . GLY A 1 63  ? -4.509  -13.089 9.257   1.00 40.16 ? 63  GLY A C   1 
ATOM 468 O O   . GLY A 1 63  ? -4.998  -13.557 8.228   1.00 40.62 ? 63  GLY A O   1 
ATOM 469 N N   . CYS A 1 64  ? -4.025  -11.854 9.323   1.00 38.17 ? 64  CYS A N   1 
ATOM 470 C CA  . CYS A 1 64  ? -4.046  -10.970 8.160   1.00 35.86 ? 64  CYS A CA  1 
ATOM 471 C C   . CYS A 1 64  ? -2.669  -10.807 7.530   1.00 33.05 ? 64  CYS A C   1 
ATOM 472 O O   . CYS A 1 64  ? -1.648  -11.127 8.139   1.00 31.85 ? 64  CYS A O   1 
ATOM 473 C CB  . CYS A 1 64  ? -4.597  -9.596  8.550   1.00 36.65 ? 64  CYS A CB  1 
ATOM 474 S SG  . CYS A 1 64  ? -6.361  -9.587  8.946   1.00 40.12 ? 64  CYS A SG  1 
ATOM 475 N N   . VAL A 1 65  ? -2.647  -10.309 6.299   1.00 30.64 ? 65  VAL A N   1 
ATOM 476 C CA  . VAL A 1 65  ? -1.396  -10.096 5.583   1.00 27.90 ? 65  VAL A CA  1 
ATOM 477 C C   . VAL A 1 65  ? -1.265  -8.630  5.186   1.00 26.09 ? 65  VAL A C   1 
ATOM 478 O O   . VAL A 1 65  ? -2.226  -8.025  4.725   1.00 25.40 ? 65  VAL A O   1 
ATOM 479 C CB  . VAL A 1 65  ? -1.333  -10.946 4.298   1.00 28.07 ? 65  VAL A CB  1 
ATOM 480 C CG1 . VAL A 1 65  ? 0.008   -10.744 3.616   1.00 28.39 ? 65  VAL A CG1 1 
ATOM 481 C CG2 . VAL A 1 65  ? -1.556  -12.419 4.633   1.00 28.21 ? 65  VAL A CG2 1 
ATOM 482 N N   . PHE A 1 66  ? -0.074  -8.071  5.375   1.00 24.22 ? 66  PHE A N   1 
ATOM 483 C CA  . PHE A 1 66  ? 0.191   -6.683  5.015   1.00 23.28 ? 66  PHE A CA  1 
ATOM 484 C C   . PHE A 1 66  ? 1.260   -6.641  3.934   1.00 21.89 ? 66  PHE A C   1 
ATOM 485 O O   . PHE A 1 66  ? 2.379   -7.108  4.139   1.00 21.90 ? 66  PHE A O   1 
ATOM 486 C CB  . PHE A 1 66  ? 0.677   -5.888  6.228   1.00 22.85 ? 66  PHE A CB  1 
ATOM 487 C CG  . PHE A 1 66  ? 1.036   -4.459  5.911   1.00 22.93 ? 66  PHE A CG  1 
ATOM 488 C CD1 . PHE A 1 66  ? 0.052   -3.546  5.541   1.00 23.30 ? 66  PHE A CD1 1 
ATOM 489 C CD2 . PHE A 1 66  ? 2.355   -4.030  5.982   1.00 22.80 ? 66  PHE A CD2 1 
ATOM 490 C CE1 . PHE A 1 66  ? 0.377   -2.218  5.247   1.00 22.74 ? 66  PHE A CE1 1 
ATOM 491 C CE2 . PHE A 1 66  ? 2.698   -2.703  5.690   1.00 23.77 ? 66  PHE A CE2 1 
ATOM 492 C CZ  . PHE A 1 66  ? 1.701   -1.797  5.322   1.00 23.14 ? 66  PHE A CZ  1 
ATOM 493 N N   . ILE A 1 67  ? 0.915   -6.075  2.782   1.00 21.36 ? 67  ILE A N   1 
ATOM 494 C CA  . ILE A 1 67  ? 1.858   -5.978  1.681   1.00 20.47 ? 67  ILE A CA  1 
ATOM 495 C C   . ILE A 1 67  ? 2.314   -4.531  1.503   1.00 20.80 ? 67  ILE A C   1 
ATOM 496 O O   . ILE A 1 67  ? 1.502   -3.640  1.250   1.00 19.38 ? 67  ILE A O   1 
ATOM 497 C CB  . ILE A 1 67  ? 1.229   -6.467  0.358   1.00 21.40 ? 67  ILE A CB  1 
ATOM 498 C CG1 . ILE A 1 67  ? 0.761   -7.914  0.508   1.00 22.16 ? 67  ILE A CG1 1 
ATOM 499 C CG2 . ILE A 1 67  ? 2.235   -6.345  -0.775  1.00 21.92 ? 67  ILE A CG2 1 
ATOM 500 C CD1 . ILE A 1 67  ? 0.114   -8.484  -0.745  1.00 24.04 ? 67  ILE A CD1 1 
ATOM 501 N N   . TYR A 1 68  ? 3.612   -4.311  1.672   1.00 18.84 ? 68  TYR A N   1 
ATOM 502 C CA  . TYR A 1 68  ? 4.210   -2.994  1.510   1.00 18.85 ? 68  TYR A CA  1 
ATOM 503 C C   . TYR A 1 68  ? 4.648   -2.993  0.054   1.00 18.32 ? 68  TYR A C   1 
ATOM 504 O O   . TYR A 1 68  ? 5.522   -3.765  -0.338  1.00 18.49 ? 68  TYR A O   1 
ATOM 505 C CB  . TYR A 1 68  ? 5.422   -2.856  2.427   1.00 19.27 ? 68  TYR A CB  1 
ATOM 506 C CG  . TYR A 1 68  ? 6.093   -1.508  2.361   1.00 20.08 ? 68  TYR A CG  1 
ATOM 507 C CD1 . TYR A 1 68  ? 5.592   -0.421  3.072   1.00 20.49 ? 68  TYR A CD1 1 
ATOM 508 C CD2 . TYR A 1 68  ? 7.244   -1.327  1.603   1.00 20.74 ? 68  TYR A CD2 1 
ATOM 509 C CE1 . TYR A 1 68  ? 6.230   0.817   3.033   1.00 20.42 ? 68  TYR A CE1 1 
ATOM 510 C CE2 . TYR A 1 68  ? 7.888   -0.099  1.553   1.00 21.22 ? 68  TYR A CE2 1 
ATOM 511 C CZ  . TYR A 1 68  ? 7.378   0.966   2.270   1.00 20.40 ? 68  TYR A CZ  1 
ATOM 512 O OH  . TYR A 1 68  ? 8.025   2.175   2.214   1.00 21.29 ? 68  TYR A OH  1 
ATOM 513 N N   . CYS A 1 69  ? 4.053   -2.125  -0.754  1.00 16.72 ? 69  CYS A N   1 
ATOM 514 C CA  . CYS A 1 69  ? 4.371   -2.125  -2.169  1.00 16.64 ? 69  CYS A CA  1 
ATOM 515 C C   . CYS A 1 69  ? 4.919   -0.822  -2.726  1.00 16.43 ? 69  CYS A C   1 
ATOM 516 O O   . CYS A 1 69  ? 4.217   0.180   -2.743  1.00 14.90 ? 69  CYS A O   1 
ATOM 517 C CB  . CYS A 1 69  ? 3.119   -2.520  -2.955  1.00 17.22 ? 69  CYS A CB  1 
ATOM 518 S SG  . CYS A 1 69  ? 3.324   -2.476  -4.744  1.00 19.30 ? 69  CYS A SG  1 
ATOM 519 N N   . GLN A 1 70  ? 6.173   -0.841  -3.180  1.00 15.91 ? 70  GLN A N   1 
ATOM 520 C CA  . GLN A 1 70  ? 6.773   0.344   -3.791  1.00 17.35 ? 70  GLN A CA  1 
ATOM 521 C C   . GLN A 1 70  ? 6.371   0.246   -5.262  1.00 17.61 ? 70  GLN A C   1 
ATOM 522 O O   . GLN A 1 70  ? 6.729   -0.711  -5.952  1.00 17.99 ? 70  GLN A O   1 
ATOM 523 C CB  . GLN A 1 70  ? 8.294   0.321   -3.640  1.00 20.53 ? 70  GLN A CB  1 
ATOM 524 C CG  . GLN A 1 70  ? 8.745   0.383   -2.189  1.00 24.78 ? 70  GLN A CG  1 
ATOM 525 C CD  . GLN A 1 70  ? 10.250  0.416   -2.043  1.00 27.37 ? 70  GLN A CD  1 
ATOM 526 O OE1 . GLN A 1 70  ? 10.890  1.428   -2.316  1.00 30.65 ? 70  GLN A OE1 1 
ATOM 527 N NE2 . GLN A 1 70  ? 10.825  -0.700  -1.615  1.00 29.89 ? 70  GLN A NE2 1 
ATOM 528 N N   . VAL A 1 71  ? 5.624   1.233   -5.745  1.00 16.41 ? 71  VAL A N   1 
ATOM 529 C CA  . VAL A 1 71  ? 5.128   1.189   -7.116  1.00 16.15 ? 71  VAL A CA  1 
ATOM 530 C C   . VAL A 1 71  ? 6.145   1.515   -8.202  1.00 17.23 ? 71  VAL A C   1 
ATOM 531 O O   . VAL A 1 71  ? 5.951   1.143   -9.357  1.00 19.23 ? 71  VAL A O   1 
ATOM 532 C CB  . VAL A 1 71  ? 3.911   2.120   -7.290  1.00 15.80 ? 71  VAL A CB  1 
ATOM 533 C CG1 . VAL A 1 71  ? 2.799   1.706   -6.329  1.00 15.95 ? 71  VAL A CG1 1 
ATOM 534 C CG2 . VAL A 1 71  ? 4.325   3.563   -7.052  1.00 15.15 ? 71  VAL A CG2 1 
ATOM 535 N N   . GLY A 1 72  ? 7.219   2.206   -7.837  1.00 16.70 ? 72  GLY A N   1 
ATOM 536 C CA  . GLY A 1 72  ? 8.241   2.557   -8.811  1.00 17.55 ? 72  GLY A CA  1 
ATOM 537 C C   . GLY A 1 72  ? 8.640   4.017   -8.710  1.00 17.48 ? 72  GLY A C   1 
ATOM 538 O O   . GLY A 1 72  ? 8.252   4.702   -7.761  1.00 17.24 ? 72  GLY A O   1 
ATOM 539 N N   . GLU A 1 73  ? 9.412   4.492   -9.686  1.00 16.56 ? 73  GLU A N   1 
ATOM 540 C CA  . GLU A 1 73  ? 9.860   5.887   -9.717  1.00 17.82 ? 73  GLU A CA  1 
ATOM 541 C C   . GLU A 1 73  ? 8.737   6.797   -10.219 1.00 17.69 ? 73  GLU A C   1 
ATOM 542 O O   . GLU A 1 73  ? 7.767   6.331   -10.815 1.00 16.69 ? 73  GLU A O   1 
ATOM 543 C CB  . GLU A 1 73  ? 11.083  6.038   -10.627 1.00 19.49 ? 73  GLU A CB  1 
ATOM 544 C CG  . GLU A 1 73  ? 12.265  5.150   -10.267 1.00 23.98 ? 73  GLU A CG  1 
ATOM 545 C CD  . GLU A 1 73  ? 12.727  5.324   -8.840  1.00 27.57 ? 73  GLU A CD  1 
ATOM 546 O OE1 . GLU A 1 73  ? 12.989  6.476   -8.426  1.00 29.93 ? 73  GLU A OE1 1 
ATOM 547 O OE2 . GLU A 1 73  ? 12.837  4.298   -8.129  1.00 30.68 ? 73  GLU A OE2 1 
ATOM 548 N N   . LYS A 1 74  ? 8.885   8.098   -9.993  1.00 17.44 ? 74  LYS A N   1 
ATOM 549 C CA  . LYS A 1 74  ? 7.867   9.067   -10.388 1.00 17.02 ? 74  LYS A CA  1 
ATOM 550 C C   . LYS A 1 74  ? 7.401   9.007   -11.847 1.00 17.42 ? 74  LYS A C   1 
ATOM 551 O O   . LYS A 1 74  ? 6.197   9.035   -12.121 1.00 17.88 ? 74  LYS A O   1 
ATOM 552 C CB  . LYS A 1 74  ? 8.347   10.485  -10.057 1.00 17.63 ? 74  LYS A CB  1 
ATOM 553 C CG  . LYS A 1 74  ? 7.262   11.547  -10.187 1.00 20.04 ? 74  LYS A CG  1 
ATOM 554 C CD  . LYS A 1 74  ? 7.773   12.895  -9.682  1.00 24.30 ? 74  LYS A CD  1 
ATOM 555 C CE  . LYS A 1 74  ? 6.696   13.961  -9.772  1.00 27.68 ? 74  LYS A CE  1 
ATOM 556 N NZ  . LYS A 1 74  ? 7.161   15.282  -9.251  1.00 30.24 ? 74  LYS A NZ  1 
ATOM 557 N N   . PRO A 1 75  ? 8.341   8.946   -12.804 1.00 17.54 ? 75  PRO A N   1 
ATOM 558 C CA  . PRO A 1 75  ? 7.962   8.885   -14.220 1.00 17.07 ? 75  PRO A CA  1 
ATOM 559 C C   . PRO A 1 75  ? 7.085   7.673   -14.530 1.00 16.34 ? 75  PRO A C   1 
ATOM 560 O O   . PRO A 1 75  ? 6.204   7.728   -15.390 1.00 16.17 ? 75  PRO A O   1 
ATOM 561 C CB  . PRO A 1 75  ? 9.310   8.809   -14.931 1.00 17.95 ? 75  PRO A CB  1 
ATOM 562 C CG  . PRO A 1 75  ? 10.204  9.558   -14.032 1.00 18.99 ? 75  PRO A CG  1 
ATOM 563 C CD  . PRO A 1 75  ? 9.800   9.083   -12.665 1.00 17.43 ? 75  PRO A CD  1 
ATOM 564 N N   . TYR A 1 76  ? 7.343   6.569   -13.836 1.00 16.62 ? 76  TYR A N   1 
ATOM 565 C CA  . TYR A 1 76  ? 6.569   5.353   -14.042 1.00 16.25 ? 76  TYR A CA  1 
ATOM 566 C C   . TYR A 1 76  ? 5.177   5.514   -13.442 1.00 16.86 ? 76  TYR A C   1 
ATOM 567 O O   . TYR A 1 76  ? 4.177   5.108   -14.040 1.00 16.98 ? 76  TYR A O   1 
ATOM 568 C CB  . TYR A 1 76  ? 7.286   4.151   -13.415 1.00 16.41 ? 76  TYR A CB  1 
ATOM 569 C CG  . TYR A 1 76  ? 6.427   2.910   -13.363 1.00 17.04 ? 76  TYR A CG  1 
ATOM 570 C CD1 . TYR A 1 76  ? 5.608   2.656   -12.265 1.00 16.72 ? 76  TYR A CD1 1 
ATOM 571 C CD2 . TYR A 1 76  ? 6.390   2.020   -14.437 1.00 18.44 ? 76  TYR A CD2 1 
ATOM 572 C CE1 . TYR A 1 76  ? 4.769   1.544   -12.239 1.00 19.18 ? 76  TYR A CE1 1 
ATOM 573 C CE2 . TYR A 1 76  ? 5.553   0.902   -14.422 1.00 19.69 ? 76  TYR A CE2 1 
ATOM 574 C CZ  . TYR A 1 76  ? 4.747   0.675   -13.319 1.00 19.35 ? 76  TYR A CZ  1 
ATOM 575 O OH  . TYR A 1 76  ? 3.910   -0.417  -13.293 1.00 21.03 ? 76  TYR A OH  1 
ATOM 576 N N   . TRP A 1 77  ? 5.107   6.104   -12.257 1.00 16.88 ? 77  TRP A N   1 
ATOM 577 C CA  . TRP A 1 77  ? 3.814   6.301   -11.633 1.00 17.39 ? 77  TRP A CA  1 
ATOM 578 C C   . TRP A 1 77  ? 2.951   7.242   -12.469 1.00 17.47 ? 77  TRP A C   1 
ATOM 579 O O   . TRP A 1 77  ? 1.741   7.052   -12.570 1.00 17.81 ? 77  TRP A O   1 
ATOM 580 C CB  . TRP A 1 77  ? 3.972   6.869   -10.219 1.00 18.89 ? 77  TRP A CB  1 
ATOM 581 C CG  . TRP A 1 77  ? 2.647   7.109   -9.578  1.00 19.48 ? 77  TRP A CG  1 
ATOM 582 C CD1 . TRP A 1 77  ? 2.110   8.310   -9.210  1.00 21.55 ? 77  TRP A CD1 1 
ATOM 583 C CD2 . TRP A 1 77  ? 1.642   6.125   -9.326  1.00 21.31 ? 77  TRP A CD2 1 
ATOM 584 N NE1 . TRP A 1 77  ? 0.823   8.132   -8.752  1.00 21.78 ? 77  TRP A NE1 1 
ATOM 585 C CE2 . TRP A 1 77  ? 0.514   6.799   -8.814  1.00 22.24 ? 77  TRP A CE2 1 
ATOM 586 C CE3 . TRP A 1 77  ? 1.585   4.734   -9.490  1.00 22.25 ? 77  TRP A CE3 1 
ATOM 587 C CZ2 . TRP A 1 77  ? -0.662  6.129   -8.466  1.00 23.56 ? 77  TRP A CZ2 1 
ATOM 588 C CZ3 . TRP A 1 77  ? 0.412   4.067   -9.143  1.00 23.80 ? 77  TRP A CZ3 1 
ATOM 589 C CH2 . TRP A 1 77  ? -0.692  4.769   -8.638  1.00 23.08 ? 77  TRP A CH2 1 
ATOM 590 N N   . LYS A 1 78  ? 3.573   8.248   -13.080 1.00 18.72 ? 78  LYS A N   1 
ATOM 591 C CA  . LYS A 1 78  ? 2.835   9.211   -13.892 1.00 19.91 ? 78  LYS A CA  1 
ATOM 592 C C   . LYS A 1 78  ? 2.261   8.633   -15.177 1.00 20.23 ? 78  LYS A C   1 
ATOM 593 O O   . LYS A 1 78  ? 1.304   9.176   -15.726 1.00 20.79 ? 78  LYS A O   1 
ATOM 594 C CB  . LYS A 1 78  ? 3.714   10.418  -14.225 1.00 22.88 ? 78  LYS A CB  1 
ATOM 595 C CG  . LYS A 1 78  ? 3.911   11.368  -13.053 1.00 26.99 ? 78  LYS A CG  1 
ATOM 596 C CD  . LYS A 1 78  ? 4.461   12.706  -13.523 1.00 30.35 ? 78  LYS A CD  1 
ATOM 597 C CE  . LYS A 1 78  ? 4.444   13.733  -12.403 1.00 32.66 ? 78  LYS A CE  1 
ATOM 598 N NZ  . LYS A 1 78  ? 4.799   15.090  -12.912 1.00 34.59 ? 78  LYS A NZ  1 
ATOM 599 N N   . ASP A 1 79  ? 2.847   7.541   -15.660 1.00 19.11 ? 79  ASP A N   1 
ATOM 600 C CA  . ASP A 1 79  ? 2.376   6.890   -16.885 1.00 19.26 ? 79  ASP A CA  1 
ATOM 601 C C   . ASP A 1 79  ? 0.927   6.434   -16.670 1.00 18.35 ? 79  ASP A C   1 
ATOM 602 O O   . ASP A 1 79  ? 0.656   5.610   -15.796 1.00 16.88 ? 79  ASP A O   1 
ATOM 603 C CB  . ASP A 1 79  ? 3.266   5.683   -17.189 1.00 20.41 ? 79  ASP A CB  1 
ATOM 604 C CG  . ASP A 1 79  ? 2.879   4.970   -18.474 1.00 22.18 ? 79  ASP A CG  1 
ATOM 605 O OD1 . ASP A 1 79  ? 1.786   5.229   -19.004 1.00 22.07 ? 79  ASP A OD1 1 
ATOM 606 O OD2 . ASP A 1 79  ? 3.673   4.131   -18.945 1.00 24.75 ? 79  ASP A OD2 1 
ATOM 607 N N   . PRO A 1 80  ? -0.026  6.958   -17.468 1.00 18.67 ? 80  PRO A N   1 
ATOM 608 C CA  . PRO A 1 80  ? -1.424  6.552   -17.293 1.00 18.06 ? 80  PRO A CA  1 
ATOM 609 C C   . PRO A 1 80  ? -1.727  5.094   -17.618 1.00 17.90 ? 80  PRO A C   1 
ATOM 610 O O   . PRO A 1 80  ? -2.789  4.580   -17.252 1.00 18.46 ? 80  PRO A O   1 
ATOM 611 C CB  . PRO A 1 80  ? -2.190  7.524   -18.198 1.00 20.40 ? 80  PRO A CB  1 
ATOM 612 C CG  . PRO A 1 80  ? -1.210  7.828   -19.277 1.00 19.43 ? 80  PRO A CG  1 
ATOM 613 C CD  . PRO A 1 80  ? 0.103   7.968   -18.536 1.00 19.67 ? 80  PRO A CD  1 
ATOM 614 N N   . ASN A 1 81  ? -0.802  4.433   -18.303 1.00 16.52 ? 81  ASN A N   1 
ATOM 615 C CA  . ASN A 1 81  ? -0.989  3.034   -18.674 1.00 16.86 ? 81  ASN A CA  1 
ATOM 616 C C   . ASN A 1 81  ? -0.298  2.065   -17.719 1.00 17.01 ? 81  ASN A C   1 
ATOM 617 O O   . ASN A 1 81  ? -0.264  0.868   -18.000 1.00 17.17 ? 81  ASN A O   1 
ATOM 618 C CB  . ASN A 1 81  ? -0.440  2.766   -20.082 1.00 17.32 ? 81  ASN A CB  1 
ATOM 619 C CG  . ASN A 1 81  ? -1.277  3.397   -21.183 1.00 17.89 ? 81  ASN A CG  1 
ATOM 620 O OD1 . ASN A 1 81  ? -2.505  3.277   -21.188 1.00 20.02 ? 81  ASN A OD1 1 
ATOM 621 N ND2 . ASN A 1 81  ? -0.624  4.091   -22.098 1.00 15.55 ? 81  ASN A ND2 1 
ATOM 622 N N   . ASN A 1 82  ? 0.254   2.538   -16.602 1.00 17.44 ? 82  ASN A N   1 
ATOM 623 C CA  . ASN A 1 82  ? 0.943   1.574   -15.738 1.00 16.54 ? 82  ASN A CA  1 
ATOM 624 C C   . ASN A 1 82  ? -0.025  0.559   -15.129 1.00 16.88 ? 82  ASN A C   1 
ATOM 625 O O   . ASN A 1 82  ? -1.208  0.844   -14.946 1.00 16.42 ? 82  ASN A O   1 
ATOM 626 C CB  . ASN A 1 82  ? 1.824   2.283   -14.678 1.00 15.69 ? 82  ASN A CB  1 
ATOM 627 C CG  . ASN A 1 82  ? 1.053   2.793   -13.475 1.00 16.95 ? 82  ASN A CG  1 
ATOM 628 O OD1 . ASN A 1 82  ? 0.319   2.050   -12.820 1.00 15.80 ? 82  ASN A OD1 1 
ATOM 629 N ND2 . ASN A 1 82  ? 1.251   4.075   -13.153 1.00 16.61 ? 82  ASN A ND2 1 
ATOM 630 N N   . ASP A 1 83  ? 0.484   -0.640  -14.844 1.00 17.16 ? 83  ASP A N   1 
ATOM 631 C CA  . ASP A 1 83  ? -0.332  -1.730  -14.314 1.00 19.33 ? 83  ASP A CA  1 
ATOM 632 C C   . ASP A 1 83  ? -1.141  -1.481  -13.052 1.00 18.81 ? 83  ASP A C   1 
ATOM 633 O O   . ASP A 1 83  ? -2.216  -2.055  -12.886 1.00 18.86 ? 83  ASP A O   1 
ATOM 634 C CB  . ASP A 1 83  ? 0.533   -2.976  -14.136 1.00 23.60 ? 83  ASP A CB  1 
ATOM 635 C CG  . ASP A 1 83  ? 0.922   -3.595  -15.460 1.00 27.36 ? 83  ASP A CG  1 
ATOM 636 O OD1 . ASP A 1 83  ? 0.005   -3.926  -16.242 1.00 30.09 ? 83  ASP A OD1 1 
ATOM 637 O OD2 . ASP A 1 83  ? 2.135   -3.746  -15.719 1.00 30.63 ? 83  ASP A OD2 1 
ATOM 638 N N   . PHE A 1 84  ? -0.634  -0.639  -12.158 1.00 18.15 ? 84  PHE A N   1 
ATOM 639 C CA  . PHE A 1 84  ? -1.365  -0.340  -10.936 1.00 17.34 ? 84  PHE A CA  1 
ATOM 640 C C   . PHE A 1 84  ? -2.644  0.412   -11.260 1.00 17.92 ? 84  PHE A C   1 
ATOM 641 O O   . PHE A 1 84  ? -3.706  0.112   -10.720 1.00 18.57 ? 84  PHE A O   1 
ATOM 642 C CB  . PHE A 1 84  ? -0.491  0.490   -9.998  1.00 17.32 ? 84  PHE A CB  1 
ATOM 643 C CG  . PHE A 1 84  ? 0.649   -0.281  -9.419  1.00 17.90 ? 84  PHE A CG  1 
ATOM 644 C CD1 . PHE A 1 84  ? 0.434   -1.190  -8.386  1.00 17.89 ? 84  PHE A CD1 1 
ATOM 645 C CD2 . PHE A 1 84  ? 1.933   -0.130  -9.926  1.00 17.12 ? 84  PHE A CD2 1 
ATOM 646 C CE1 . PHE A 1 84  ? 1.482   -1.934  -7.870  1.00 16.96 ? 84  PHE A CE1 1 
ATOM 647 C CE2 . PHE A 1 84  ? 2.988   -0.870  -9.414  1.00 18.40 ? 84  PHE A CE2 1 
ATOM 648 C CZ  . PHE A 1 84  ? 2.760   -1.776  -8.383  1.00 17.44 ? 84  PHE A CZ  1 
ATOM 649 N N   . ARG A 1 85  ? -2.543  1.391   -12.151 1.00 18.95 ? 85  ARG A N   1 
ATOM 650 C CA  . ARG A 1 85  ? -3.712  2.176   -12.535 1.00 21.17 ? 85  ARG A CA  1 
ATOM 651 C C   . ARG A 1 85  ? -4.742  1.349   -13.305 1.00 23.01 ? 85  ARG A C   1 
ATOM 652 O O   . ARG A 1 85  ? -5.930  1.363   -12.982 1.00 23.45 ? 85  ARG A O   1 
ATOM 653 C CB  . ARG A 1 85  ? -3.292  3.367   -13.395 1.00 20.05 ? 85  ARG A CB  1 
ATOM 654 C CG  . ARG A 1 85  ? -2.458  4.415   -12.685 1.00 20.38 ? 85  ARG A CG  1 
ATOM 655 C CD  . ARG A 1 85  ? -1.997  5.480   -13.681 1.00 20.79 ? 85  ARG A CD  1 
ATOM 656 N NE  . ARG A 1 85  ? -1.149  6.499   -13.063 1.00 21.00 ? 85  ARG A NE  1 
ATOM 657 C CZ  . ARG A 1 85  ? -1.608  7.523   -12.349 1.00 21.91 ? 85  ARG A CZ  1 
ATOM 658 N NH1 . ARG A 1 85  ? -2.912  7.674   -12.161 1.00 22.70 ? 85  ARG A NH1 1 
ATOM 659 N NH2 . ARG A 1 85  ? -0.760  8.393   -11.817 1.00 22.18 ? 85  ARG A NH2 1 
ATOM 660 N N   . LYS A 1 86  ? -4.287  0.622   -14.318 1.00 25.83 ? 86  LYS A N   1 
ATOM 661 C CA  . LYS A 1 86  ? -5.195  -0.167  -15.145 1.00 28.42 ? 86  LYS A CA  1 
ATOM 662 C C   . LYS A 1 86  ? -5.749  -1.453  -14.539 1.00 29.56 ? 86  LYS A C   1 
ATOM 663 O O   . LYS A 1 86  ? -6.914  -1.789  -14.754 1.00 30.70 ? 86  LYS A O   1 
ATOM 664 C CB  . LYS A 1 86  ? -4.533  -0.499  -16.486 1.00 30.56 ? 86  LYS A CB  1 
ATOM 665 C CG  . LYS A 1 86  ? -3.212  -1.242  -16.381 1.00 33.28 ? 86  LYS A CG  1 
ATOM 666 C CD  . LYS A 1 86  ? -2.936  -2.104  -17.622 1.00 35.97 ? 86  LYS A CD  1 
ATOM 667 C CE  . LYS A 1 86  ? -3.206  -1.354  -18.923 1.00 36.68 ? 86  LYS A CE  1 
ATOM 668 N NZ  . LYS A 1 86  ? -2.473  -0.061  -19.007 1.00 39.19 ? 86  LYS A NZ  1 
ATOM 669 N N   . ASN A 1 87  ? -4.932  -2.168  -13.775 1.00 29.28 ? 87  ASN A N   1 
ATOM 670 C CA  . ASN A 1 87  ? -5.370  -3.433  -13.192 1.00 30.03 ? 87  ASN A CA  1 
ATOM 671 C C   . ASN A 1 87  ? -5.981  -3.362  -11.797 1.00 29.27 ? 87  ASN A C   1 
ATOM 672 O O   . ASN A 1 87  ? -6.938  -4.077  -11.498 1.00 29.32 ? 87  ASN A O   1 
ATOM 673 C CB  . ASN A 1 87  ? -4.200  -4.419  -13.177 1.00 31.95 ? 87  ASN A CB  1 
ATOM 674 C CG  . ASN A 1 87  ? -3.727  -4.782  -14.569 1.00 34.05 ? 87  ASN A CG  1 
ATOM 675 O OD1 . ASN A 1 87  ? -2.585  -5.199  -14.759 1.00 35.26 ? 87  ASN A OD1 1 
ATOM 676 N ND2 . ASN A 1 87  ? -4.609  -4.637  -15.551 1.00 35.27 ? 87  ASN A ND2 1 
ATOM 677 N N   . LEU A 1 88  ? -5.441  -2.503  -10.943 1.00 28.56 ? 88  LEU A N   1 
ATOM 678 C CA  . LEU A 1 88  ? -5.933  -2.393  -9.574  1.00 27.60 ? 88  LEU A CA  1 
ATOM 679 C C   . LEU A 1 88  ? -6.736  -1.129  -9.299  1.00 27.30 ? 88  LEU A C   1 
ATOM 680 O O   . LEU A 1 88  ? -7.306  -0.973  -8.223  1.00 28.16 ? 88  LEU A O   1 
ATOM 681 C CB  . LEU A 1 88  ? -4.757  -2.456  -8.599  1.00 27.98 ? 88  LEU A CB  1 
ATOM 682 C CG  . LEU A 1 88  ? -3.859  -3.692  -8.657  1.00 28.50 ? 88  LEU A CG  1 
ATOM 683 C CD1 . LEU A 1 88  ? -2.694  -3.493  -7.707  1.00 28.98 ? 88  LEU A CD1 1 
ATOM 684 C CD2 . LEU A 1 88  ? -4.649  -4.937  -8.286  1.00 28.72 ? 88  LEU A CD2 1 
ATOM 685 N N   . LYS A 1 89  ? -6.776  -0.229  -10.270 1.00 27.10 ? 89  LYS A N   1 
ATOM 686 C CA  . LYS A 1 89  ? -7.500  1.026   -10.120 1.00 27.16 ? 89  LYS A CA  1 
ATOM 687 C C   . LYS A 1 89  ? -6.936  1.873   -8.977  1.00 26.38 ? 89  LYS A C   1 
ATOM 688 O O   . LYS A 1 89  ? -7.673  2.583   -8.296  1.00 26.17 ? 89  LYS A O   1 
ATOM 689 C CB  . LYS A 1 89  ? -8.997  0.763   -9.902  1.00 29.14 ? 89  LYS A CB  1 
ATOM 690 C CG  . LYS A 1 89  ? -9.625  -0.060  -11.021 1.00 31.83 ? 89  LYS A CG  1 
ATOM 691 C CD  . LYS A 1 89  ? -11.055 0.365   -11.322 1.00 33.89 ? 89  LYS A CD  1 
ATOM 692 C CE  . LYS A 1 89  ? -11.559 -0.332  -12.585 1.00 35.70 ? 89  LYS A CE  1 
ATOM 693 N NZ  . LYS A 1 89  ? -12.794 0.288   -13.159 1.00 36.83 ? 89  LYS A NZ  1 
ATOM 694 N N   . VAL A 1 90  ? -5.629  1.773   -8.759  1.00 25.17 ? 90  VAL A N   1 
ATOM 695 C CA  . VAL A 1 90  ? -4.963  2.575   -7.733  1.00 24.22 ? 90  VAL A CA  1 
ATOM 696 C C   . VAL A 1 90  ? -4.494  3.781   -8.523  1.00 24.57 ? 90  VAL A C   1 
ATOM 697 O O   . VAL A 1 90  ? -3.624  3.662   -9.380  1.00 24.37 ? 90  VAL A O   1 
ATOM 698 C CB  . VAL A 1 90  ? -3.743  1.846   -7.128  1.00 23.96 ? 90  VAL A CB  1 
ATOM 699 C CG1 . VAL A 1 90  ? -2.944  2.804   -6.253  1.00 24.72 ? 90  VAL A CG1 1 
ATOM 700 C CG2 . VAL A 1 90  ? -4.208  0.661   -6.296  1.00 24.98 ? 90  VAL A CG2 1 
ATOM 701 N N   . THR A 1 91  ? -5.071  4.943   -8.237  1.00 23.61 ? 91  THR A N   1 
ATOM 702 C CA  . THR A 1 91  ? -4.728  6.140   -8.993  1.00 24.70 ? 91  THR A CA  1 
ATOM 703 C C   . THR A 1 91  ? -4.011  7.236   -8.228  1.00 23.50 ? 91  THR A C   1 
ATOM 704 O O   . THR A 1 91  ? -3.837  8.342   -8.736  1.00 25.12 ? 91  THR A O   1 
ATOM 705 C CB  . THR A 1 91  ? -5.992  6.732   -9.628  1.00 24.60 ? 91  THR A CB  1 
ATOM 706 O OG1 . THR A 1 91  ? -6.921  7.079   -8.597  1.00 26.05 ? 91  THR A OG1 1 
ATOM 707 C CG2 . THR A 1 91  ? -6.642  5.714   -10.546 1.00 26.73 ? 91  THR A CG2 1 
ATOM 708 N N   . ALA A 1 92  ? -3.593  6.936   -7.007  1.00 21.78 ? 92  ALA A N   1 
ATOM 709 C CA  . ALA A 1 92  ? -2.884  7.916   -6.205  1.00 20.13 ? 92  ALA A CA  1 
ATOM 710 C C   . ALA A 1 92  ? -2.058  7.213   -5.151  1.00 18.68 ? 92  ALA A C   1 
ATOM 711 O O   . ALA A 1 92  ? -2.395  6.112   -4.723  1.00 17.78 ? 92  ALA A O   1 
ATOM 712 C CB  . ALA A 1 92  ? -3.870  8.854   -5.531  1.00 22.47 ? 92  ALA A CB  1 
ATOM 713 N N   . VAL A 1 93  ? -0.959  7.843   -4.755  1.00 16.99 ? 93  VAL A N   1 
ATOM 714 C CA  . VAL A 1 93  ? -0.122  7.297   -3.691  1.00 15.68 ? 93  VAL A CA  1 
ATOM 715 C C   . VAL A 1 93  ? 0.074   8.433   -2.700  1.00 15.33 ? 93  VAL A C   1 
ATOM 716 O O   . VAL A 1 93  ? 0.203   9.596   -3.092  1.00 15.57 ? 93  VAL A O   1 
ATOM 717 C CB  . VAL A 1 93  ? 1.259   6.786   -4.206  1.00 16.71 ? 93  VAL A CB  1 
ATOM 718 C CG1 . VAL A 1 93  ? 1.065   5.548   -5.061  1.00 16.64 ? 93  VAL A CG1 1 
ATOM 719 C CG2 . VAL A 1 93  ? 1.970   7.864   -4.983  1.00 17.32 ? 93  VAL A CG2 1 
ATOM 720 N N   . PRO A 1 94  ? 0.056   8.124   -1.399  1.00 14.29 ? 94  PRO A N   1 
ATOM 721 C CA  . PRO A 1 94  ? -0.138  6.779   -0.848  1.00 14.08 ? 94  PRO A CA  1 
ATOM 722 C C   . PRO A 1 94  ? -1.591  6.308   -0.896  1.00 14.40 ? 94  PRO A C   1 
ATOM 723 O O   . PRO A 1 94  ? -2.523  7.120   -0.906  1.00 13.98 ? 94  PRO A O   1 
ATOM 724 C CB  . PRO A 1 94  ? 0.343   6.936   0.590   1.00 13.89 ? 94  PRO A CB  1 
ATOM 725 C CG  . PRO A 1 94  ? -0.154  8.323   0.927   1.00 15.08 ? 94  PRO A CG  1 
ATOM 726 C CD  . PRO A 1 94  ? 0.182   9.127   -0.325  1.00 14.25 ? 94  PRO A CD  1 
ATOM 727 N N   . THR A 1 95  ? -1.768  4.993   -0.949  1.00 13.17 ? 95  THR A N   1 
ATOM 728 C CA  . THR A 1 95  ? -3.094  4.388   -0.907  1.00 15.01 ? 95  THR A CA  1 
ATOM 729 C C   . THR A 1 95  ? -2.981  3.174   0.002   1.00 16.01 ? 95  THR A C   1 
ATOM 730 O O   . THR A 1 95  ? -2.017  2.413   -0.094  1.00 16.43 ? 95  THR A O   1 
ATOM 731 C CB  . THR A 1 95  ? -3.589  3.919   -2.299  1.00 15.70 ? 95  THR A CB  1 
ATOM 732 O OG1 . THR A 1 95  ? -4.002  5.054   -3.070  1.00 15.91 ? 95  THR A OG1 1 
ATOM 733 C CG2 . THR A 1 95  ? -4.778  2.965   -2.158  1.00 16.53 ? 95  THR A CG2 1 
ATOM 734 N N   . LEU A 1 96  ? -3.941  3.028   0.909   1.00 16.90 ? 96  LEU A N   1 
ATOM 735 C CA  . LEU A 1 96  ? -3.986  1.885   1.815   1.00 18.45 ? 96  LEU A CA  1 
ATOM 736 C C   . LEU A 1 96  ? -5.280  1.180   1.434   1.00 19.57 ? 96  LEU A C   1 
ATOM 737 O O   . LEU A 1 96  ? -6.377  1.725   1.599   1.00 18.64 ? 96  LEU A O   1 
ATOM 738 C CB  . LEU A 1 96  ? -4.023  2.333   3.275   1.00 18.87 ? 96  LEU A CB  1 
ATOM 739 C CG  . LEU A 1 96  ? -4.020  1.191   4.311   1.00 19.19 ? 96  LEU A CG  1 
ATOM 740 C CD1 . LEU A 1 96  ? -2.802  0.295   4.115   1.00 19.32 ? 96  LEU A CD1 1 
ATOM 741 C CD2 . LEU A 1 96  ? -4.030  1.779   5.719   1.00 20.45 ? 96  LEU A CD2 1 
ATOM 742 N N   . LEU A 1 97  ? -5.140  -0.036  0.922   1.00 21.31 ? 97  LEU A N   1 
ATOM 743 C CA  . LEU A 1 97  ? -6.271  -0.809  0.438   1.00 23.20 ? 97  LEU A CA  1 
ATOM 744 C C   . LEU A 1 97  ? -6.492  -2.153  1.105   1.00 25.00 ? 97  LEU A C   1 
ATOM 745 O O   . LEU A 1 97  ? -5.543  -2.856  1.440   1.00 24.30 ? 97  LEU A O   1 
ATOM 746 C CB  . LEU A 1 97  ? -6.089  -1.042  -1.064  1.00 25.27 ? 97  LEU A CB  1 
ATOM 747 C CG  . LEU A 1 97  ? -6.875  -2.164  -1.745  1.00 26.23 ? 97  LEU A CG  1 
ATOM 748 C CD1 . LEU A 1 97  ? -8.334  -1.747  -1.895  1.00 28.29 ? 97  LEU A CD1 1 
ATOM 749 C CD2 . LEU A 1 97  ? -6.261  -2.459  -3.106  1.00 27.92 ? 97  LEU A CD2 1 
ATOM 750 N N   . LYS A 1 98  ? -7.760  -2.500  1.300   1.00 26.20 ? 98  LYS A N   1 
ATOM 751 C CA  . LYS A 1 98  ? -8.104  -3.806  1.844   1.00 28.03 ? 98  LYS A CA  1 
ATOM 752 C C   . LYS A 1 98  ? -8.419  -4.529  0.538   1.00 28.42 ? 98  LYS A C   1 
ATOM 753 O O   . LYS A 1 98  ? -9.481  -4.333  -0.053  1.00 28.63 ? 98  LYS A O   1 
ATOM 754 C CB  . LYS A 1 98  ? -9.342  -3.727  2.737   1.00 29.58 ? 98  LYS A CB  1 
ATOM 755 C CG  . LYS A 1 98  ? -9.620  -5.021  3.487   1.00 32.16 ? 98  LYS A CG  1 
ATOM 756 C CD  . LYS A 1 98  ? -10.787 -4.875  4.450   1.00 34.85 ? 98  LYS A CD  1 
ATOM 757 C CE  . LYS A 1 98  ? -11.023 -6.165  5.219   1.00 36.11 ? 98  LYS A CE  1 
ATOM 758 N NZ  . LYS A 1 98  ? -12.149 -6.041  6.184   1.00 36.94 ? 98  LYS A NZ  1 
ATOM 759 N N   . TYR A 1 99  ? -7.467  -5.331  0.078   1.00 29.00 ? 99  TYR A N   1 
ATOM 760 C CA  . TYR A 1 99  ? -7.583  -6.053  -1.186  1.00 30.86 ? 99  TYR A CA  1 
ATOM 761 C C   . TYR A 1 99  ? -8.876  -6.834  -1.389  1.00 31.64 ? 99  TYR A C   1 
ATOM 762 O O   . TYR A 1 99  ? -9.321  -7.566  -0.507  1.00 30.76 ? 99  TYR A O   1 
ATOM 763 C CB  . TYR A 1 99  ? -6.397  -6.999  -1.347  1.00 31.02 ? 99  TYR A CB  1 
ATOM 764 C CG  . TYR A 1 99  ? -6.201  -7.470  -2.765  1.00 32.22 ? 99  TYR A CG  1 
ATOM 765 C CD1 . TYR A 1 99  ? -5.726  -6.600  -3.747  1.00 32.14 ? 99  TYR A CD1 1 
ATOM 766 C CD2 . TYR A 1 99  ? -6.498  -8.782  -3.132  1.00 32.30 ? 99  TYR A CD2 1 
ATOM 767 C CE1 . TYR A 1 99  ? -5.550  -7.027  -5.062  1.00 33.15 ? 99  TYR A CE1 1 
ATOM 768 C CE2 . TYR A 1 99  ? -6.327  -9.217  -4.441  1.00 32.85 ? 99  TYR A CE2 1 
ATOM 769 C CZ  . TYR A 1 99  ? -5.853  -8.336  -5.399  1.00 32.76 ? 99  TYR A CZ  1 
ATOM 770 O OH  . TYR A 1 99  ? -5.674  -8.765  -6.691  1.00 33.84 ? 99  TYR A OH  1 
ATOM 771 N N   . GLY A 1 100 ? -9.467  -6.672  -2.569  1.00 33.11 ? 100 GLY A N   1 
ATOM 772 C CA  . GLY A 1 100 ? -10.698 -7.370  -2.896  1.00 34.96 ? 100 GLY A CA  1 
ATOM 773 C C   . GLY A 1 100 ? -11.957 -6.705  -2.374  1.00 36.17 ? 100 GLY A C   1 
ATOM 774 O O   . GLY A 1 100 ? -13.066 -7.150  -2.671  1.00 36.92 ? 100 GLY A O   1 
ATOM 775 N N   . THR A 1 101 ? -11.795 -5.643  -1.594  1.00 37.33 ? 101 THR A N   1 
ATOM 776 C CA  . THR A 1 101 ? -12.938 -4.933  -1.035  1.00 38.37 ? 101 THR A CA  1 
ATOM 777 C C   . THR A 1 101 ? -12.920 -3.465  -1.453  1.00 39.23 ? 101 THR A C   1 
ATOM 778 O O   . THR A 1 101 ? -11.993 -3.012  -2.131  1.00 39.87 ? 101 THR A O   1 
ATOM 779 C CB  . THR A 1 101 ? -12.937 -5.004  0.503   1.00 38.77 ? 101 THR A CB  1 
ATOM 780 O OG1 . THR A 1 101 ? -11.881 -4.187  1.023   1.00 39.45 ? 101 THR A OG1 1 
ATOM 781 C CG2 . THR A 1 101 ? -12.739 -6.436  0.968   1.00 39.56 ? 101 THR A CG2 1 
ATOM 782 N N   . PRO A 1 102 ? -13.957 -2.704  -1.071  1.00 39.33 ? 102 PRO A N   1 
ATOM 783 C CA  . PRO A 1 102 ? -13.993 -1.287  -1.437  1.00 39.46 ? 102 PRO A CA  1 
ATOM 784 C C   . PRO A 1 102 ? -13.220 -0.409  -0.454  1.00 38.49 ? 102 PRO A C   1 
ATOM 785 O O   . PRO A 1 102 ? -12.779 0.680   -0.811  1.00 39.55 ? 102 PRO A O   1 
ATOM 786 C CB  . PRO A 1 102 ? -15.485 -0.977  -1.436  1.00 39.83 ? 102 PRO A CB  1 
ATOM 787 C CG  . PRO A 1 102 ? -15.973 -1.810  -0.295  1.00 40.35 ? 102 PRO A CG  1 
ATOM 788 C CD  . PRO A 1 102 ? -15.262 -3.133  -0.533  1.00 40.04 ? 102 PRO A CD  1 
ATOM 789 N N   . GLN A 1 103 ? -13.059 -0.885  0.779   1.00 36.65 ? 103 GLN A N   1 
ATOM 790 C CA  . GLN A 1 103 ? -12.348 -0.122  1.798   1.00 34.74 ? 103 GLN A CA  1 
ATOM 791 C C   . GLN A 1 103 ? -10.939 0.284   1.372   1.00 32.84 ? 103 GLN A C   1 
ATOM 792 O O   . GLN A 1 103 ? -10.072 -0.563  1.161   1.00 31.32 ? 103 GLN A O   1 
ATOM 793 C CB  . GLN A 1 103 ? -12.276 -0.909  3.112   1.00 36.44 ? 103 GLN A CB  1 
ATOM 794 C CG  . GLN A 1 103 ? -13.626 -1.166  3.773   1.00 38.97 ? 103 GLN A CG  1 
ATOM 795 C CD  . GLN A 1 103 ? -14.276 -2.450  3.304   1.00 40.86 ? 103 GLN A CD  1 
ATOM 796 O OE1 . GLN A 1 103 ? -13.796 -3.546  3.602   1.00 42.80 ? 103 GLN A OE1 1 
ATOM 797 N NE2 . GLN A 1 103 ? -15.373 -2.325  2.562   1.00 42.19 ? 103 GLN A NE2 1 
ATOM 798 N N   . LYS A 1 104 ? -10.724 1.591   1.240   1.00 29.92 ? 104 LYS A N   1 
ATOM 799 C CA  . LYS A 1 104 ? -9.421  2.123   0.858   1.00 27.44 ? 104 LYS A CA  1 
ATOM 800 C C   . LYS A 1 104 ? -9.275  3.554   1.361   1.00 24.97 ? 104 LYS A C   1 
ATOM 801 O O   . LYS A 1 104 ? -10.257 4.289   1.451   1.00 24.67 ? 104 LYS A O   1 
ATOM 802 C CB  . LYS A 1 104 ? -9.245  2.097   -0.664  1.00 29.79 ? 104 LYS A CB  1 
ATOM 803 C CG  . LYS A 1 104 ? -10.229 2.964   -1.426  1.00 33.73 ? 104 LYS A CG  1 
ATOM 804 C CD  . LYS A 1 104 ? -10.069 2.811   -2.936  1.00 35.23 ? 104 LYS A CD  1 
ATOM 805 C CE  . LYS A 1 104 ? -8.737  3.353   -3.432  1.00 36.78 ? 104 LYS A CE  1 
ATOM 806 N NZ  . LYS A 1 104 ? -8.615  3.214   -4.920  1.00 38.26 ? 104 LYS A NZ  1 
ATOM 807 N N   . LEU A 1 105 ? -8.049  3.932   1.702   1.00 20.78 ? 105 LEU A N   1 
ATOM 808 C CA  . LEU A 1 105 ? -7.752  5.274   2.180   1.00 18.73 ? 105 LEU A CA  1 
ATOM 809 C C   . LEU A 1 105 ? -6.763  5.867   1.189   1.00 17.13 ? 105 LEU A C   1 
ATOM 810 O O   . LEU A 1 105 ? -5.844  5.181   0.746   1.00 17.41 ? 105 LEU A O   1 
ATOM 811 C CB  . LEU A 1 105 ? -7.124  5.221   3.571   1.00 18.21 ? 105 LEU A CB  1 
ATOM 812 C CG  . LEU A 1 105 ? -8.005  4.636   4.676   1.00 18.68 ? 105 LEU A CG  1 
ATOM 813 C CD1 . LEU A 1 105 ? -7.186  4.533   5.954   1.00 20.13 ? 105 LEU A CD1 1 
ATOM 814 C CD2 . LEU A 1 105 ? -9.243  5.509   4.886   1.00 20.12 ? 105 LEU A CD2 1 
ATOM 815 N N   . VAL A 1 106 ? -6.940  7.134   0.840   1.00 16.36 ? 106 VAL A N   1 
ATOM 816 C CA  . VAL A 1 106 ? -6.043  7.746   -0.128  1.00 17.40 ? 106 VAL A CA  1 
ATOM 817 C C   . VAL A 1 106 ? -5.470  9.075   0.329   1.00 17.54 ? 106 VAL A C   1 
ATOM 818 O O   . VAL A 1 106 ? -6.140  9.865   0.988   1.00 16.60 ? 106 VAL A O   1 
ATOM 819 C CB  . VAL A 1 106 ? -6.764  7.961   -1.480  1.00 18.95 ? 106 VAL A CB  1 
ATOM 820 C CG1 . VAL A 1 106 ? -5.807  8.560   -2.494  1.00 21.59 ? 106 VAL A CG1 1 
ATOM 821 C CG2 . VAL A 1 106 ? -7.310  6.639   -1.994  1.00 20.55 ? 106 VAL A CG2 1 
ATOM 822 N N   . GLU A 1 107 ? -4.215  9.301   -0.040  1.00 17.20 ? 107 GLU A N   1 
ATOM 823 C CA  . GLU A 1 107 ? -3.509  10.526  0.271   1.00 17.83 ? 107 GLU A CA  1 
ATOM 824 C C   . GLU A 1 107 ? -3.626  10.972  1.726   1.00 18.16 ? 107 GLU A C   1 
ATOM 825 O O   . GLU A 1 107 ? -3.197  10.247  2.621   1.00 18.64 ? 107 GLU A O   1 
ATOM 826 C CB  . GLU A 1 107 ? -3.963  11.616  -0.708  1.00 20.34 ? 107 GLU A CB  1 
ATOM 827 C CG  . GLU A 1 107 ? -3.708  11.191  -2.158  1.00 24.45 ? 107 GLU A CG  1 
ATOM 828 C CD  . GLU A 1 107 ? -4.137  12.207  -3.198  1.00 28.13 ? 107 GLU A CD  1 
ATOM 829 O OE1 . GLU A 1 107 ? -5.328  12.574  -3.229  1.00 30.61 ? 107 GLU A OE1 1 
ATOM 830 O OE2 . GLU A 1 107 ? -3.280  12.626  -4.000  1.00 29.32 ? 107 GLU A OE2 1 
ATOM 831 N N   . SER A 1 108 ? -4.198  12.146  1.980   1.00 17.03 ? 108 SER A N   1 
ATOM 832 C CA  . SER A 1 108 ? -4.287  12.633  3.352   1.00 16.52 ? 108 SER A CA  1 
ATOM 833 C C   . SER A 1 108 ? -5.084  11.754  4.307   1.00 16.65 ? 108 SER A C   1 
ATOM 834 O O   . SER A 1 108 ? -4.948  11.878  5.519   1.00 17.04 ? 108 SER A O   1 
ATOM 835 C CB  . SER A 1 108 ? -4.832  14.061  3.370   1.00 18.45 ? 108 SER A CB  1 
ATOM 836 O OG  . SER A 1 108 ? -3.914  14.924  2.722   1.00 19.70 ? 108 SER A OG  1 
ATOM 837 N N   . GLU A 1 109 ? -5.915  10.869  3.771   1.00 16.45 ? 109 GLU A N   1 
ATOM 838 C CA  . GLU A 1 109 ? -6.675  9.968   4.626   1.00 16.83 ? 109 GLU A CA  1 
ATOM 839 C C   . GLU A 1 109 ? -5.719  9.036   5.369   1.00 17.17 ? 109 GLU A C   1 
ATOM 840 O O   . GLU A 1 109 ? -6.017  8.566   6.464   1.00 17.41 ? 109 GLU A O   1 
ATOM 841 C CB  . GLU A 1 109 ? -7.645  9.139   3.789   1.00 16.91 ? 109 GLU A CB  1 
ATOM 842 C CG  . GLU A 1 109 ? -8.900  9.889   3.376   1.00 19.68 ? 109 GLU A CG  1 
ATOM 843 C CD  . GLU A 1 109 ? -9.799  9.073   2.464   1.00 22.16 ? 109 GLU A CD  1 
ATOM 844 O OE1 . GLU A 1 109 ? -11.016 9.361   2.420   1.00 23.67 ? 109 GLU A OE1 1 
ATOM 845 O OE2 . GLU A 1 109 ? -9.293  8.155   1.782   1.00 20.49 ? 109 GLU A OE2 1 
ATOM 846 N N   . CYS A 1 110 ? -4.568  8.770   4.758   1.00 17.22 ? 110 CYS A N   1 
ATOM 847 C CA  . CYS A 1 110 ? -3.572  7.886   5.356   1.00 16.93 ? 110 CYS A CA  1 
ATOM 848 C C   . CYS A 1 110 ? -2.832  8.513   6.535   1.00 18.01 ? 110 CYS A C   1 
ATOM 849 O O   . CYS A 1 110 ? -2.075  7.837   7.225   1.00 17.57 ? 110 CYS A O   1 
ATOM 850 C CB  . CYS A 1 110 ? -2.561  7.447   4.297   1.00 17.53 ? 110 CYS A CB  1 
ATOM 851 S SG  . CYS A 1 110 ? -3.242  6.402   2.988   1.00 18.79 ? 110 CYS A SG  1 
ATOM 852 N N   . LEU A 1 111 ? -3.055  9.804   6.763   1.00 18.13 ? 111 LEU A N   1 
ATOM 853 C CA  . LEU A 1 111 ? -2.408  10.523  7.859   1.00 19.77 ? 111 LEU A CA  1 
ATOM 854 C C   . LEU A 1 111 ? -3.297  10.594  9.096   1.00 21.29 ? 111 LEU A C   1 
ATOM 855 O O   . LEU A 1 111 ? -2.869  11.075  10.146  1.00 21.86 ? 111 LEU A O   1 
ATOM 856 C CB  . LEU A 1 111 ? -2.073  11.949  7.420   1.00 20.93 ? 111 LEU A CB  1 
ATOM 857 C CG  . LEU A 1 111 ? -1.063  12.091  6.289   1.00 21.22 ? 111 LEU A CG  1 
ATOM 858 C CD1 . LEU A 1 111 ? -1.109  13.499  5.722   1.00 23.77 ? 111 LEU A CD1 1 
ATOM 859 C CD2 . LEU A 1 111 ? 0.317   11.757  6.825   1.00 23.58 ? 111 LEU A CD2 1 
ATOM 860 N N   . GLN A 1 112 ? -4.531  10.119  8.971   1.00 21.30 ? 112 GLN A N   1 
ATOM 861 C CA  . GLN A 1 112 ? -5.484  10.161  10.078  1.00 22.84 ? 112 GLN A CA  1 
ATOM 862 C C   . GLN A 1 112 ? -5.533  8.810   10.784  1.00 23.24 ? 112 GLN A C   1 
ATOM 863 O O   . GLN A 1 112 ? -6.053  7.840   10.247  1.00 22.85 ? 112 GLN A O   1 
ATOM 864 C CB  . GLN A 1 112 ? -6.871  10.538  9.548   1.00 23.67 ? 112 GLN A CB  1 
ATOM 865 C CG  . GLN A 1 112 ? -6.841  11.587  8.431   1.00 25.18 ? 112 GLN A CG  1 
ATOM 866 C CD  . GLN A 1 112 ? -6.324  12.944  8.883   1.00 26.47 ? 112 GLN A CD  1 
ATOM 867 O OE1 . GLN A 1 112 ? -5.791  13.718  8.080   1.00 28.45 ? 112 GLN A OE1 1 
ATOM 868 N NE2 . GLN A 1 112 ? -6.497  13.251  10.162  1.00 26.50 ? 112 GLN A NE2 1 
ATOM 869 N N   . ALA A 1 113 ? -4.986  8.758   11.994  1.00 24.60 ? 113 ALA A N   1 
ATOM 870 C CA  . ALA A 1 113 ? -4.942  7.520   12.768  1.00 25.54 ? 113 ALA A CA  1 
ATOM 871 C C   . ALA A 1 113 ? -6.302  6.847   12.927  1.00 26.59 ? 113 ALA A C   1 
ATOM 872 O O   . ALA A 1 113 ? -6.408  5.622   12.847  1.00 26.95 ? 113 ALA A O   1 
ATOM 873 C CB  . ALA A 1 113 ? -4.333  7.791   14.136  1.00 26.49 ? 113 ALA A CB  1 
ATOM 874 N N   . ASN A 1 114 ? -7.336  7.643   13.159  1.00 27.58 ? 114 ASN A N   1 
ATOM 875 C CA  . ASN A 1 114 ? -8.685  7.110   13.329  1.00 28.65 ? 114 ASN A CA  1 
ATOM 876 C C   . ASN A 1 114 ? -9.134  6.301   12.113  1.00 27.89 ? 114 ASN A C   1 
ATOM 877 O O   . ASN A 1 114 ? -9.641  5.187   12.253  1.00 27.20 ? 114 ASN A O   1 
ATOM 878 C CB  . ASN A 1 114 ? -9.667  8.257   13.594  1.00 31.45 ? 114 ASN A CB  1 
ATOM 879 C CG  . ASN A 1 114 ? -9.217  9.567   12.963  1.00 34.01 ? 114 ASN A CG  1 
ATOM 880 O OD1 . ASN A 1 114 ? -8.197  10.144  13.355  1.00 36.93 ? 114 ASN A OD1 1 
ATOM 881 N ND2 . ASN A 1 114 ? -9.973  10.040  11.982  1.00 35.83 ? 114 ASN A ND2 1 
ATOM 882 N N   . LEU A 1 115 ? -8.944  6.860   10.921  1.00 27.02 ? 115 LEU A N   1 
ATOM 883 C CA  . LEU A 1 115 ? -9.328  6.177   9.691   1.00 26.72 ? 115 LEU A CA  1 
ATOM 884 C C   . LEU A 1 115 ? -8.500  4.915   9.478   1.00 26.42 ? 115 LEU A C   1 
ATOM 885 O O   . LEU A 1 115 ? -9.028  3.870   9.091   1.00 26.12 ? 115 LEU A O   1 
ATOM 886 C CB  . LEU A 1 115 ? -9.167  7.122   8.493   1.00 27.44 ? 115 LEU A CB  1 
ATOM 887 C CG  . LEU A 1 115 ? -10.368 8.004   8.116   1.00 28.60 ? 115 LEU A CG  1 
ATOM 888 C CD1 . LEU A 1 115 ? -11.056 8.533   9.357   1.00 29.41 ? 115 LEU A CD1 1 
ATOM 889 C CD2 . LEU A 1 115 ? -9.903  9.138   7.220   1.00 26.38 ? 115 LEU A CD2 1 
ATOM 890 N N   . VAL A 1 116 ? -7.199  5.016   9.731   1.00 26.31 ? 116 VAL A N   1 
ATOM 891 C CA  . VAL A 1 116 ? -6.291  3.885   9.577   1.00 25.45 ? 116 VAL A CA  1 
ATOM 892 C C   . VAL A 1 116 ? -6.669  2.752   10.527  1.00 27.01 ? 116 VAL A C   1 
ATOM 893 O O   . VAL A 1 116 ? -6.708  1.585   10.139  1.00 25.76 ? 116 VAL A O   1 
ATOM 894 C CB  . VAL A 1 116 ? -4.836  4.313   9.851   1.00 25.21 ? 116 VAL A CB  1 
ATOM 895 C CG1 . VAL A 1 116 ? -3.932  3.102   9.898   1.00 25.13 ? 116 VAL A CG1 1 
ATOM 896 C CG2 . VAL A 1 116 ? -4.373  5.273   8.759   1.00 24.34 ? 116 VAL A CG2 1 
ATOM 897 N N   . GLU A 1 117 ? -6.946  3.103   11.776  1.00 28.51 ? 117 GLU A N   1 
ATOM 898 C CA  . GLU A 1 117 ? -7.327  2.110   12.773  1.00 31.34 ? 117 GLU A CA  1 
ATOM 899 C C   . GLU A 1 117 ? -8.613  1.396   12.371  1.00 31.74 ? 117 GLU A C   1 
ATOM 900 O O   . GLU A 1 117 ? -8.719  0.174   12.485  1.00 31.97 ? 117 GLU A O   1 
ATOM 901 C CB  . GLU A 1 117 ? -7.527  2.780   14.132  1.00 33.39 ? 117 GLU A CB  1 
ATOM 902 C CG  . GLU A 1 117 ? -6.244  3.220   14.815  1.00 36.77 ? 117 GLU A CG  1 
ATOM 903 C CD  . GLU A 1 117 ? -6.515  4.007   16.084  1.00 39.10 ? 117 GLU A CD  1 
ATOM 904 O OE1 . GLU A 1 117 ? -7.398  3.583   16.865  1.00 40.36 ? 117 GLU A OE1 1 
ATOM 905 O OE2 . GLU A 1 117 ? -5.846  5.040   16.303  1.00 40.27 ? 117 GLU A OE2 1 
ATOM 906 N N   . MET A 1 118 ? -9.585  2.165   11.896  1.00 32.38 ? 118 MET A N   1 
ATOM 907 C CA  . MET A 1 118 ? -10.873 1.615   11.495  1.00 33.33 ? 118 MET A CA  1 
ATOM 908 C C   . MET A 1 118 ? -10.753 0.649   10.320  1.00 33.27 ? 118 MET A C   1 
ATOM 909 O O   . MET A 1 118 ? -11.575 -0.251  10.165  1.00 32.85 ? 118 MET A O   1 
ATOM 910 C CB  . MET A 1 118 ? -11.832 2.752   11.143  1.00 35.61 ? 118 MET A CB  1 
ATOM 911 C CG  . MET A 1 118 ? -13.303 2.398   11.271  1.00 38.30 ? 118 MET A CG  1 
ATOM 912 S SD  . MET A 1 118 ? -14.344 3.875   11.304  1.00 42.73 ? 118 MET A SD  1 
ATOM 913 C CE  . MET A 1 118 ? -13.723 4.679   12.769  1.00 40.50 ? 118 MET A CE  1 
ATOM 914 N N   . LEU A 1 119 ? -9.730  0.833   9.490   1.00 32.80 ? 119 LEU A N   1 
ATOM 915 C CA  . LEU A 1 119 ? -9.530  -0.044  8.343   1.00 32.90 ? 119 LEU A CA  1 
ATOM 916 C C   . LEU A 1 119 ? -8.874  -1.350  8.783   1.00 33.20 ? 119 LEU A C   1 
ATOM 917 O O   . LEU A 1 119 ? -9.239  -2.426  8.312   1.00 33.20 ? 119 LEU A O   1 
ATOM 918 C CB  . LEU A 1 119 ? -8.664  0.644   7.282   1.00 32.79 ? 119 LEU A CB  1 
ATOM 919 C CG  . LEU A 1 119 ? -8.483  -0.135  5.974   1.00 33.54 ? 119 LEU A CG  1 
ATOM 920 C CD1 . LEU A 1 119 ? -9.828  -0.305  5.299   1.00 33.59 ? 119 LEU A CD1 1 
ATOM 921 C CD2 . LEU A 1 119 ? -7.525  0.601   5.052   1.00 33.81 ? 119 LEU A CD2 1 
ATOM 922 N N   . PHE A 1 120 ? -7.908  -1.252  9.692   1.00 33.79 ? 120 PHE A N   1 
ATOM 923 C CA  . PHE A 1 120 ? -7.210  -2.431  10.192  1.00 35.21 ? 120 PHE A CA  1 
ATOM 924 C C   . PHE A 1 120 ? -8.029  -3.212  11.216  1.00 37.54 ? 120 PHE A C   1 
ATOM 925 O O   . PHE A 1 120 ? -7.839  -4.418  11.373  1.00 37.53 ? 120 PHE A O   1 
ATOM 926 C CB  . PHE A 1 120 ? -5.870  -2.048  10.826  1.00 33.62 ? 120 PHE A CB  1 
ATOM 927 C CG  . PHE A 1 120 ? -4.794  -1.703  9.833   1.00 32.31 ? 120 PHE A CG  1 
ATOM 928 C CD1 . PHE A 1 120 ? -4.551  -2.521  8.734   1.00 32.03 ? 120 PHE A CD1 1 
ATOM 929 C CD2 . PHE A 1 120 ? -3.996  -0.580  10.018  1.00 31.90 ? 120 PHE A CD2 1 
ATOM 930 C CE1 . PHE A 1 120 ? -3.525  -2.225  7.835   1.00 31.86 ? 120 PHE A CE1 1 
ATOM 931 C CE2 . PHE A 1 120 ? -2.968  -0.277  9.124   1.00 30.63 ? 120 PHE A CE2 1 
ATOM 932 C CZ  . PHE A 1 120 ? -2.732  -1.100  8.033   1.00 30.40 ? 120 PHE A CZ  1 
ATOM 933 N N   . SER A 1 121 ? -8.920  -2.525  11.924  1.00 40.32 ? 121 SER A N   1 
ATOM 934 C CA  . SER A 1 121 ? -9.757  -3.180  12.925  1.00 43.32 ? 121 SER A CA  1 
ATOM 935 C C   . SER A 1 121 ? -10.461 -4.372  12.299  1.00 44.83 ? 121 SER A C   1 
ATOM 936 O O   . SER A 1 121 ? -9.938  -5.485  12.306  1.00 45.63 ? 121 SER A O   1 
ATOM 937 C CB  . SER A 1 121 ? -10.798 -2.204  13.482  1.00 43.50 ? 121 SER A CB  1 
ATOM 938 O OG  . SER A 1 121 ? -10.199 -1.259  14.351  1.00 44.45 ? 121 SER A OG  1 
ATOM 939 N N   . GLU A 1 122 ? -11.648 -4.132  11.753  1.00 46.66 ? 122 GLU A N   1 
ATOM 940 C CA  . GLU A 1 122 ? -12.415 -5.192  11.113  1.00 47.94 ? 122 GLU A CA  1 
ATOM 941 C C   . GLU A 1 122 ? -11.897 -5.393  9.693   1.00 48.41 ? 122 GLU A C   1 
ATOM 942 O O   . GLU A 1 122 ? -11.337 -6.476  9.414   1.00 48.72 ? 122 GLU A O   1 
ATOM 943 C CB  . GLU A 1 122 ? -13.899 -4.818  11.070  1.00 48.59 ? 122 GLU A CB  1 
ATOM 944 C CG  . GLU A 1 122 ? -14.798 -5.884  10.461  1.00 49.43 ? 122 GLU A CG  1 
ATOM 945 C CD  . GLU A 1 122 ? -14.965 -7.098  11.355  1.00 50.00 ? 122 GLU A CD  1 
ATOM 946 O OE1 . GLU A 1 122 ? -13.953 -7.767  11.661  1.00 50.00 ? 122 GLU A OE1 1 
ATOM 947 O OE2 . GLU A 1 122 ? -16.115 -7.382  11.752  1.00 50.00 ? 122 GLU A OE2 1 
# 
